data_7MJF
#
_entry.id   7MJF
#
_cell.length_a   101.101
_cell.length_b   132.881
_cell.length_c   155.062
_cell.angle_alpha   90.00
_cell.angle_beta   99.96
_cell.angle_gamma   90.00
#
_symmetry.space_group_name_H-M   'C 1 2 1'
#
loop_
_entity.id
_entity.type
_entity.pdbx_description
1 polymer '4-hydroxy-tetrahydrodipicolinate synthase'
2 non-polymer '(4R)-4-oxidanyl-2-oxidanylidene-heptanedioic acid'
3 non-polymer '(4S)-4-hydroxy-2-oxoheptanedioic acid'
4 water water
#
_entity_poly.entity_id   1
_entity_poly.type   'polypeptide(L)'
_entity_poly.pdbx_seq_one_letter_code
;MFQRSIPALITPFTKDNLIDEDSFVDHIEWQISEGSSGLVPAGTTGESSTLSYEEHCRVVELCVKTAAGRVPVMAGAGSN
NTKESIELAQYAQNTGADALLVVVPYYNKPNKKGLLAHFGSIANAVSLPIYIYNNPSRTVIEMDVDTMAELVKTYSNIVG
VKDATGRIELASGQRIACGSDFIQLSGDDSSALGFNVHGGVGCISVTANVAPRICAEFQKAISEGDYRQALEYQDKLFPL
HQALFIEPSISSVKYALSRLGRNVSLVVRAPMVSILEKETMFAIDQALDHIGLCAG
;
_entity_poly.pdbx_strand_id   A,B,C,D,E,F
#
loop_
_chem_comp.id
_chem_comp.type
_chem_comp.name
_chem_comp.formula
E8U non-polymer '(4R)-4-oxidanyl-2-oxidanylidene-heptanedioic acid' 'C7 H10 O6'
ZGM non-polymer '(4S)-4-hydroxy-2-oxoheptanedioic acid' 'C7 H10 O6'
#
# COMPACT_ATOMS: atom_id res chain seq x y z
N MET A 1 -1.47 19.98 51.89
N MET A 1 -2.32 18.33 52.59
CA MET A 1 -2.35 18.89 51.47
CA MET A 1 -1.55 19.03 51.58
C MET A 1 -1.88 18.22 50.17
C MET A 1 -1.53 18.26 50.27
N PHE A 2 -1.47 19.02 49.19
CA PHE A 2 -0.99 18.53 47.91
C PHE A 2 0.49 18.89 47.82
N GLN A 3 1.31 17.89 47.52
CA GLN A 3 2.74 18.10 47.41
C GLN A 3 3.33 16.92 46.67
N ARG A 4 4.54 17.09 46.18
CA ARG A 4 5.33 16.01 45.52
C ARG A 4 4.62 15.58 44.23
N SER A 5 4.60 14.29 43.89
CA SER A 5 4.21 13.87 42.55
C SER A 5 2.73 13.53 42.53
N ILE A 6 1.98 14.29 41.73
CA ILE A 6 0.53 14.16 41.61
C ILE A 6 0.17 13.92 40.15
N PRO A 7 -0.26 12.72 39.75
CA PRO A 7 -0.58 12.51 38.33
C PRO A 7 -1.90 13.19 37.95
N ALA A 8 -1.88 13.88 36.81
CA ALA A 8 -3.12 14.20 36.08
C ALA A 8 -3.54 12.92 35.36
N LEU A 9 -4.46 12.18 35.98
CA LEU A 9 -4.78 10.83 35.54
C LEU A 9 -5.38 10.79 34.14
N ILE A 10 -4.86 9.89 33.29
CA ILE A 10 -5.60 9.52 32.08
C ILE A 10 -6.97 8.95 32.47
N THR A 11 -7.88 8.99 31.50
CA THR A 11 -9.17 8.29 31.58
C THR A 11 -9.13 7.17 30.56
N PRO A 12 -8.94 5.92 30.97
CA PRO A 12 -8.93 4.83 30.00
C PRO A 12 -10.33 4.58 29.45
N PHE A 13 -10.40 4.15 28.19
CA PHE A 13 -11.66 3.77 27.56
C PHE A 13 -11.64 2.33 27.06
N THR A 14 -12.81 1.72 26.93
CA THR A 14 -12.91 0.38 26.37
C THR A 14 -12.87 0.40 24.84
N LYS A 15 -12.82 -0.79 24.26
CA LYS A 15 -12.93 -0.90 22.80
C LYS A 15 -14.24 -0.32 22.29
N ASP A 16 -15.29 -0.33 23.11
CA ASP A 16 -16.56 0.24 22.73
C ASP A 16 -16.70 1.71 23.14
N ASN A 17 -15.60 2.35 23.51
CA ASN A 17 -15.61 3.77 23.86
C ASN A 17 -16.44 4.08 25.11
N LEU A 18 -16.57 3.12 26.03
CA LEU A 18 -17.06 3.42 27.37
C LEU A 18 -15.87 3.66 28.29
N ILE A 19 -16.17 4.25 29.46
CA ILE A 19 -15.13 4.39 30.48
C ILE A 19 -14.74 3.02 30.99
N ASP A 20 -13.46 2.68 30.86
CA ASP A 20 -12.92 1.42 31.35
C ASP A 20 -12.73 1.55 32.86
N GLU A 21 -13.81 1.30 33.61
CA GLU A 21 -13.78 1.54 35.04
C GLU A 21 -12.77 0.63 35.74
N ASP A 22 -12.64 -0.61 35.28
CA ASP A 22 -11.69 -1.52 35.92
C ASP A 22 -10.27 -1.03 35.73
N SER A 23 -9.94 -0.60 34.52
CA SER A 23 -8.59 -0.13 34.25
C SER A 23 -8.31 1.17 35.01
N PHE A 24 -9.31 2.04 35.12
CA PHE A 24 -9.12 3.29 35.86
C PHE A 24 -8.80 2.99 37.33
N VAL A 25 -9.55 2.08 37.93
CA VAL A 25 -9.32 1.71 39.33
C VAL A 25 -7.92 1.13 39.50
N ASP A 26 -7.53 0.18 38.63
CA ASP A 26 -6.20 -0.43 38.74
C ASP A 26 -5.11 0.62 38.59
N HIS A 27 -5.30 1.58 37.68
CA HIS A 27 -4.34 2.66 37.48
C HIS A 27 -4.16 3.48 38.75
N ILE A 28 -5.28 3.83 39.40
CA ILE A 28 -5.19 4.62 40.62
C ILE A 28 -4.47 3.83 41.70
N GLU A 29 -4.87 2.57 41.90
CA GLU A 29 -4.26 1.74 42.93
C GLU A 29 -2.77 1.54 42.66
N TRP A 30 -2.40 1.36 41.38
CA TRP A 30 -0.98 1.27 41.03
C TRP A 30 -0.27 2.60 41.31
N GLN A 31 -0.88 3.74 40.95
CA GLN A 31 -0.26 5.03 41.20
C GLN A 31 0.06 5.23 42.68
N ILE A 32 -0.91 4.92 43.55
CA ILE A 32 -0.70 5.09 44.99
C ILE A 32 0.41 4.16 45.48
N SER A 33 0.34 2.89 45.11
CA SER A 33 1.34 1.95 45.60
C SER A 33 2.75 2.32 45.13
N GLU A 34 2.88 3.07 44.03
CA GLU A 34 4.18 3.46 43.52
C GLU A 34 4.68 4.79 44.09
N GLY A 35 3.87 5.51 44.88
CA GLY A 35 4.32 6.69 45.58
C GLY A 35 3.71 8.02 45.16
N SER A 36 2.79 8.05 44.19
CA SER A 36 2.09 9.30 43.92
C SER A 36 1.34 9.76 45.17
N SER A 37 1.29 11.06 45.37
CA SER A 37 0.86 11.66 46.62
C SER A 37 -0.54 12.24 46.59
N GLY A 38 -1.12 12.37 45.41
CA GLY A 38 -2.47 12.88 45.26
C GLY A 38 -2.88 12.52 43.86
N LEU A 39 -4.14 12.82 43.55
CA LEU A 39 -4.71 12.46 42.25
C LEU A 39 -5.52 13.62 41.68
N VAL A 40 -5.38 13.85 40.38
CA VAL A 40 -6.23 14.77 39.65
C VAL A 40 -7.00 13.98 38.61
N PRO A 41 -8.25 13.62 38.89
CA PRO A 41 -9.10 13.00 37.88
C PRO A 41 -9.83 14.04 37.04
N ALA A 42 -10.04 13.68 35.77
CA ALA A 42 -10.85 14.46 34.82
C ALA A 42 -10.24 15.82 34.58
N GLY A 43 -8.92 15.86 34.47
CA GLY A 43 -8.21 17.04 34.04
C GLY A 43 -7.96 16.98 32.54
N THR A 44 -6.96 17.74 32.11
CA THR A 44 -6.67 17.81 30.67
C THR A 44 -6.18 16.45 30.16
N THR A 45 -5.14 15.90 30.79
CA THR A 45 -4.66 14.56 30.48
C THR A 45 -5.77 13.52 30.66
N GLY A 46 -6.78 13.81 31.47
CA GLY A 46 -7.92 12.93 31.58
C GLY A 46 -8.97 13.11 30.50
N GLU A 47 -8.67 13.84 29.43
CA GLU A 47 -9.59 14.02 28.30
C GLU A 47 -10.93 14.57 28.75
N SER A 48 -10.89 15.42 29.77
CA SER A 48 -12.06 16.17 30.22
C SER A 48 -12.90 16.71 29.06
N SER A 49 -12.24 17.17 27.99
CA SER A 49 -12.93 17.85 26.91
C SER A 49 -13.88 16.93 26.16
N THR A 50 -13.57 15.63 26.11
CA THR A 50 -14.38 14.67 25.37
C THR A 50 -15.22 13.78 26.29
N LEU A 51 -15.33 14.12 27.57
CA LEU A 51 -16.22 13.42 28.48
C LEU A 51 -17.57 14.14 28.54
N SER A 52 -18.65 13.37 28.61
CA SER A 52 -19.94 13.96 28.95
C SER A 52 -19.91 14.45 30.40
N TYR A 53 -20.89 15.29 30.73
CA TYR A 53 -21.07 15.69 32.12
C TYR A 53 -21.10 14.47 33.03
N GLU A 54 -21.92 13.48 32.67
CA GLU A 54 -22.11 12.32 33.53
C GLU A 54 -20.88 11.43 33.57
N GLU A 55 -20.12 11.36 32.49
CA GLU A 55 -18.86 10.62 32.54
C GLU A 55 -17.86 11.34 33.42
N HIS A 56 -17.72 12.65 33.24
CA HIS A 56 -16.81 13.44 34.06
C HIS A 56 -17.08 13.18 35.54
N CYS A 57 -18.33 13.38 35.96
CA CYS A 57 -18.76 13.13 37.33
C CYS A 57 -18.38 11.72 37.77
N ARG A 58 -18.71 10.74 36.96
CA ARG A 58 -18.43 9.35 37.29
C ARG A 58 -16.94 9.13 37.49
N VAL A 59 -16.12 9.81 36.68
CA VAL A 59 -14.68 9.65 36.82
C VAL A 59 -14.19 10.25 38.13
N VAL A 60 -14.71 11.41 38.50
CA VAL A 60 -14.34 12.00 39.79
C VAL A 60 -14.85 11.12 40.92
N GLU A 61 -16.09 10.67 40.83
CA GLU A 61 -16.68 9.84 41.90
C GLU A 61 -15.88 8.55 42.09
N LEU A 62 -15.45 7.94 40.99
CA LEU A 62 -14.71 6.69 41.06
C LEU A 62 -13.34 6.90 41.66
N CYS A 63 -12.71 8.03 41.29
CA CYS A 63 -11.37 8.28 41.78
C CYS A 63 -11.41 8.53 43.28
N VAL A 64 -12.42 9.28 43.74
CA VAL A 64 -12.59 9.54 45.17
C VAL A 64 -12.80 8.24 45.93
N LYS A 65 -13.69 7.37 45.43
CA LYS A 65 -13.96 6.11 46.13
C LYS A 65 -12.75 5.20 46.12
N THR A 66 -11.99 5.17 45.03
CA THR A 66 -10.83 4.31 44.99
C THR A 66 -9.74 4.81 45.94
N ALA A 67 -9.50 6.12 45.99
CA ALA A 67 -8.42 6.65 46.82
C ALA A 67 -8.63 6.26 48.28
N ALA A 68 -9.88 6.25 48.73
CA ALA A 68 -10.25 5.77 50.07
C ALA A 68 -9.48 6.53 51.15
N GLY A 69 -9.30 7.83 50.96
CA GLY A 69 -8.62 8.65 51.94
C GLY A 69 -7.13 8.44 52.05
N ARG A 70 -6.54 7.55 51.25
CA ARG A 70 -5.10 7.31 51.34
C ARG A 70 -4.31 8.49 50.78
N VAL A 71 -4.80 9.10 49.71
CA VAL A 71 -4.20 10.31 49.14
C VAL A 71 -5.30 11.29 48.79
N PRO A 72 -5.01 12.59 48.81
CA PRO A 72 -6.04 13.57 48.47
C PRO A 72 -6.37 13.58 46.99
N VAL A 73 -7.60 14.03 46.70
CA VAL A 73 -8.15 14.02 45.35
C VAL A 73 -8.54 15.43 44.97
N MET A 74 -7.90 15.95 43.93
CA MET A 74 -8.18 17.28 43.39
C MET A 74 -8.95 17.09 42.08
N ALA A 75 -10.26 17.30 42.11
CA ALA A 75 -11.11 17.04 40.96
C ALA A 75 -10.96 18.13 39.90
N GLY A 76 -10.77 17.73 38.65
CA GLY A 76 -10.90 18.66 37.54
C GLY A 76 -12.30 19.23 37.58
N ALA A 77 -12.46 20.54 37.57
CA ALA A 77 -13.81 21.09 37.67
C ALA A 77 -13.90 22.36 36.88
N GLY A 78 -13.23 22.40 35.74
CA GLY A 78 -13.16 23.64 35.00
C GLY A 78 -13.42 23.52 33.52
N SER A 79 -14.28 24.39 33.02
CA SER A 79 -14.45 24.56 31.59
C SER A 79 -14.44 26.05 31.29
N ASN A 80 -14.84 26.45 30.09
CA ASN A 80 -14.91 27.86 29.76
C ASN A 80 -16.33 28.40 29.92
N ASN A 81 -17.18 27.66 30.63
CA ASN A 81 -18.57 27.98 30.89
C ASN A 81 -18.73 27.98 32.41
N THR A 82 -18.91 29.16 33.01
CA THR A 82 -18.87 29.29 34.47
C THR A 82 -19.96 28.45 35.13
N LYS A 83 -21.18 28.52 34.61
CA LYS A 83 -22.26 27.75 35.20
C LYS A 83 -21.95 26.26 35.19
N GLU A 84 -21.34 25.77 34.11
CA GLU A 84 -21.01 24.35 34.06
C GLU A 84 -19.89 24.03 35.03
N SER A 85 -18.95 24.96 35.17
CA SER A 85 -17.86 24.84 36.14
C SER A 85 -18.43 24.72 37.55
N ILE A 86 -19.41 25.57 37.87
CA ILE A 86 -20.03 25.52 39.20
C ILE A 86 -20.69 24.16 39.39
N GLU A 87 -21.31 23.65 38.34
CA GLU A 87 -21.97 22.36 38.46
C GLU A 87 -20.97 21.23 38.65
N LEU A 88 -19.85 21.23 37.91
CA LEU A 88 -18.82 20.21 38.13
C LEU A 88 -18.20 20.34 39.51
N ALA A 89 -18.01 21.58 39.98
CA ALA A 89 -17.38 21.81 41.28
C ALA A 89 -18.27 21.31 42.41
N GLN A 90 -19.55 21.66 42.38
CA GLN A 90 -20.45 21.21 43.43
C GLN A 90 -20.62 19.70 43.41
N TYR A 91 -20.56 19.08 42.23
CA TYR A 91 -20.59 17.62 42.20
C TYR A 91 -19.37 17.05 42.90
N ALA A 92 -18.19 17.57 42.56
CA ALA A 92 -16.95 17.07 43.16
C ALA A 92 -17.02 17.18 44.68
N GLN A 93 -17.53 18.30 45.19
CA GLN A 93 -17.62 18.47 46.63
C GLN A 93 -18.59 17.46 47.23
N ASN A 94 -19.79 17.36 46.67
CA ASN A 94 -20.79 16.47 47.24
C ASN A 94 -20.38 15.02 47.17
N THR A 95 -19.49 14.65 46.26
CA THR A 95 -19.07 13.26 46.15
C THR A 95 -17.83 12.96 47.00
N GLY A 96 -17.15 13.99 47.51
CA GLY A 96 -16.09 13.79 48.48
C GLY A 96 -14.69 14.19 48.03
N ALA A 97 -14.54 14.87 46.90
CA ALA A 97 -13.22 15.36 46.54
C ALA A 97 -12.65 16.26 47.64
N ASP A 98 -11.33 16.39 47.66
CA ASP A 98 -10.67 17.23 48.66
C ASP A 98 -10.39 18.63 48.16
N ALA A 99 -10.37 18.83 46.85
CA ALA A 99 -10.03 20.14 46.31
C ALA A 99 -10.43 20.13 44.84
N LEU A 100 -10.37 21.32 44.23
CA LEU A 100 -10.81 21.54 42.87
C LEU A 100 -9.66 22.11 42.04
N LEU A 101 -9.52 21.61 40.82
CA LEU A 101 -8.62 22.22 39.83
C LEU A 101 -9.47 22.96 38.78
N VAL A 102 -9.26 24.28 38.65
CA VAL A 102 -10.10 25.14 37.81
C VAL A 102 -9.22 25.89 36.79
N VAL A 103 -9.33 25.51 35.52
CA VAL A 103 -8.51 26.10 34.46
C VAL A 103 -8.99 27.51 34.16
N VAL A 104 -8.05 28.37 33.78
CA VAL A 104 -8.43 29.66 33.20
C VAL A 104 -9.22 29.37 31.92
N PRO A 105 -10.38 30.00 31.71
CA PRO A 105 -11.22 29.65 30.56
C PRO A 105 -10.49 29.76 29.22
N TYR A 106 -10.65 28.75 28.40
CA TYR A 106 -10.07 28.68 27.06
C TYR A 106 -11.09 29.15 26.02
N TYR A 107 -10.57 29.50 24.84
CA TYR A 107 -11.35 29.82 23.66
C TYR A 107 -12.09 31.17 23.68
N ASN A 108 -12.96 31.42 24.67
CA ASN A 108 -13.73 32.66 24.59
C ASN A 108 -12.99 33.87 25.15
N LYS A 109 -11.75 33.69 25.62
CA LYS A 109 -10.80 34.71 26.06
C LYS A 109 -11.45 35.81 26.90
N PRO A 110 -11.90 35.51 28.11
CA PRO A 110 -12.41 36.57 29.00
C PRO A 110 -11.29 37.54 29.33
N ASN A 111 -11.66 38.77 29.70
CA ASN A 111 -10.64 39.68 30.19
C ASN A 111 -10.46 39.48 31.70
N LYS A 112 -9.65 40.34 32.32
CA LYS A 112 -9.37 40.23 33.75
C LYS A 112 -10.65 40.25 34.57
N LYS A 113 -11.57 41.16 34.23
CA LYS A 113 -12.83 41.25 34.97
C LYS A 113 -13.61 39.94 34.85
N GLY A 114 -13.51 39.29 33.68
CA GLY A 114 -14.15 37.99 33.52
C GLY A 114 -13.50 36.92 34.35
N LEU A 115 -12.16 36.92 34.41
CA LEU A 115 -11.48 35.96 35.25
C LEU A 115 -11.91 36.11 36.71
N LEU A 116 -12.01 37.35 37.18
CA LEU A 116 -12.47 37.58 38.55
C LEU A 116 -13.90 37.09 38.71
N ALA A 117 -14.75 37.32 37.70
CA ALA A 117 -16.11 36.84 37.80
C ALA A 117 -16.16 35.31 37.77
N HIS A 118 -15.32 34.69 36.94
CA HIS A 118 -15.35 33.24 36.81
C HIS A 118 -14.91 32.59 38.11
N PHE A 119 -13.69 32.89 38.54
CA PHE A 119 -13.16 32.21 39.74
C PHE A 119 -13.93 32.63 40.99
N GLY A 120 -14.33 33.90 41.07
CA GLY A 120 -15.10 34.33 42.21
C GLY A 120 -16.43 33.61 42.34
N SER A 121 -17.14 33.44 41.21
CA SER A 121 -18.44 32.75 41.24
C SER A 121 -18.28 31.30 41.67
N ILE A 122 -17.21 30.64 41.21
CA ILE A 122 -16.95 29.28 41.65
C ILE A 122 -16.57 29.26 43.13
N ALA A 123 -15.73 30.20 43.56
CA ALA A 123 -15.30 30.16 44.96
C ALA A 123 -16.47 30.38 45.90
N ASN A 124 -17.48 31.14 45.47
CA ASN A 124 -18.64 31.36 46.32
C ASN A 124 -19.60 30.19 46.32
N ALA A 125 -19.49 29.28 45.35
CA ALA A 125 -20.46 28.22 45.22
C ALA A 125 -20.05 26.92 45.92
N VAL A 126 -18.78 26.78 46.31
CA VAL A 126 -18.31 25.62 47.06
C VAL A 126 -17.47 26.12 48.23
N SER A 127 -17.25 25.24 49.19
CA SER A 127 -16.32 25.54 50.27
C SER A 127 -14.98 24.83 50.11
N LEU A 128 -14.83 24.01 49.07
CA LEU A 128 -13.57 23.30 48.83
C LEU A 128 -12.43 24.25 48.48
N PRO A 129 -11.19 23.88 48.82
CA PRO A 129 -10.02 24.60 48.29
C PRO A 129 -9.97 24.52 46.76
N ILE A 130 -9.61 25.64 46.14
CA ILE A 130 -9.59 25.77 44.69
C ILE A 130 -8.16 26.06 44.24
N TYR A 131 -7.71 25.35 43.21
CA TYR A 131 -6.40 25.59 42.59
C TYR A 131 -6.63 26.16 41.19
N ILE A 132 -6.08 27.35 40.95
CA ILE A 132 -6.12 27.98 39.63
C ILE A 132 -5.14 27.26 38.71
N TYR A 133 -5.61 26.86 37.55
CA TYR A 133 -4.78 26.13 36.59
C TYR A 133 -4.49 27.08 35.43
N ASN A 134 -3.25 27.53 35.35
CA ASN A 134 -2.83 28.57 34.40
C ASN A 134 -2.02 27.87 33.32
N ASN A 135 -2.55 27.81 32.11
CA ASN A 135 -1.92 27.09 31.00
C ASN A 135 -2.16 27.86 29.72
N PRO A 136 -1.50 29.01 29.55
CA PRO A 136 -1.72 29.83 28.34
C PRO A 136 -1.42 29.10 27.04
N SER A 137 -0.50 28.14 27.03
CA SER A 137 -0.21 27.44 25.79
C SER A 137 -1.43 26.68 25.29
N ARG A 138 -2.45 26.52 26.12
CA ARG A 138 -3.73 25.99 25.67
C ARG A 138 -4.85 27.02 25.71
N THR A 139 -4.83 27.97 26.65
CA THR A 139 -5.94 28.88 26.84
C THR A 139 -5.75 30.21 26.11
N VAL A 140 -4.57 30.44 25.55
CA VAL A 140 -4.11 31.71 24.98
C VAL A 140 -3.95 32.78 26.05
N ILE A 141 -5.03 33.20 26.71
CA ILE A 141 -4.89 34.18 27.80
C ILE A 141 -4.10 33.56 28.94
N GLU A 142 -3.46 34.42 29.74
CA GLU A 142 -2.71 34.00 30.92
C GLU A 142 -3.16 34.84 32.10
N MET A 143 -3.54 34.20 33.20
CA MET A 143 -3.86 34.98 34.38
C MET A 143 -2.59 35.65 34.88
N ASP A 144 -2.65 36.98 35.10
CA ASP A 144 -1.45 37.67 35.57
C ASP A 144 -1.38 37.64 37.11
N VAL A 145 -0.24 38.08 37.64
CA VAL A 145 -0.02 37.87 39.08
C VAL A 145 -0.91 38.81 39.91
N ASP A 146 -1.22 40.00 39.39
CA ASP A 146 -2.12 40.91 40.10
C ASP A 146 -3.49 40.28 40.28
N THR A 147 -4.00 39.65 39.22
CA THR A 147 -5.30 39.01 39.30
C THR A 147 -5.26 37.85 40.28
N MET A 148 -4.22 37.03 40.19
CA MET A 148 -4.11 35.88 41.08
C MET A 148 -4.01 36.34 42.53
N ALA A 149 -3.22 37.40 42.77
CA ALA A 149 -3.14 37.94 44.13
C ALA A 149 -4.50 38.46 44.59
N GLU A 150 -5.12 39.25 43.73
CA GLU A 150 -6.47 39.71 44.07
C GLU A 150 -7.39 38.55 44.46
N LEU A 151 -7.46 37.43 43.72
CA LEU A 151 -8.35 36.30 44.04
C LEU A 151 -7.99 35.68 45.37
N VAL A 152 -6.69 35.51 45.64
CA VAL A 152 -6.26 34.93 46.91
C VAL A 152 -6.70 35.82 48.07
N LYS A 153 -6.50 37.14 47.94
CA LYS A 153 -6.90 38.06 48.99
C LYS A 153 -8.42 38.10 49.17
N THR A 154 -9.19 37.83 48.12
CA THR A 154 -10.63 37.99 48.23
C THR A 154 -11.34 36.72 48.69
N TYR A 155 -10.86 35.54 48.30
CA TYR A 155 -11.58 34.29 48.53
C TYR A 155 -10.67 33.35 49.32
N SER A 156 -11.06 33.06 50.57
CA SER A 156 -10.20 32.26 51.42
C SER A 156 -9.99 30.86 50.86
N ASN A 157 -10.92 30.36 50.05
CA ASN A 157 -10.78 28.99 49.54
C ASN A 157 -10.10 28.92 48.17
N ILE A 158 -9.58 30.04 47.67
CA ILE A 158 -8.65 30.03 46.53
C ILE A 158 -7.24 29.95 47.11
N VAL A 159 -6.61 28.78 47.01
CA VAL A 159 -5.46 28.47 47.85
C VAL A 159 -4.20 28.17 47.07
N GLY A 160 -4.21 28.11 45.76
CA GLY A 160 -2.94 27.81 45.09
C GLY A 160 -3.03 27.92 43.59
N VAL A 161 -1.99 27.40 42.94
CA VAL A 161 -1.94 27.37 41.45
C VAL A 161 -1.24 26.12 40.90
N LYS A 162 -1.28 25.75 39.85
N LYS A 162 -1.19 25.81 39.84
CA LYS A 162 -0.81 24.73 38.88
CA LYS A 162 -0.72 24.79 38.86
C LYS A 162 -0.20 25.61 37.81
C LYS A 162 -0.13 25.67 37.80
N ASP A 163 0.78 25.70 37.90
CA ASP A 163 1.40 26.63 36.95
C ASP A 163 2.08 25.91 35.79
N ALA A 164 1.40 25.89 34.64
CA ALA A 164 1.87 25.16 33.48
C ALA A 164 2.64 26.02 32.49
N THR A 165 3.03 27.25 32.87
CA THR A 165 3.69 28.11 31.89
C THR A 165 5.10 27.63 31.56
N GLY A 166 5.78 27.00 32.51
CA GLY A 166 7.17 26.67 32.30
C GLY A 166 8.10 27.87 32.32
N ARG A 167 7.61 29.05 32.71
CA ARG A 167 8.48 30.22 32.94
C ARG A 167 8.58 30.44 34.45
N ILE A 168 9.66 29.94 35.05
CA ILE A 168 9.64 29.81 36.50
C ILE A 168 9.82 31.14 37.22
N GLU A 169 10.28 32.19 36.53
CA GLU A 169 10.22 33.52 37.13
C GLU A 169 8.83 33.81 37.68
N LEU A 170 7.77 33.28 37.04
CA LEU A 170 6.42 33.52 37.56
C LEU A 170 6.20 32.88 38.91
N ALA A 171 6.93 31.80 39.21
CA ALA A 171 6.83 31.19 40.52
C ALA A 171 7.32 32.15 41.60
N SER A 172 8.43 32.83 41.33
CA SER A 172 8.90 33.86 42.26
C SER A 172 7.87 34.99 42.37
N GLY A 173 7.31 35.43 41.24
CA GLY A 173 6.37 36.54 41.31
C GLY A 173 5.12 36.19 42.08
N GLN A 174 4.63 34.96 41.91
CA GLN A 174 3.43 34.52 42.59
C GLN A 174 3.68 34.34 44.09
N ARG A 175 4.85 33.81 44.44
CA ARG A 175 5.23 33.67 45.84
C ARG A 175 5.24 35.03 46.55
N ILE A 176 5.82 36.04 45.91
CA ILE A 176 5.89 37.36 46.55
C ILE A 176 4.51 38.00 46.65
N ALA A 177 3.75 37.97 45.55
CA ALA A 177 2.47 38.69 45.51
C ALA A 177 1.38 38.00 46.32
N CYS A 178 1.32 36.66 46.29
CA CYS A 178 0.27 35.92 46.96
C CYS A 178 0.66 35.39 48.34
N GLY A 179 1.93 35.43 48.71
CA GLY A 179 2.35 34.93 50.01
C GLY A 179 2.98 33.54 49.93
N SER A 180 3.89 33.25 50.86
CA SER A 180 4.55 31.95 50.85
C SER A 180 3.62 30.82 51.30
N ASP A 181 2.44 31.15 51.84
CA ASP A 181 1.43 30.16 52.15
C ASP A 181 0.61 29.73 50.93
N PHE A 182 0.68 30.49 49.85
CA PHE A 182 0.07 30.11 48.56
C PHE A 182 0.73 28.85 48.05
N ILE A 183 -0.06 27.84 47.71
CA ILE A 183 0.47 26.53 47.35
C ILE A 183 0.70 26.54 45.84
N GLN A 184 1.95 26.43 45.43
CA GLN A 184 2.32 26.42 44.02
C GLN A 184 2.71 25.00 43.60
N LEU A 185 2.04 24.51 42.57
CA LEU A 185 2.36 23.21 41.99
C LEU A 185 2.76 23.42 40.54
N SER A 186 3.84 22.78 40.10
CA SER A 186 4.22 22.90 38.70
C SER A 186 3.22 22.17 37.81
N GLY A 187 2.92 22.75 36.64
CA GLY A 187 2.09 22.05 35.69
C GLY A 187 2.90 21.65 34.47
N ASP A 188 4.23 21.61 34.60
CA ASP A 188 5.11 21.39 33.45
C ASP A 188 6.23 20.46 33.91
N ASP A 189 6.17 19.20 33.47
CA ASP A 189 7.08 18.19 34.01
C ASP A 189 8.52 18.60 33.85
N SER A 190 8.86 19.19 32.71
CA SER A 190 10.25 19.40 32.35
C SER A 190 10.91 20.50 33.16
N SER A 191 10.13 21.40 33.76
CA SER A 191 10.72 22.45 34.59
C SER A 191 10.31 22.32 36.05
N ALA A 192 9.70 21.19 36.43
CA ALA A 192 9.23 20.99 37.79
C ALA A 192 10.36 21.17 38.81
N LEU A 193 11.57 20.74 38.47
CA LEU A 193 12.70 20.86 39.39
C LEU A 193 12.95 22.33 39.77
N GLY A 194 13.22 23.18 38.78
CA GLY A 194 13.47 24.58 39.09
C GLY A 194 12.25 25.26 39.68
N PHE A 195 11.06 24.85 39.26
CA PHE A 195 9.84 25.42 39.83
C PHE A 195 9.83 25.28 41.35
N ASN A 196 10.23 24.10 41.85
CA ASN A 196 10.18 23.88 43.29
C ASN A 196 11.23 24.70 44.02
N VAL A 197 12.43 24.83 43.46
CA VAL A 197 13.44 25.63 44.17
C VAL A 197 13.04 27.11 44.21
N HIS A 198 12.21 27.57 43.26
CA HIS A 198 11.63 28.91 43.34
C HIS A 198 10.43 28.98 44.27
N GLY A 199 10.03 27.86 44.89
CA GLY A 199 8.92 27.94 45.83
C GLY A 199 7.79 26.93 45.63
N GLY A 200 7.77 26.18 44.52
CA GLY A 200 6.78 25.14 44.37
C GLY A 200 6.96 24.04 45.39
N VAL A 201 5.92 23.22 45.59
CA VAL A 201 6.04 22.10 46.53
C VAL A 201 5.60 20.79 45.88
N GLY A 202 5.51 20.76 44.55
CA GLY A 202 5.13 19.53 43.88
C GLY A 202 4.81 19.80 42.42
N CYS A 203 4.26 18.78 41.77
CA CYS A 203 4.02 18.80 40.33
C CYS A 203 2.80 17.97 40.00
N ILE A 204 1.90 18.61 39.28
CA ILE A 204 0.75 17.90 38.66
C ILE A 204 1.32 17.51 37.30
N SER A 205 1.68 16.25 37.20
CA SER A 205 2.50 15.66 36.14
C SER A 205 1.76 14.72 35.18
N VAL A 206 2.13 14.85 33.92
CA VAL A 206 1.77 13.92 32.85
C VAL A 206 2.58 12.64 32.98
N THR A 207 3.90 12.80 33.12
CA THR A 207 4.80 11.66 33.07
C THR A 207 4.54 10.68 34.22
N ALA A 208 4.04 11.17 35.35
CA ALA A 208 3.79 10.28 36.49
C ALA A 208 2.78 9.19 36.15
N ASN A 209 1.94 9.39 35.12
CA ASN A 209 1.07 8.31 34.66
C ASN A 209 1.90 7.10 34.23
N VAL A 210 3.02 7.35 33.58
CA VAL A 210 3.83 6.32 32.94
C VAL A 210 4.91 5.81 33.88
N ALA A 211 5.50 6.69 34.68
CA ALA A 211 6.63 6.34 35.53
C ALA A 211 6.42 6.89 36.95
N PRO A 212 5.38 6.43 37.65
CA PRO A 212 5.06 7.07 38.93
C PRO A 212 6.14 6.89 40.00
N ARG A 213 6.89 5.78 39.99
CA ARG A 213 7.82 5.58 41.09
C ARG A 213 8.98 6.56 41.03
N ILE A 214 9.65 6.65 39.87
CA ILE A 214 10.78 7.56 39.79
C ILE A 214 10.32 9.02 39.85
N CYS A 215 9.14 9.35 39.30
CA CYS A 215 8.63 10.70 39.55
C CYS A 215 8.50 10.97 41.04
N ALA A 216 8.03 9.98 41.77
CA ALA A 216 7.88 10.14 43.21
C ALA A 216 9.25 10.25 43.88
N GLU A 217 10.20 9.40 43.49
CA GLU A 217 11.54 9.52 44.06
C GLU A 217 12.14 10.87 43.73
N PHE A 218 11.92 11.33 42.48
CA PHE A 218 12.37 12.65 42.05
C PHE A 218 11.82 13.72 42.98
N GLN A 219 10.51 13.75 43.17
CA GLN A 219 9.94 14.77 44.07
C GLN A 219 10.38 14.57 45.51
N LYS A 220 10.65 13.31 45.93
CA LYS A 220 11.07 13.10 47.30
C LYS A 220 12.46 13.68 47.55
N ALA A 221 13.39 13.43 46.62
CA ALA A 221 14.72 14.03 46.72
C ALA A 221 14.63 15.54 46.85
N ILE A 222 13.76 16.18 46.06
CA ILE A 222 13.65 17.63 46.12
C ILE A 222 13.17 18.06 47.50
N SER A 223 12.17 17.35 48.04
CA SER A 223 11.62 17.79 49.31
C SER A 223 12.59 17.51 50.45
N GLU A 224 13.50 16.55 50.29
CA GLU A 224 14.58 16.39 51.24
C GLU A 224 15.72 17.37 51.01
N GLY A 225 15.63 18.23 50.00
CA GLY A 225 16.74 19.11 49.68
C GLY A 225 17.97 18.42 49.13
N ASP A 226 17.84 17.18 48.64
CA ASP A 226 18.95 16.52 47.95
C ASP A 226 18.88 16.88 46.47
N TYR A 227 19.35 18.08 46.15
CA TYR A 227 19.21 18.62 44.80
C TYR A 227 20.20 17.99 43.84
N ARG A 228 21.39 17.62 44.32
CA ARG A 228 22.31 16.84 43.51
C ARG A 228 21.64 15.56 43.04
N GLN A 229 20.88 14.90 43.92
CA GLN A 229 20.19 13.68 43.52
C GLN A 229 18.96 13.99 42.67
N ALA A 230 18.30 15.12 42.92
CA ALA A 230 17.18 15.51 42.08
C ALA A 230 17.66 15.74 40.65
N LEU A 231 18.85 16.30 40.49
CA LEU A 231 19.38 16.53 39.15
C LEU A 231 19.70 15.23 38.44
N GLU A 232 20.07 14.18 39.19
CA GLU A 232 20.31 12.90 38.53
C GLU A 232 19.01 12.29 38.03
N TYR A 233 17.93 12.43 38.81
CA TYR A 233 16.64 11.96 38.34
C TYR A 233 16.18 12.76 37.11
N GLN A 234 16.41 14.07 37.11
CA GLN A 234 15.98 14.92 36.01
C GLN A 234 16.61 14.48 34.70
N ASP A 235 17.92 14.17 34.71
CA ASP A 235 18.58 13.74 33.49
C ASP A 235 18.00 12.42 32.98
N LYS A 236 17.53 11.56 33.89
CA LYS A 236 16.92 10.29 33.49
C LYS A 236 15.50 10.49 32.95
N LEU A 237 14.73 11.39 33.59
CA LEU A 237 13.34 11.60 33.24
C LEU A 237 13.15 12.55 32.05
N PHE A 238 14.00 13.58 31.93
CA PHE A 238 13.82 14.61 30.89
C PHE A 238 13.57 14.04 29.50
N PRO A 239 14.33 13.04 29.00
CA PRO A 239 14.01 12.52 27.67
C PRO A 239 12.61 11.92 27.59
N LEU A 240 12.13 11.34 28.68
CA LEU A 240 10.78 10.79 28.68
C LEU A 240 9.73 11.91 28.70
N HIS A 241 9.92 12.92 29.57
CA HIS A 241 9.02 14.08 29.58
C HIS A 241 8.85 14.60 28.16
N GLN A 242 9.97 14.80 27.46
CA GLN A 242 9.95 15.36 26.12
C GLN A 242 9.30 14.39 25.12
N ALA A 243 9.67 13.11 25.15
CA ALA A 243 9.15 12.17 24.17
C ALA A 243 7.62 12.06 24.26
N LEU A 244 7.06 12.28 25.44
CA LEU A 244 5.63 12.11 25.60
C LEU A 244 4.80 13.27 25.05
N PHE A 245 5.37 14.44 24.71
CA PHE A 245 4.53 15.41 24.02
C PHE A 245 5.03 15.74 22.61
N ILE A 246 5.82 14.84 21.99
CA ILE A 246 6.09 14.96 20.55
C ILE A 246 4.77 15.02 19.79
N GLU A 247 3.83 14.18 20.18
CA GLU A 247 2.45 14.20 19.70
C GLU A 247 1.60 14.38 20.96
N PRO A 248 0.28 14.55 20.88
CA PRO A 248 -0.49 14.84 22.11
C PRO A 248 -0.23 13.79 23.19
N SER A 249 0.02 14.28 24.40
CA SER A 249 0.50 13.39 25.45
C SER A 249 -0.54 12.34 25.83
N ILE A 250 -1.83 12.63 25.65
CA ILE A 250 -2.84 11.65 25.98
C ILE A 250 -2.65 10.37 25.18
N SER A 251 -2.40 10.50 23.88
CA SER A 251 -2.12 9.36 23.03
C SER A 251 -0.83 8.70 23.46
N SER A 252 0.19 9.50 23.72
CA SER A 252 1.52 9.00 23.99
C SER A 252 1.55 8.27 25.33
N VAL A 253 0.78 8.75 26.30
CA VAL A 253 0.78 8.12 27.61
C VAL A 253 0.13 6.74 27.53
N LYS A 254 -1.01 6.64 26.85
CA LYS A 254 -1.68 5.36 26.71
C LYS A 254 -0.85 4.39 25.89
N TYR A 255 -0.18 4.87 24.84
CA TYR A 255 0.75 4.03 24.11
C TYR A 255 1.78 3.42 25.06
N ALA A 256 2.37 4.26 25.91
CA ALA A 256 3.44 3.80 26.79
C ALA A 256 2.93 2.85 27.87
N LEU A 257 1.78 3.16 28.47
CA LEU A 257 1.22 2.28 29.49
C LEU A 257 0.91 0.91 28.90
N SER A 258 0.37 0.87 27.67
CA SER A 258 0.08 -0.40 27.05
C SER A 258 1.37 -1.15 26.73
N ARG A 259 2.40 -0.44 26.27
CA ARG A 259 3.68 -1.08 26.03
C ARG A 259 4.23 -1.71 27.31
N LEU A 260 4.10 -1.01 28.44
CA LEU A 260 4.61 -1.50 29.71
C LEU A 260 3.82 -2.68 30.28
N GLY A 261 2.73 -3.09 29.63
CA GLY A 261 1.95 -4.20 30.11
C GLY A 261 0.81 -3.82 31.03
N ARG A 262 0.59 -2.53 31.26
CA ARG A 262 -0.57 -2.10 32.03
C ARG A 262 -1.84 -2.36 31.23
N ASN A 263 -2.93 -2.65 31.94
CA ASN A 263 -4.20 -2.95 31.27
C ASN A 263 -4.90 -1.63 30.94
N VAL A 264 -4.31 -0.92 29.99
CA VAL A 264 -4.84 0.34 29.46
C VAL A 264 -4.94 0.20 27.95
N SER A 265 -6.14 0.34 27.40
CA SER A 265 -6.25 0.31 25.96
C SER A 265 -5.72 1.61 25.35
N LEU A 266 -5.45 1.56 24.04
CA LEU A 266 -4.97 2.72 23.30
C LEU A 266 -6.07 3.72 22.96
N VAL A 267 -7.33 3.35 23.16
CA VAL A 267 -8.44 4.17 22.67
C VAL A 267 -8.38 5.58 23.27
N VAL A 268 -8.57 6.58 22.41
CA VAL A 268 -8.77 7.98 22.79
C VAL A 268 -9.97 8.51 22.01
N ARG A 269 -10.52 9.62 22.46
CA ARG A 269 -11.68 10.19 21.80
C ARG A 269 -11.27 11.33 20.86
N ALA A 270 -11.85 11.34 19.67
CA ALA A 270 -11.55 12.37 18.68
C ALA A 270 -11.88 13.74 19.29
N PRO A 271 -11.09 14.78 18.99
CA PRO A 271 -10.03 14.83 17.96
C PRO A 271 -8.64 14.28 18.36
N MET A 272 -8.48 13.65 19.52
CA MET A 272 -7.27 12.86 19.72
C MET A 272 -7.33 11.60 18.87
N VAL A 273 -6.18 11.14 18.39
CA VAL A 273 -6.09 9.85 17.71
C VAL A 273 -5.02 9.01 18.38
N SER A 274 -5.19 7.69 18.34
CA SER A 274 -4.23 6.81 18.99
C SER A 274 -3.06 6.48 18.08
N ILE A 275 -3.20 6.66 16.77
CA ILE A 275 -2.12 6.34 15.85
C ILE A 275 -0.97 7.33 16.07
N LEU A 276 0.21 6.80 16.39
CA LEU A 276 1.41 7.60 16.56
C LEU A 276 2.36 7.32 15.40
N GLU A 277 3.14 8.33 15.01
CA GLU A 277 4.24 8.10 14.07
C GLU A 277 5.26 7.14 14.67
N LYS A 278 5.94 6.39 13.79
CA LYS A 278 6.90 5.41 14.27
C LYS A 278 8.08 6.10 14.98
N GLU A 279 8.52 7.24 14.43
CA GLU A 279 9.56 8.03 15.08
C GLU A 279 9.15 8.43 16.50
N THR A 280 7.86 8.71 16.70
CA THR A 280 7.39 9.07 18.04
C THR A 280 7.43 7.88 18.98
N MET A 281 6.91 6.73 18.53
CA MET A 281 6.95 5.53 19.37
C MET A 281 8.38 5.13 19.68
N PHE A 282 9.27 5.27 18.70
CA PHE A 282 10.67 4.94 18.93
C PHE A 282 11.29 5.85 19.99
N ALA A 283 10.97 7.15 19.94
CA ALA A 283 11.51 8.06 20.95
C ALA A 283 10.99 7.68 22.34
N ILE A 284 9.70 7.37 22.45
CA ILE A 284 9.14 6.98 23.75
C ILE A 284 9.79 5.69 24.24
N ASP A 285 9.95 4.71 23.35
CA ASP A 285 10.52 3.43 23.74
C ASP A 285 11.95 3.60 24.26
N GLN A 286 12.76 4.37 23.53
CA GLN A 286 14.14 4.63 23.95
C GLN A 286 14.18 5.32 25.31
N ALA A 287 13.26 6.26 25.55
CA ALA A 287 13.27 6.95 26.83
C ALA A 287 12.81 6.03 27.96
N LEU A 288 11.81 5.18 27.69
CA LEU A 288 11.39 4.20 28.69
C LEU A 288 12.53 3.24 29.03
N ASP A 289 13.25 2.77 28.01
CA ASP A 289 14.29 1.78 28.28
C ASP A 289 15.51 2.40 28.96
N HIS A 290 15.79 3.68 28.70
CA HIS A 290 16.87 4.37 29.43
C HIS A 290 16.57 4.47 30.92
N ILE A 291 15.30 4.59 31.30
CA ILE A 291 14.90 4.56 32.69
C ILE A 291 14.88 3.14 33.21
N GLY A 292 14.69 2.16 32.33
CA GLY A 292 14.62 0.75 32.69
C GLY A 292 13.24 0.35 33.19
N LEU A 293 12.19 0.71 32.47
CA LEU A 293 10.83 0.50 32.96
C LEU A 293 10.15 -0.78 32.48
N CYS A 294 10.66 -1.42 31.42
CA CYS A 294 10.07 -2.67 30.95
C CYS A 294 10.43 -3.82 31.89
N ALA A 295 9.41 -4.46 32.47
CA ALA A 295 9.64 -5.56 33.41
C ALA A 295 10.40 -6.72 32.76
N GLY A 296 10.04 -7.08 31.53
CA GLY A 296 10.65 -8.23 30.85
C GLY A 296 11.82 -7.92 29.93
N MET B 1 -23.06 30.91 -2.92
CA MET B 1 -24.10 30.73 -1.91
C MET B 1 -23.88 31.64 -0.69
N PHE B 2 -22.68 31.62 -0.12
CA PHE B 2 -22.33 32.53 0.97
C PHE B 2 -21.39 33.59 0.41
N GLN B 3 -21.77 34.84 0.58
CA GLN B 3 -21.00 35.94 0.00
C GLN B 3 -21.34 37.23 0.73
N ARG B 4 -20.49 38.21 0.47
CA ARG B 4 -20.56 39.60 0.98
C ARG B 4 -20.54 39.63 2.51
N SER B 5 -21.50 40.33 3.13
CA SER B 5 -21.54 40.56 4.58
C SER B 5 -22.45 39.54 5.27
N ILE B 6 -21.91 38.73 6.21
CA ILE B 6 -22.56 37.66 6.94
C ILE B 6 -22.28 37.86 8.42
N PRO B 7 -23.26 38.30 9.23
CA PRO B 7 -22.99 38.51 10.66
C PRO B 7 -22.89 37.19 11.41
N ALA B 8 -21.86 37.06 12.25
CA ALA B 8 -21.85 36.10 13.34
C ALA B 8 -22.78 36.63 14.42
N LEU B 9 -23.99 36.12 14.43
CA LEU B 9 -25.05 36.71 15.24
C LEU B 9 -24.74 36.59 16.73
N ILE B 10 -24.94 37.70 17.46
CA ILE B 10 -25.02 37.60 18.90
C ILE B 10 -26.20 36.73 19.29
N THR B 11 -26.15 36.20 20.50
CA THR B 11 -27.29 35.56 21.14
C THR B 11 -27.75 36.45 22.29
N PRO B 12 -28.87 37.13 22.17
CA PRO B 12 -29.33 37.98 23.28
C PRO B 12 -29.92 37.16 24.42
N PHE B 13 -29.75 37.67 25.64
CA PHE B 13 -30.29 37.03 26.82
C PHE B 13 -31.24 37.96 27.56
N THR B 14 -32.26 37.39 28.19
CA THR B 14 -33.12 38.19 29.05
C THR B 14 -32.43 38.52 30.38
N LYS B 15 -33.06 39.40 31.14
CA LYS B 15 -32.59 39.74 32.48
C LYS B 15 -32.49 38.50 33.36
N ASP B 16 -33.37 37.51 33.14
CA ASP B 16 -33.34 36.25 33.88
C ASP B 16 -32.39 35.22 33.26
N ASN B 17 -31.56 35.62 32.30
CA ASN B 17 -30.55 34.75 31.68
C ASN B 17 -31.17 33.64 30.82
N LEU B 18 -32.39 33.82 30.34
CA LEU B 18 -32.87 32.93 29.30
C LEU B 18 -32.56 33.53 27.93
N ILE B 19 -32.65 32.70 26.90
CA ILE B 19 -32.52 33.22 25.55
C ILE B 19 -33.66 34.16 25.27
N ASP B 20 -33.33 35.37 24.83
CA ASP B 20 -34.36 36.36 24.52
C ASP B 20 -34.77 36.17 23.07
N GLU B 21 -35.76 35.29 22.86
CA GLU B 21 -36.11 34.83 21.52
C GLU B 21 -36.70 35.94 20.67
N ASP B 22 -37.56 36.79 21.26
CA ASP B 22 -38.13 37.90 20.51
C ASP B 22 -37.05 38.88 20.05
N SER B 23 -36.06 39.14 20.91
CA SER B 23 -34.94 39.99 20.51
C SER B 23 -34.11 39.33 19.41
N PHE B 24 -33.85 38.02 19.53
CA PHE B 24 -33.09 37.31 18.50
C PHE B 24 -33.79 37.39 17.14
N VAL B 25 -35.10 37.06 17.11
CA VAL B 25 -35.88 37.15 15.88
C VAL B 25 -35.80 38.56 15.30
N ASP B 26 -35.99 39.59 16.14
CA ASP B 26 -35.96 40.97 15.66
C ASP B 26 -34.61 41.33 15.07
N HIS B 27 -33.53 40.90 15.72
CA HIS B 27 -32.18 41.15 15.22
C HIS B 27 -31.99 40.53 13.84
N ILE B 28 -32.51 39.32 13.64
CA ILE B 28 -32.39 38.64 12.36
C ILE B 28 -33.18 39.38 11.29
N GLU B 29 -34.43 39.74 11.58
CA GLU B 29 -35.25 40.49 10.60
C GLU B 29 -34.56 41.80 10.21
N TRP B 30 -34.04 42.51 11.21
CA TRP B 30 -33.31 43.73 10.96
C TRP B 30 -32.09 43.47 10.08
N GLN B 31 -31.33 42.42 10.39
CA GLN B 31 -30.13 42.12 9.63
C GLN B 31 -30.47 41.88 8.16
N ILE B 32 -31.53 41.11 7.90
CA ILE B 32 -31.91 40.78 6.53
C ILE B 32 -32.34 42.04 5.79
N SER B 33 -33.19 42.86 6.42
CA SER B 33 -33.71 44.02 5.73
C SER B 33 -32.66 45.11 5.54
N GLU B 34 -31.58 45.10 6.31
CA GLU B 34 -30.48 46.02 6.11
C GLU B 34 -29.45 45.52 5.10
N GLY B 35 -29.60 44.31 4.55
CA GLY B 35 -28.76 43.84 3.48
C GLY B 35 -27.71 42.78 3.82
N SER B 36 -27.73 42.21 5.02
CA SER B 36 -26.87 41.05 5.27
C SER B 36 -27.26 39.90 4.35
N SER B 37 -26.26 39.20 3.80
CA SER B 37 -26.50 38.13 2.84
C SER B 37 -26.58 36.73 3.43
N GLY B 38 -26.28 36.56 4.71
CA GLY B 38 -26.33 35.23 5.30
C GLY B 38 -26.32 35.41 6.79
N LEU B 39 -26.48 34.30 7.52
CA LEU B 39 -26.49 34.33 8.97
C LEU B 39 -25.66 33.17 9.52
N VAL B 40 -24.89 33.46 10.55
CA VAL B 40 -24.17 32.43 11.31
C VAL B 40 -24.66 32.50 12.75
N PRO B 41 -25.61 31.65 13.12
CA PRO B 41 -26.04 31.59 14.51
C PRO B 41 -25.16 30.65 15.32
N ALA B 42 -25.02 30.98 16.60
CA ALA B 42 -24.32 30.13 17.57
C ALA B 42 -22.86 29.87 17.18
N GLY B 43 -22.21 30.89 16.63
CA GLY B 43 -20.76 30.93 16.50
C GLY B 43 -20.11 31.51 17.75
N THR B 44 -18.84 31.92 17.62
CA THR B 44 -18.11 32.51 18.75
C THR B 44 -18.80 33.78 19.24
N THR B 45 -19.14 34.68 18.31
CA THR B 45 -19.84 35.90 18.70
C THR B 45 -21.21 35.59 19.28
N GLY B 46 -21.77 34.42 18.98
CA GLY B 46 -23.01 33.95 19.54
C GLY B 46 -22.90 33.37 20.94
N GLU B 47 -21.71 33.41 21.55
CA GLU B 47 -21.51 32.85 22.88
C GLU B 47 -21.80 31.35 22.93
N SER B 48 -21.38 30.61 21.88
CA SER B 48 -21.64 29.17 21.85
C SER B 48 -21.04 28.46 23.07
N SER B 49 -19.89 28.94 23.56
CA SER B 49 -19.24 28.35 24.72
C SER B 49 -20.16 28.30 25.94
N THR B 50 -21.07 29.25 26.10
CA THR B 50 -21.89 29.29 27.30
C THR B 50 -23.33 28.88 27.06
N LEU B 51 -23.66 28.43 25.85
CA LEU B 51 -24.95 27.81 25.62
C LEU B 51 -24.89 26.33 26.01
N SER B 52 -25.96 25.86 26.64
CA SER B 52 -26.14 24.42 26.77
C SER B 52 -26.36 23.81 25.40
N TYR B 53 -26.17 22.50 25.30
CA TYR B 53 -26.46 21.79 24.06
C TYR B 53 -27.87 22.11 23.56
N GLU B 54 -28.85 22.11 24.47
CA GLU B 54 -30.23 22.36 24.06
C GLU B 54 -30.39 23.80 23.57
N GLU B 55 -29.85 24.76 24.31
CA GLU B 55 -29.98 26.16 23.90
C GLU B 55 -29.29 26.40 22.57
N HIS B 56 -28.13 25.78 22.36
CA HIS B 56 -27.45 25.91 21.08
C HIS B 56 -28.36 25.43 19.94
N CYS B 57 -28.99 24.25 20.12
CA CYS B 57 -29.93 23.74 19.11
C CYS B 57 -31.10 24.68 18.93
N ARG B 58 -31.57 25.30 20.01
CA ARG B 58 -32.70 26.21 19.92
C ARG B 58 -32.31 27.47 19.14
N VAL B 59 -31.12 28.01 19.39
CA VAL B 59 -30.66 29.19 18.67
C VAL B 59 -30.60 28.91 17.17
N VAL B 60 -30.05 27.75 16.80
CA VAL B 60 -29.95 27.40 15.38
C VAL B 60 -31.33 27.26 14.77
N GLU B 61 -32.19 26.44 15.39
CA GLU B 61 -33.53 26.22 14.86
C GLU B 61 -34.30 27.52 14.70
N LEU B 62 -34.19 28.41 15.69
CA LEU B 62 -34.92 29.68 15.65
C LEU B 62 -34.39 30.59 14.57
N CYS B 63 -33.08 30.56 14.35
CA CYS B 63 -32.49 31.33 13.25
C CYS B 63 -32.95 30.78 11.90
N VAL B 64 -32.91 29.46 11.73
CA VAL B 64 -33.37 28.84 10.49
C VAL B 64 -34.83 29.18 10.22
N LYS B 65 -35.66 29.07 11.26
CA LYS B 65 -37.09 29.30 11.06
C LYS B 65 -37.36 30.77 10.73
N THR B 66 -36.61 31.67 11.35
CA THR B 66 -36.79 33.09 11.07
C THR B 66 -36.32 33.44 9.67
N ALA B 67 -35.12 33.00 9.29
CA ALA B 67 -34.62 33.29 7.94
C ALA B 67 -35.59 32.82 6.87
N ALA B 68 -36.11 31.59 7.02
CA ALA B 68 -37.17 31.04 6.16
C ALA B 68 -36.80 31.06 4.68
N GLY B 69 -35.55 30.75 4.37
CA GLY B 69 -35.10 30.70 3.00
C GLY B 69 -34.65 32.01 2.39
N ARG B 70 -34.89 33.14 3.06
CA ARG B 70 -34.58 34.43 2.45
C ARG B 70 -33.08 34.60 2.25
N VAL B 71 -32.29 34.22 3.27
CA VAL B 71 -30.83 34.22 3.21
C VAL B 71 -30.35 32.89 3.77
N PRO B 72 -29.23 32.35 3.32
CA PRO B 72 -28.79 31.04 3.80
C PRO B 72 -28.23 31.13 5.21
N VAL B 73 -28.39 30.04 5.95
CA VAL B 73 -27.99 29.96 7.35
C VAL B 73 -26.84 28.96 7.48
N MET B 74 -25.70 29.43 8.01
CA MET B 74 -24.52 28.62 8.29
C MET B 74 -24.45 28.44 9.81
N ALA B 75 -24.89 27.27 10.30
CA ALA B 75 -25.01 27.02 11.73
C ALA B 75 -23.64 26.75 12.36
N GLY B 76 -23.42 27.33 13.54
CA GLY B 76 -22.28 26.95 14.35
C GLY B 76 -22.41 25.51 14.77
N ALA B 77 -21.43 24.67 14.44
CA ALA B 77 -21.39 23.30 14.92
C ALA B 77 -20.02 22.96 15.49
N GLY B 78 -19.37 23.93 16.09
CA GLY B 78 -18.00 23.75 16.54
C GLY B 78 -17.95 23.38 18.01
N SER B 79 -17.08 22.43 18.32
CA SER B 79 -16.62 22.25 19.69
C SER B 79 -15.27 21.56 19.57
N ASN B 80 -14.62 21.34 20.72
CA ASN B 80 -13.37 20.59 20.70
C ASN B 80 -13.61 19.11 21.02
N ASN B 81 -14.86 18.68 20.94
CA ASN B 81 -15.29 17.30 21.16
C ASN B 81 -15.93 16.84 19.85
N THR B 82 -15.27 15.91 19.15
CA THR B 82 -15.77 15.52 17.83
C THR B 82 -17.18 14.93 17.91
N LYS B 83 -17.44 14.06 18.89
CA LYS B 83 -18.76 13.47 18.98
C LYS B 83 -19.83 14.56 19.10
N GLU B 84 -19.58 15.57 19.94
CA GLU B 84 -20.56 16.63 20.12
C GLU B 84 -20.73 17.45 18.85
N SER B 85 -19.64 17.69 18.11
CA SER B 85 -19.76 18.43 16.86
C SER B 85 -20.68 17.69 15.90
N ILE B 86 -20.51 16.37 15.80
CA ILE B 86 -21.39 15.57 14.95
C ILE B 86 -22.84 15.77 15.36
N GLU B 87 -23.11 15.76 16.66
CA GLU B 87 -24.51 15.90 17.07
C GLU B 87 -25.03 17.29 16.74
N LEU B 88 -24.20 18.33 16.92
CA LEU B 88 -24.62 19.68 16.58
C LEU B 88 -24.83 19.82 15.09
N ALA B 89 -23.95 19.21 14.28
CA ALA B 89 -24.08 19.34 12.83
C ALA B 89 -25.33 18.61 12.34
N GLN B 90 -25.60 17.42 12.89
CA GLN B 90 -26.77 16.66 12.46
C GLN B 90 -28.06 17.31 12.91
N TYR B 91 -28.07 17.91 14.11
CA TYR B 91 -29.23 18.72 14.49
C TYR B 91 -29.44 19.86 13.49
N ALA B 92 -28.37 20.55 13.13
CA ALA B 92 -28.50 21.68 12.22
C ALA B 92 -29.04 21.24 10.86
N GLN B 93 -28.48 20.17 10.30
CA GLN B 93 -28.99 19.62 9.06
C GLN B 93 -30.47 19.27 9.18
N ASN B 94 -30.83 18.50 10.21
CA ASN B 94 -32.23 18.09 10.34
C ASN B 94 -33.17 19.26 10.63
N THR B 95 -32.67 20.39 11.14
CA THR B 95 -33.60 21.49 11.38
C THR B 95 -33.70 22.43 10.18
N GLY B 96 -32.87 22.26 9.17
CA GLY B 96 -32.96 23.02 7.94
C GLY B 96 -31.87 24.07 7.67
N ALA B 97 -30.73 24.02 8.35
CA ALA B 97 -29.64 24.94 8.04
C ALA B 97 -29.09 24.63 6.66
N ASP B 98 -28.44 25.61 6.05
CA ASP B 98 -27.90 25.44 4.71
C ASP B 98 -26.46 25.02 4.68
N ALA B 99 -25.71 25.30 5.74
CA ALA B 99 -24.29 24.95 5.81
C ALA B 99 -23.88 24.91 7.27
N LEU B 100 -22.64 24.50 7.50
CA LEU B 100 -22.10 24.31 8.85
C LEU B 100 -20.78 25.04 8.96
N LEU B 101 -20.57 25.69 10.11
CA LEU B 101 -19.32 26.37 10.45
C LEU B 101 -18.66 25.56 11.55
N VAL B 102 -17.44 25.06 11.30
CA VAL B 102 -16.80 24.10 12.20
C VAL B 102 -15.41 24.60 12.56
N VAL B 103 -15.24 25.04 13.82
CA VAL B 103 -13.96 25.58 14.27
C VAL B 103 -12.95 24.45 14.42
N VAL B 104 -11.70 24.74 14.09
CA VAL B 104 -10.56 23.92 14.49
C VAL B 104 -10.63 23.71 16.00
N PRO B 105 -10.53 22.48 16.52
CA PRO B 105 -10.64 22.28 17.97
C PRO B 105 -9.70 23.15 18.78
N TYR B 106 -10.23 23.76 19.83
CA TYR B 106 -9.49 24.58 20.78
C TYR B 106 -9.14 23.78 22.03
N TYR B 107 -8.18 24.31 22.79
CA TYR B 107 -7.80 23.83 24.11
C TYR B 107 -7.06 22.49 24.10
N ASN B 108 -7.62 21.43 23.48
CA ASN B 108 -6.94 20.13 23.57
C ASN B 108 -5.91 19.92 22.46
N LYS B 109 -5.79 20.84 21.53
CA LYS B 109 -4.66 20.91 20.61
C LYS B 109 -4.38 19.61 19.86
N PRO B 110 -5.32 19.12 19.04
CA PRO B 110 -5.02 17.98 18.19
C PRO B 110 -3.89 18.32 17.23
N ASN B 111 -3.19 17.29 16.77
CA ASN B 111 -2.20 17.45 15.70
C ASN B 111 -2.91 17.27 14.34
N LYS B 112 -2.12 17.24 13.27
CA LYS B 112 -2.69 17.18 11.92
C LYS B 112 -3.59 15.95 11.75
N LYS B 113 -3.14 14.80 12.24
CA LYS B 113 -3.98 13.60 12.14
C LYS B 113 -5.28 13.79 12.91
N GLY B 114 -5.22 14.49 14.05
CA GLY B 114 -6.45 14.79 14.77
C GLY B 114 -7.40 15.72 14.02
N LEU B 115 -6.85 16.67 13.26
CA LEU B 115 -7.72 17.54 12.46
C LEU B 115 -8.40 16.77 11.34
N LEU B 116 -7.65 15.90 10.65
CA LEU B 116 -8.24 15.04 9.62
C LEU B 116 -9.35 14.16 10.20
N ALA B 117 -9.10 13.56 11.37
CA ALA B 117 -10.13 12.76 12.02
C ALA B 117 -11.34 13.59 12.41
N HIS B 118 -11.11 14.79 12.95
CA HIS B 118 -12.23 15.64 13.39
C HIS B 118 -13.09 16.05 12.21
N PHE B 119 -12.47 16.70 11.21
CA PHE B 119 -13.25 17.19 10.08
C PHE B 119 -13.74 16.05 9.21
N GLY B 120 -12.94 14.99 9.04
CA GLY B 120 -13.40 13.84 8.30
C GLY B 120 -14.63 13.19 8.94
N SER B 121 -14.60 12.99 10.26
CA SER B 121 -15.75 12.40 10.95
C SER B 121 -17.00 13.24 10.74
N ILE B 122 -16.85 14.56 10.73
CA ILE B 122 -18.02 15.42 10.57
C ILE B 122 -18.51 15.35 9.13
N ALA B 123 -17.57 15.37 8.17
CA ALA B 123 -17.95 15.32 6.77
C ALA B 123 -18.66 14.01 6.44
N ASN B 124 -18.31 12.92 7.13
CA ASN B 124 -18.97 11.64 6.91
C ASN B 124 -20.37 11.59 7.52
N ALA B 125 -20.69 12.45 8.48
CA ALA B 125 -21.93 12.32 9.23
C ALA B 125 -23.07 13.21 8.75
N VAL B 126 -22.80 14.11 7.82
CA VAL B 126 -23.80 15.04 7.34
C VAL B 126 -23.59 15.14 5.84
N SER B 127 -24.57 15.70 5.14
CA SER B 127 -24.39 16.01 3.74
C SER B 127 -24.37 17.50 3.46
N LEU B 128 -24.53 18.33 4.49
CA LEU B 128 -24.45 19.78 4.32
C LEU B 128 -23.03 20.20 3.95
N PRO B 129 -22.89 21.37 3.28
CA PRO B 129 -21.55 21.92 3.07
C PRO B 129 -20.93 22.38 4.38
N ILE B 130 -19.61 22.18 4.51
CA ILE B 130 -18.87 22.52 5.72
C ILE B 130 -17.86 23.61 5.43
N TYR B 131 -17.79 24.59 6.31
CA TYR B 131 -16.77 25.64 6.27
C TYR B 131 -15.81 25.46 7.45
N ILE B 132 -14.53 25.37 7.15
CA ILE B 132 -13.50 25.28 8.18
C ILE B 132 -13.31 26.66 8.78
N TYR B 133 -13.36 26.75 10.10
CA TYR B 133 -13.22 28.02 10.82
C TYR B 133 -11.84 28.02 11.48
N ASN B 134 -10.91 28.77 10.89
CA ASN B 134 -9.51 28.81 11.32
C ASN B 134 -9.27 30.10 12.12
N ASN B 135 -9.02 29.96 13.42
CA ASN B 135 -8.90 31.12 14.30
C ASN B 135 -7.86 30.81 15.39
N PRO B 136 -6.59 30.71 15.01
CA PRO B 136 -5.57 30.34 16.01
C PRO B 136 -5.43 31.35 17.16
N SER B 137 -5.90 32.59 17.01
CA SER B 137 -5.84 33.49 18.17
C SER B 137 -6.74 33.02 19.30
N ARG B 138 -7.66 32.11 19.02
CA ARG B 138 -8.44 31.45 20.05
C ARG B 138 -8.15 29.96 20.19
N THR B 139 -7.66 29.29 19.14
CA THR B 139 -7.48 27.84 19.20
C THR B 139 -6.04 27.43 19.46
N VAL B 140 -5.09 28.37 19.42
CA VAL B 140 -3.65 28.14 19.46
C VAL B 140 -3.19 27.45 18.17
N ILE B 141 -3.65 26.23 17.91
CA ILE B 141 -3.23 25.54 16.70
C ILE B 141 -3.86 26.22 15.48
N GLU B 142 -3.15 26.14 14.36
CA GLU B 142 -3.65 26.70 13.11
C GLU B 142 -3.65 25.61 12.04
N MET B 143 -4.79 25.40 11.39
CA MET B 143 -4.79 24.43 10.29
C MET B 143 -3.93 24.97 9.16
N ASP B 144 -2.95 24.17 8.71
CA ASP B 144 -2.10 24.64 7.64
C ASP B 144 -2.74 24.36 6.26
N VAL B 145 -2.13 24.94 5.22
CA VAL B 145 -2.73 24.93 3.89
C VAL B 145 -2.77 23.52 3.31
N ASP B 146 -1.75 22.71 3.61
CA ASP B 146 -1.73 21.32 3.13
C ASP B 146 -2.87 20.52 3.72
N THR B 147 -3.15 20.72 5.01
CA THR B 147 -4.24 20.00 5.67
C THR B 147 -5.57 20.41 5.09
N MET B 148 -5.77 21.71 4.91
CA MET B 148 -6.98 22.22 4.29
C MET B 148 -7.14 21.66 2.89
N ALA B 149 -6.08 21.72 2.09
CA ALA B 149 -6.21 21.26 0.71
C ALA B 149 -6.55 19.77 0.67
N GLU B 150 -6.01 19.01 1.61
CA GLU B 150 -6.26 17.58 1.64
C GLU B 150 -7.70 17.29 2.04
N LEU B 151 -8.21 17.99 3.05
CA LEU B 151 -9.62 17.86 3.39
C LEU B 151 -10.51 18.19 2.20
N VAL B 152 -10.21 19.30 1.51
CA VAL B 152 -11.00 19.74 0.37
C VAL B 152 -10.98 18.69 -0.74
N LYS B 153 -9.82 18.11 -1.02
CA LYS B 153 -9.72 17.11 -2.07
C LYS B 153 -10.40 15.80 -1.67
N THR B 154 -10.45 15.50 -0.38
CA THR B 154 -10.96 14.22 0.08
C THR B 154 -12.48 14.20 0.22
N TYR B 155 -13.06 15.30 0.72
CA TYR B 155 -14.48 15.34 1.02
C TYR B 155 -15.16 16.43 0.22
N SER B 156 -16.16 16.02 -0.57
CA SER B 156 -16.87 16.93 -1.46
C SER B 156 -17.64 17.99 -0.68
N ASN B 157 -18.06 17.69 0.53
CA ASN B 157 -18.85 18.65 1.29
C ASN B 157 -17.99 19.54 2.21
N ILE B 158 -16.66 19.53 2.06
CA ILE B 158 -15.82 20.54 2.70
C ILE B 158 -15.52 21.58 1.63
N VAL B 159 -16.20 22.73 1.72
CA VAL B 159 -16.31 23.65 0.59
C VAL B 159 -15.63 24.99 0.83
N GLY B 160 -15.30 25.34 2.07
CA GLY B 160 -14.84 26.68 2.34
C GLY B 160 -14.13 26.85 3.66
N VAL B 161 -13.63 28.06 3.87
CA VAL B 161 -12.98 28.44 5.10
C VAL B 161 -13.48 29.82 5.55
N LYS B 162 -13.51 30.30 6.56
N LYS B 162 -13.45 30.32 6.56
CA LYS B 162 -13.53 31.46 7.49
CA LYS B 162 -13.54 31.47 7.48
C LYS B 162 -12.12 31.64 7.98
C LYS B 162 -12.14 31.65 7.99
N ASP B 163 -11.67 32.40 7.45
CA ASP B 163 -10.27 32.57 7.76
C ASP B 163 -10.12 33.81 8.66
N ALA B 164 -10.00 33.57 9.96
CA ALA B 164 -9.90 34.64 10.95
C ALA B 164 -8.47 34.97 11.35
N THR B 165 -7.46 34.51 10.60
CA THR B 165 -6.07 34.81 10.96
C THR B 165 -5.72 36.27 10.76
N GLY B 166 -6.34 36.92 9.77
CA GLY B 166 -5.94 38.27 9.40
C GLY B 166 -4.60 38.38 8.71
N ARG B 167 -3.98 37.25 8.34
CA ARG B 167 -2.75 37.26 7.53
C ARG B 167 -3.18 36.88 6.13
N ILE B 168 -3.32 37.89 5.27
CA ILE B 168 -4.01 37.62 4.01
C ILE B 168 -3.14 36.85 3.03
N GLU B 169 -1.81 36.80 3.22
CA GLU B 169 -1.02 35.93 2.36
C GLU B 169 -1.58 34.49 2.40
N LEU B 170 -2.22 34.09 3.50
CA LEU B 170 -2.85 32.79 3.56
C LEU B 170 -4.00 32.66 2.56
N ALA B 171 -4.73 33.74 2.29
CA ALA B 171 -5.79 33.66 1.28
C ALA B 171 -5.22 33.29 -0.07
N SER B 172 -4.07 33.85 -0.44
CA SER B 172 -3.44 33.43 -1.68
C SER B 172 -3.03 31.96 -1.64
N GLY B 173 -2.44 31.53 -0.53
CA GLY B 173 -1.96 30.16 -0.46
C GLY B 173 -3.11 29.17 -0.52
N GLN B 174 -4.23 29.52 0.13
CA GLN B 174 -5.41 28.68 0.15
C GLN B 174 -6.11 28.67 -1.19
N ARG B 175 -6.06 29.81 -1.90
CA ARG B 175 -6.64 29.89 -3.23
C ARG B 175 -5.89 28.98 -4.21
N ILE B 176 -4.55 28.98 -4.15
CA ILE B 176 -3.76 28.18 -5.08
C ILE B 176 -3.82 26.69 -4.72
N ALA B 177 -3.74 26.36 -3.42
CA ALA B 177 -3.70 24.95 -3.02
C ALA B 177 -5.06 24.28 -3.12
N CYS B 178 -6.13 24.99 -2.76
CA CYS B 178 -7.46 24.40 -2.74
C CYS B 178 -8.26 24.69 -4.00
N GLY B 179 -7.78 25.57 -4.88
CA GLY B 179 -8.54 25.90 -6.08
C GLY B 179 -9.45 27.09 -5.88
N SER B 180 -9.73 27.80 -6.98
CA SER B 180 -10.51 29.04 -6.92
C SER B 180 -12.01 28.79 -6.71
N ASP B 181 -12.49 27.55 -6.88
CA ASP B 181 -13.84 27.17 -6.45
C ASP B 181 -13.98 27.05 -4.93
N PHE B 182 -12.87 26.99 -4.20
CA PHE B 182 -12.93 26.96 -2.74
C PHE B 182 -13.46 28.31 -2.24
N ILE B 183 -14.47 28.30 -1.37
CA ILE B 183 -15.14 29.53 -0.93
C ILE B 183 -14.41 30.08 0.29
N GLN B 184 -13.77 31.24 0.14
CA GLN B 184 -13.01 31.84 1.23
C GLN B 184 -13.76 33.05 1.77
N LEU B 185 -14.04 33.02 3.07
CA LEU B 185 -14.69 34.12 3.77
C LEU B 185 -13.76 34.65 4.84
N SER B 186 -13.61 35.97 4.90
CA SER B 186 -12.81 36.56 5.96
C SER B 186 -13.49 36.39 7.31
N GLY B 187 -12.71 36.07 8.32
CA GLY B 187 -13.21 36.10 9.68
C GLY B 187 -12.64 37.23 10.48
N ASP B 188 -12.02 38.22 9.83
CA ASP B 188 -11.37 39.34 10.50
C ASP B 188 -11.85 40.63 9.84
N ASP B 189 -12.76 41.35 10.50
CA ASP B 189 -13.39 42.54 9.91
C ASP B 189 -12.36 43.54 9.38
N SER B 190 -11.26 43.74 10.12
CA SER B 190 -10.35 44.84 9.80
C SER B 190 -9.51 44.58 8.55
N SER B 191 -9.39 43.33 8.12
CA SER B 191 -8.65 43.00 6.91
C SER B 191 -9.53 42.35 5.84
N ALA B 192 -10.85 42.36 6.03
CA ALA B 192 -11.81 41.82 5.05
C ALA B 192 -11.59 42.40 3.65
N LEU B 193 -11.24 43.67 3.56
CA LEU B 193 -11.07 44.33 2.26
C LEU B 193 -9.94 43.68 1.46
N GLY B 194 -8.73 43.62 2.04
CA GLY B 194 -7.64 42.96 1.34
C GLY B 194 -7.86 41.46 1.16
N PHE B 195 -8.52 40.82 2.13
CA PHE B 195 -8.82 39.39 2.00
C PHE B 195 -9.58 39.12 0.71
N ASN B 196 -10.56 39.97 0.38
CA ASN B 196 -11.35 39.73 -0.82
C ASN B 196 -10.53 39.96 -2.09
N VAL B 197 -9.66 40.97 -2.10
CA VAL B 197 -8.86 41.21 -3.30
C VAL B 197 -7.87 40.06 -3.51
N HIS B 198 -7.48 39.33 -2.46
CA HIS B 198 -6.66 38.14 -2.62
C HIS B 198 -7.45 36.90 -3.00
N GLY B 199 -8.78 36.99 -3.04
CA GLY B 199 -9.59 35.87 -3.50
C GLY B 199 -10.81 35.60 -2.66
N GLY B 200 -10.96 36.26 -1.49
CA GLY B 200 -12.16 36.09 -0.71
C GLY B 200 -13.40 36.60 -1.44
N VAL B 201 -14.57 36.15 -0.99
CA VAL B 201 -15.84 36.61 -1.58
C VAL B 201 -16.80 37.11 -0.50
N GLY B 202 -16.33 37.27 0.73
CA GLY B 202 -17.23 37.77 1.76
C GLY B 202 -16.55 37.79 3.11
N CYS B 203 -17.34 38.17 4.12
CA CYS B 203 -16.82 38.30 5.48
C CYS B 203 -17.86 37.83 6.47
N ILE B 204 -17.42 36.95 7.37
CA ILE B 204 -18.24 36.56 8.54
C ILE B 204 -17.75 37.56 9.60
N SER B 205 -18.60 38.56 9.83
CA SER B 205 -18.27 39.82 10.55
C SER B 205 -18.86 39.98 11.96
N VAL B 206 -18.07 40.61 12.82
CA VAL B 206 -18.51 40.99 14.18
C VAL B 206 -19.28 42.30 14.02
N THR B 207 -18.75 43.18 13.22
CA THR B 207 -19.28 44.53 13.09
C THR B 207 -20.66 44.56 12.42
N ALA B 208 -20.93 43.62 11.51
CA ALA B 208 -22.24 43.61 10.85
C ALA B 208 -23.39 43.53 11.84
N ASN B 209 -23.17 42.97 13.03
CA ASN B 209 -24.22 42.98 14.05
C ASN B 209 -24.66 44.39 14.35
N VAL B 210 -23.73 45.33 14.32
CA VAL B 210 -23.94 46.68 14.78
C VAL B 210 -24.31 47.61 13.63
N ALA B 211 -23.61 47.49 12.51
CA ALA B 211 -23.80 48.36 11.35
C ALA B 211 -24.04 47.51 10.09
N PRO B 212 -25.11 46.72 10.06
CA PRO B 212 -25.31 45.80 8.92
C PRO B 212 -25.42 46.51 7.59
N ARG B 213 -26.01 47.70 7.54
CA ARG B 213 -26.22 48.35 6.25
C ARG B 213 -24.90 48.81 5.63
N ILE B 214 -24.07 49.47 6.41
CA ILE B 214 -22.81 49.99 5.87
C ILE B 214 -21.88 48.82 5.49
N CYS B 215 -21.85 47.78 6.34
CA CYS B 215 -21.04 46.61 6.02
C CYS B 215 -21.53 45.96 4.72
N ALA B 216 -22.85 45.94 4.53
CA ALA B 216 -23.41 45.42 3.29
C ALA B 216 -23.00 46.29 2.11
N GLU B 217 -23.08 47.61 2.27
CA GLU B 217 -22.65 48.49 1.19
C GLU B 217 -21.16 48.37 0.93
N PHE B 218 -20.37 48.15 2.00
CA PHE B 218 -18.94 47.91 1.86
C PHE B 218 -18.68 46.66 1.01
N GLN B 219 -19.30 45.53 1.38
CA GLN B 219 -19.09 44.31 0.60
C GLN B 219 -19.67 44.41 -0.81
N LYS B 220 -20.79 45.11 -0.99
CA LYS B 220 -21.33 45.27 -2.35
C LYS B 220 -20.33 45.99 -3.26
N ALA B 221 -19.69 47.05 -2.75
CA ALA B 221 -18.74 47.80 -3.56
C ALA B 221 -17.55 46.94 -3.98
N ILE B 222 -17.08 46.07 -3.09
CA ILE B 222 -15.96 45.19 -3.43
C ILE B 222 -16.37 44.24 -4.54
N SER B 223 -17.57 43.66 -4.42
CA SER B 223 -18.00 42.69 -5.43
C SER B 223 -18.21 43.36 -6.78
N GLU B 224 -18.58 44.64 -6.80
CA GLU B 224 -18.63 45.35 -8.06
C GLU B 224 -17.28 45.90 -8.49
N GLY B 225 -16.21 45.62 -7.74
CA GLY B 225 -14.89 46.14 -8.09
C GLY B 225 -14.71 47.64 -7.98
N ASP B 226 -15.59 48.33 -7.26
CA ASP B 226 -15.36 49.74 -6.96
C ASP B 226 -14.51 49.81 -5.70
N TYR B 227 -13.21 49.53 -5.87
CA TYR B 227 -12.35 49.42 -4.70
C TYR B 227 -12.04 50.78 -4.11
N ARG B 228 -12.12 51.84 -4.92
CA ARG B 228 -12.01 53.20 -4.39
C ARG B 228 -13.12 53.48 -3.38
N GLN B 229 -14.37 53.15 -3.73
CA GLN B 229 -15.45 53.34 -2.77
C GLN B 229 -15.31 52.39 -1.58
N ALA B 230 -14.84 51.17 -1.82
CA ALA B 230 -14.65 50.23 -0.71
C ALA B 230 -13.63 50.76 0.29
N LEU B 231 -12.56 51.41 -0.21
CA LEU B 231 -11.59 52.03 0.70
C LEU B 231 -12.21 53.17 1.49
N GLU B 232 -13.13 53.91 0.88
CA GLU B 232 -13.84 54.95 1.61
C GLU B 232 -14.67 54.34 2.73
N TYR B 233 -15.32 53.20 2.46
CA TYR B 233 -16.05 52.51 3.52
C TYR B 233 -15.10 51.99 4.58
N GLN B 234 -13.96 51.44 4.16
CA GLN B 234 -13.00 50.91 5.13
C GLN B 234 -12.58 52.00 6.11
N ASP B 235 -12.28 53.20 5.61
CA ASP B 235 -11.85 54.28 6.50
C ASP B 235 -12.94 54.68 7.49
N LYS B 236 -14.22 54.55 7.11
CA LYS B 236 -15.29 54.90 8.04
C LYS B 236 -15.60 53.77 9.02
N LEU B 237 -15.43 52.51 8.61
CA LEU B 237 -15.74 51.36 9.46
C LEU B 237 -14.58 50.95 10.37
N PHE B 238 -13.34 51.18 9.94
CA PHE B 238 -12.18 50.69 10.69
C PHE B 238 -12.20 51.09 12.17
N PRO B 239 -12.48 52.35 12.54
CA PRO B 239 -12.50 52.67 13.98
C PRO B 239 -13.54 51.90 14.74
N LEU B 240 -14.69 51.63 14.11
CA LEU B 240 -15.68 50.78 14.77
C LEU B 240 -15.21 49.34 14.88
N HIS B 241 -14.62 48.79 13.81
CA HIS B 241 -14.02 47.44 13.90
C HIS B 241 -13.09 47.35 15.09
N GLN B 242 -12.19 48.32 15.22
CA GLN B 242 -11.18 48.28 16.27
C GLN B 242 -11.80 48.56 17.64
N ALA B 243 -12.78 49.46 17.70
CA ALA B 243 -13.34 49.77 19.02
C ALA B 243 -14.08 48.56 19.61
N LEU B 244 -14.63 47.69 18.77
CA LEU B 244 -15.44 46.57 19.25
C LEU B 244 -14.62 45.44 19.86
N PHE B 245 -13.29 45.41 19.71
CA PHE B 245 -12.53 44.39 20.42
C PHE B 245 -11.46 44.97 21.34
N ILE B 246 -11.59 46.23 21.78
CA ILE B 246 -10.81 46.70 22.93
C ILE B 246 -11.04 45.76 24.11
N GLU B 247 -12.29 45.51 24.43
CA GLU B 247 -12.73 44.47 25.35
C GLU B 247 -13.46 43.40 24.55
N PRO B 248 -13.81 42.27 25.17
CA PRO B 248 -14.46 41.19 24.40
C PRO B 248 -15.64 41.69 23.55
N SER B 249 -15.62 41.27 22.29
CA SER B 249 -16.59 41.78 21.32
C SER B 249 -18.03 41.43 21.67
N ILE B 250 -18.31 40.30 22.33
CA ILE B 250 -19.71 40.00 22.59
C ILE B 250 -20.31 41.05 23.53
N SER B 251 -19.58 41.46 24.55
CA SER B 251 -20.03 42.58 25.38
C SER B 251 -20.07 43.88 24.60
N SER B 252 -19.02 44.16 23.83
CA SER B 252 -18.93 45.43 23.14
C SER B 252 -20.05 45.59 22.11
N VAL B 253 -20.41 44.50 21.44
CA VAL B 253 -21.47 44.54 20.43
C VAL B 253 -22.81 44.83 21.08
N LYS B 254 -23.11 44.12 22.18
CA LYS B 254 -24.40 44.32 22.84
C LYS B 254 -24.50 45.73 23.40
N TYR B 255 -23.40 46.27 23.92
CA TYR B 255 -23.40 47.66 24.35
C TYR B 255 -23.71 48.59 23.18
N ALA B 256 -23.06 48.37 22.04
CA ALA B 256 -23.28 49.20 20.85
C ALA B 256 -24.73 49.11 20.38
N LEU B 257 -25.31 47.91 20.41
CA LEU B 257 -26.68 47.77 19.96
C LEU B 257 -27.63 48.57 20.83
N SER B 258 -27.45 48.54 22.16
CA SER B 258 -28.35 49.30 23.02
C SER B 258 -28.14 50.81 22.84
N ARG B 259 -26.89 51.26 22.68
CA ARG B 259 -26.64 52.68 22.38
C ARG B 259 -27.29 53.09 21.05
N LEU B 260 -27.55 52.14 20.15
CA LEU B 260 -28.24 52.41 18.91
C LEU B 260 -29.76 52.45 19.09
N GLY B 261 -30.28 52.00 20.23
CA GLY B 261 -31.71 51.93 20.45
C GLY B 261 -32.35 50.59 20.17
N ARG B 262 -31.56 49.56 19.83
CA ARG B 262 -32.15 48.28 19.54
C ARG B 262 -32.56 47.59 20.83
N ASN B 263 -33.49 46.63 20.72
CA ASN B 263 -34.00 45.90 21.89
C ASN B 263 -33.09 44.69 22.17
N VAL B 264 -31.90 45.01 22.67
CA VAL B 264 -30.92 43.99 23.03
C VAL B 264 -30.42 44.33 24.43
N SER B 265 -30.62 43.41 25.35
CA SER B 265 -30.11 43.59 26.70
C SER B 265 -28.60 43.43 26.72
N LEU B 266 -27.97 43.97 27.77
CA LEU B 266 -26.52 43.88 27.92
C LEU B 266 -26.05 42.55 28.49
N VAL B 267 -26.98 41.69 28.91
CA VAL B 267 -26.61 40.48 29.64
C VAL B 267 -25.76 39.58 28.76
N VAL B 268 -24.63 39.15 29.33
CA VAL B 268 -23.77 38.15 28.74
C VAL B 268 -23.55 37.09 29.82
N ARG B 269 -23.00 35.94 29.44
CA ARG B 269 -22.85 34.82 30.35
C ARG B 269 -21.40 34.69 30.79
N ALA B 270 -21.20 34.50 32.08
CA ALA B 270 -19.85 34.33 32.62
C ALA B 270 -19.18 33.15 31.93
N PRO B 271 -17.87 33.24 31.64
CA PRO B 271 -16.88 34.19 32.13
C PRO B 271 -16.84 35.54 31.40
N MET B 272 -17.76 35.79 30.47
CA MET B 272 -17.88 37.15 29.95
C MET B 272 -18.63 38.02 30.96
N VAL B 273 -18.26 39.31 30.99
CA VAL B 273 -18.99 40.30 31.77
C VAL B 273 -19.43 41.41 30.85
N SER B 274 -20.52 42.09 31.23
CA SER B 274 -21.04 43.20 30.43
C SER B 274 -20.44 44.55 30.81
N ILE B 275 -19.83 44.68 31.99
CA ILE B 275 -19.24 45.96 32.38
C ILE B 275 -18.06 46.26 31.48
N LEU B 276 -18.07 47.45 30.88
CA LEU B 276 -16.99 47.98 30.06
C LEU B 276 -16.38 49.18 30.76
N GLU B 277 -15.08 49.40 30.54
CA GLU B 277 -14.44 50.61 31.06
C GLU B 277 -15.01 51.84 30.37
N LYS B 278 -14.96 52.97 31.08
CA LYS B 278 -15.40 54.25 30.53
C LYS B 278 -14.75 54.52 29.17
N GLU B 279 -13.44 54.27 29.06
CA GLU B 279 -12.71 54.55 27.83
C GLU B 279 -13.20 53.66 26.68
N THR B 280 -13.57 52.41 26.99
CA THR B 280 -14.06 51.51 25.97
C THR B 280 -15.41 51.98 25.43
N MET B 281 -16.34 52.29 26.34
CA MET B 281 -17.64 52.80 25.91
C MET B 281 -17.48 54.07 25.09
N PHE B 282 -16.56 54.95 25.49
CA PHE B 282 -16.40 56.20 24.75
C PHE B 282 -15.82 55.95 23.37
N ALA B 283 -14.84 55.05 23.27
CA ALA B 283 -14.28 54.73 21.95
C ALA B 283 -15.35 54.14 21.03
N ILE B 284 -16.23 53.28 21.57
CA ILE B 284 -17.33 52.75 20.75
C ILE B 284 -18.28 53.86 20.32
N ASP B 285 -18.68 54.71 21.28
CA ASP B 285 -19.60 55.81 20.98
C ASP B 285 -19.04 56.72 19.89
N GLN B 286 -17.75 57.03 19.96
CA GLN B 286 -17.18 57.94 18.96
C GLN B 286 -17.10 57.25 17.61
N ALA B 287 -16.76 55.96 17.59
CA ALA B 287 -16.78 55.21 16.35
C ALA B 287 -18.17 55.16 15.74
N LEU B 288 -19.19 55.03 16.58
CA LEU B 288 -20.57 55.05 16.08
C LEU B 288 -20.93 56.45 15.56
N ASP B 289 -20.55 57.50 16.27
CA ASP B 289 -20.78 58.85 15.76
C ASP B 289 -20.12 59.05 14.40
N HIS B 290 -18.84 58.67 14.27
CA HIS B 290 -18.03 58.84 13.04
C HIS B 290 -18.70 58.22 11.82
N ILE B 291 -19.54 57.30 12.05
CA ILE B 291 -20.37 56.73 10.95
C ILE B 291 -21.78 57.33 11.05
N GLY B 292 -21.88 58.48 11.49
CA GLY B 292 -23.09 59.32 11.63
C GLY B 292 -24.14 58.49 12.28
N LEU B 293 -23.99 57.20 12.09
CA LEU B 293 -24.95 56.18 12.60
C LEU B 293 -25.84 56.73 13.71
N CYS B 294 -25.30 57.27 14.81
CA CYS B 294 -26.27 57.78 15.79
C CYS B 294 -26.37 59.30 15.93
N ALA B 295 -25.27 60.00 16.02
CA ALA B 295 -25.32 61.41 16.40
C ALA B 295 -25.92 62.28 15.28
N GLY B 296 -25.27 62.31 14.11
CA GLY B 296 -25.70 63.17 13.02
C GLY B 296 -27.11 62.94 12.49
N MET C 1 3.89 -38.94 14.74
CA MET C 1 4.73 -38.34 13.71
CA MET C 1 4.23 -38.26 13.53
C MET C 1 4.65 -36.81 13.75
N PHE C 2 4.64 -36.11 12.61
CA PHE C 2 4.84 -34.67 12.58
C PHE C 2 3.51 -33.95 12.49
N GLN C 3 3.31 -32.99 13.40
CA GLN C 3 2.07 -32.21 13.46
C GLN C 3 2.30 -31.01 14.37
N ARG C 4 1.35 -30.08 14.33
CA ARG C 4 1.33 -28.88 15.19
C ARG C 4 2.58 -28.04 14.84
N SER C 5 3.29 -27.48 15.83
CA SER C 5 4.31 -26.45 15.57
C SER C 5 5.70 -27.08 15.54
N ILE C 6 6.40 -26.90 14.43
CA ILE C 6 7.70 -27.53 14.19
C ILE C 6 8.68 -26.46 13.73
N PRO C 7 9.62 -26.03 14.57
CA PRO C 7 10.56 -24.99 14.13
C PRO C 7 11.52 -25.50 13.06
N ALA C 8 11.72 -24.68 12.03
CA ALA C 8 12.90 -24.79 11.17
C ALA C 8 14.02 -24.12 11.94
N LEU C 9 14.86 -24.92 12.59
CA LEU C 9 15.79 -24.41 13.58
C LEU C 9 16.85 -23.52 12.93
N ILE C 10 17.08 -22.33 13.53
CA ILE C 10 18.29 -21.57 13.19
C ILE C 10 19.51 -22.40 13.58
N THR C 11 20.62 -22.10 12.91
CA THR C 11 21.92 -22.66 13.29
C THR C 11 22.75 -21.53 13.90
N PRO C 12 22.89 -21.48 15.23
CA PRO C 12 23.69 -20.40 15.84
C PRO C 12 25.18 -20.59 15.60
N PHE C 13 25.89 -19.47 15.37
CA PHE C 13 27.34 -19.51 15.23
C PHE C 13 27.99 -18.78 16.40
N THR C 14 29.23 -19.17 16.73
CA THR C 14 30.01 -18.41 17.69
C THR C 14 30.54 -17.13 17.05
N LYS C 15 31.13 -16.28 17.87
CA LYS C 15 31.77 -15.07 17.34
C LYS C 15 32.90 -15.40 16.39
N ASP C 16 33.44 -16.62 16.48
CA ASP C 16 34.54 -17.08 15.65
C ASP C 16 34.07 -17.81 14.39
N ASN C 17 32.77 -17.76 14.09
CA ASN C 17 32.15 -18.41 12.93
C ASN C 17 32.24 -19.95 13.01
N LEU C 18 32.17 -20.49 14.21
CA LEU C 18 31.97 -21.91 14.45
C LEU C 18 30.53 -22.15 14.89
N ILE C 19 30.06 -23.38 14.72
CA ILE C 19 28.75 -23.74 15.24
C ILE C 19 28.77 -23.56 16.75
N ASP C 20 27.84 -22.76 17.26
CA ASP C 20 27.65 -22.59 18.70
C ASP C 20 26.83 -23.77 19.21
N GLU C 21 27.53 -24.89 19.43
CA GLU C 21 26.85 -26.12 19.84
C GLU C 21 26.07 -25.92 21.13
N ASP C 22 26.65 -25.17 22.08
CA ASP C 22 25.97 -24.91 23.34
C ASP C 22 24.66 -24.15 23.13
N SER C 23 24.68 -23.09 22.31
CA SER C 23 23.46 -22.34 22.01
C SER C 23 22.45 -23.20 21.25
N PHE C 24 22.92 -24.00 20.30
CA PHE C 24 22.02 -24.91 19.57
C PHE C 24 21.33 -25.88 20.53
N VAL C 25 22.10 -26.58 21.36
CA VAL C 25 21.50 -27.48 22.34
C VAL C 25 20.49 -26.74 23.22
N ASP C 26 20.86 -25.53 23.68
CA ASP C 26 19.98 -24.77 24.55
C ASP C 26 18.71 -24.35 23.82
N HIS C 27 18.86 -23.93 22.56
CA HIS C 27 17.70 -23.53 21.76
C HIS C 27 16.74 -24.70 21.59
N ILE C 28 17.27 -25.90 21.33
CA ILE C 28 16.44 -27.09 21.17
C ILE C 28 15.71 -27.42 22.47
N GLU C 29 16.43 -27.36 23.60
CA GLU C 29 15.81 -27.69 24.88
C GLU C 29 14.65 -26.74 25.17
N TRP C 30 14.89 -25.44 24.97
CA TRP C 30 13.84 -24.45 25.18
C TRP C 30 12.65 -24.72 24.28
N GLN C 31 12.90 -25.03 23.01
CA GLN C 31 11.81 -25.35 22.08
C GLN C 31 10.95 -26.49 22.61
N ILE C 32 11.58 -27.56 23.12
CA ILE C 32 10.82 -28.69 23.64
C ILE C 32 10.06 -28.30 24.91
N SER C 33 10.64 -27.45 25.76
CA SER C 33 9.93 -27.00 26.97
C SER C 33 8.70 -26.17 26.62
N GLU C 34 8.81 -25.30 25.61
CA GLU C 34 7.73 -24.39 25.26
C GLU C 34 6.60 -25.05 24.46
N GLY C 35 6.82 -26.25 23.92
CA GLY C 35 5.72 -27.00 23.35
C GLY C 35 5.84 -27.36 21.88
N SER C 36 7.01 -27.16 21.29
CA SER C 36 7.19 -27.54 19.91
C SER C 36 7.08 -29.06 19.77
N SER C 37 6.42 -29.52 18.72
CA SER C 37 6.10 -30.93 18.57
C SER C 37 7.11 -31.69 17.73
N GLY C 38 8.09 -31.01 17.14
CA GLY C 38 9.06 -31.65 16.27
C GLY C 38 10.12 -30.64 15.90
N LEU C 39 11.16 -31.12 15.22
CA LEU C 39 12.32 -30.29 14.93
C LEU C 39 12.81 -30.52 13.51
N VAL C 40 13.19 -29.44 12.84
CA VAL C 40 13.84 -29.52 11.54
C VAL C 40 15.21 -28.85 11.65
N PRO C 41 16.28 -29.62 11.79
CA PRO C 41 17.62 -29.04 11.73
C PRO C 41 18.15 -28.93 10.31
N ALA C 42 18.95 -27.89 10.09
CA ALA C 42 19.68 -27.69 8.85
C ALA C 42 18.75 -27.59 7.65
N GLY C 43 17.59 -26.96 7.85
CA GLY C 43 16.76 -26.51 6.75
C GLY C 43 17.19 -25.14 6.27
N THR C 44 16.30 -24.47 5.53
CA THR C 44 16.66 -23.15 4.99
C THR C 44 16.95 -22.15 6.09
N THR C 45 16.08 -22.07 7.11
CA THR C 45 16.31 -21.21 8.26
C THR C 45 17.56 -21.63 9.03
N GLY C 46 17.98 -22.89 8.90
CA GLY C 46 19.23 -23.37 9.46
C GLY C 46 20.48 -22.99 8.70
N GLU C 47 20.36 -22.15 7.67
CA GLU C 47 21.50 -21.68 6.88
C GLU C 47 22.24 -22.85 6.23
N SER C 48 21.46 -23.80 5.70
CA SER C 48 22.02 -25.01 5.10
C SER C 48 23.00 -24.68 3.99
N SER C 49 22.72 -23.63 3.21
CA SER C 49 23.56 -23.31 2.05
C SER C 49 24.97 -22.92 2.46
N THR C 50 25.15 -22.38 3.67
CA THR C 50 26.48 -21.94 4.10
C THR C 50 27.12 -22.89 5.11
N LEU C 51 26.51 -24.03 5.40
CA LEU C 51 27.17 -25.07 6.18
C LEU C 51 28.00 -25.95 5.27
N SER C 52 29.16 -26.38 5.78
CA SER C 52 29.88 -27.46 5.11
C SER C 52 29.11 -28.77 5.24
N TYR C 53 29.55 -29.77 4.48
CA TYR C 53 28.94 -31.10 4.62
C TYR C 53 29.07 -31.60 6.05
N GLU C 54 30.31 -31.60 6.57
CA GLU C 54 30.56 -32.00 7.95
C GLU C 54 29.73 -31.18 8.94
N GLU C 55 29.69 -29.85 8.76
CA GLU C 55 28.89 -29.01 9.64
C GLU C 55 27.41 -29.35 9.55
N HIS C 56 26.90 -29.59 8.34
CA HIS C 56 25.51 -29.97 8.17
C HIS C 56 25.20 -31.25 8.96
N CYS C 57 26.05 -32.27 8.81
CA CYS C 57 25.83 -33.52 9.52
C CYS C 57 25.90 -33.33 11.03
N ARG C 58 26.91 -32.58 11.49
CA ARG C 58 27.03 -32.27 12.92
C ARG C 58 25.74 -31.65 13.46
N VAL C 59 25.18 -30.66 12.74
CA VAL C 59 23.94 -30.04 13.16
C VAL C 59 22.83 -31.07 13.26
N VAL C 60 22.73 -31.96 12.26
CA VAL C 60 21.72 -33.00 12.33
C VAL C 60 21.99 -33.93 13.51
N GLU C 61 23.25 -34.36 13.65
CA GLU C 61 23.61 -35.31 14.70
C GLU C 61 23.32 -34.73 16.07
N LEU C 62 23.67 -33.46 16.28
CA LEU C 62 23.44 -32.82 17.57
C LEU C 62 21.95 -32.71 17.87
N CYS C 63 21.14 -32.46 16.84
CA CYS C 63 19.73 -32.23 17.09
C CYS C 63 19.03 -33.55 17.43
N VAL C 64 19.41 -34.63 16.76
CA VAL C 64 18.83 -35.94 17.07
C VAL C 64 19.21 -36.35 18.50
N LYS C 65 20.48 -36.14 18.87
CA LYS C 65 20.95 -36.53 20.20
C LYS C 65 20.28 -35.71 21.30
N THR C 66 20.21 -34.38 21.11
CA THR C 66 19.58 -33.54 22.11
C THR C 66 18.10 -33.88 22.27
N ALA C 67 17.38 -34.04 21.15
CA ALA C 67 15.97 -34.44 21.23
C ALA C 67 15.79 -35.74 22.00
N ALA C 68 16.66 -36.72 21.74
CA ALA C 68 16.68 -37.98 22.49
C ALA C 68 15.30 -38.66 22.53
N GLY C 69 14.62 -38.68 21.38
CA GLY C 69 13.34 -39.36 21.24
C GLY C 69 12.14 -38.63 21.82
N ARG C 70 12.31 -37.44 22.36
CA ARG C 70 11.19 -36.73 22.97
C ARG C 70 10.25 -36.19 21.90
N VAL C 71 10.80 -35.56 20.87
CA VAL C 71 10.04 -35.05 19.72
C VAL C 71 10.71 -35.65 18.48
N PRO C 72 9.99 -35.86 17.40
CA PRO C 72 10.62 -36.40 16.20
C PRO C 72 11.45 -35.34 15.48
N VAL C 73 12.51 -35.80 14.82
CA VAL C 73 13.46 -34.94 14.14
C VAL C 73 13.36 -35.21 12.64
N MET C 74 13.15 -34.15 11.86
CA MET C 74 13.07 -34.24 10.40
C MET C 74 14.29 -33.51 9.85
N ALA C 75 15.32 -34.27 9.48
CA ALA C 75 16.57 -33.65 9.06
C ALA C 75 16.44 -33.05 7.67
N GLY C 76 16.86 -31.80 7.53
CA GLY C 76 17.06 -31.23 6.22
C GLY C 76 18.09 -32.04 5.44
N ALA C 77 17.72 -32.50 4.26
CA ALA C 77 18.58 -33.28 3.38
C ALA C 77 18.51 -32.76 1.95
N GLY C 78 18.18 -31.48 1.80
CA GLY C 78 17.96 -30.93 0.47
C GLY C 78 19.22 -30.32 -0.10
N SER C 79 19.41 -30.52 -1.39
CA SER C 79 20.27 -29.67 -2.20
C SER C 79 19.81 -29.81 -3.64
N ASN C 80 20.45 -29.08 -4.54
CA ASN C 80 20.14 -29.22 -5.95
C ASN C 80 21.08 -30.22 -6.63
N ASN C 81 21.77 -31.04 -5.85
CA ASN C 81 22.72 -32.04 -6.32
C ASN C 81 22.25 -33.39 -5.77
N THR C 82 21.75 -34.27 -6.64
CA THR C 82 21.11 -35.49 -6.16
C THR C 82 22.07 -36.38 -5.37
N LYS C 83 23.28 -36.58 -5.88
CA LYS C 83 24.23 -37.42 -5.15
C LYS C 83 24.49 -36.87 -3.75
N GLU C 84 24.68 -35.55 -3.64
CA GLU C 84 24.87 -34.94 -2.33
C GLU C 84 23.65 -35.13 -1.45
N SER C 85 22.44 -35.00 -2.03
CA SER C 85 21.23 -35.20 -1.25
C SER C 85 21.16 -36.62 -0.70
N ILE C 86 21.54 -37.61 -1.50
CA ILE C 86 21.53 -38.99 -1.01
C ILE C 86 22.47 -39.14 0.19
N GLU C 87 23.69 -38.61 0.09
CA GLU C 87 24.65 -38.73 1.19
C GLU C 87 24.11 -38.08 2.45
N LEU C 88 23.63 -36.83 2.36
CA LEU C 88 23.01 -36.18 3.51
C LEU C 88 21.87 -37.00 4.07
N ALA C 89 21.04 -37.58 3.19
CA ALA C 89 19.88 -38.31 3.66
C ALA C 89 20.29 -39.58 4.39
N GLN C 90 21.31 -40.27 3.89
CA GLN C 90 21.77 -41.49 4.55
C GLN C 90 22.49 -41.18 5.85
N TYR C 91 23.21 -40.07 5.94
CA TYR C 91 23.79 -39.71 7.23
C TYR C 91 22.69 -39.49 8.25
N ALA C 92 21.69 -38.67 7.89
CA ALA C 92 20.56 -38.45 8.78
C ALA C 92 19.95 -39.77 9.24
N GLN C 93 19.72 -40.70 8.32
CA GLN C 93 19.14 -41.99 8.69
C GLN C 93 20.07 -42.74 9.63
N ASN C 94 21.36 -42.78 9.31
CA ASN C 94 22.30 -43.55 10.11
C ASN C 94 22.56 -42.90 11.46
N THR C 95 22.45 -41.57 11.57
CA THR C 95 22.64 -40.94 12.87
C THR C 95 21.38 -40.95 13.73
N GLY C 96 20.25 -41.38 13.19
CA GLY C 96 19.04 -41.59 13.96
C GLY C 96 17.87 -40.62 13.74
N ALA C 97 17.86 -39.83 12.67
CA ALA C 97 16.73 -38.95 12.40
C ALA C 97 15.48 -39.77 12.06
N ASP C 98 14.31 -39.16 12.27
CA ASP C 98 13.04 -39.84 12.09
C ASP C 98 12.39 -39.62 10.74
N ALA C 99 12.74 -38.55 10.03
CA ALA C 99 12.25 -38.32 8.67
C ALA C 99 13.22 -37.38 7.95
N LEU C 100 12.90 -37.08 6.69
CA LEU C 100 13.79 -36.30 5.83
C LEU C 100 13.01 -35.20 5.14
N LEU C 101 13.54 -33.99 5.17
CA LEU C 101 12.99 -32.86 4.43
C LEU C 101 13.85 -32.63 3.20
N VAL C 102 13.25 -32.75 2.02
CA VAL C 102 13.96 -32.72 0.76
C VAL C 102 13.39 -31.59 -0.10
N VAL C 103 14.18 -30.53 -0.33
CA VAL C 103 13.68 -29.40 -1.12
C VAL C 103 13.66 -29.77 -2.60
N VAL C 104 12.66 -29.25 -3.31
CA VAL C 104 12.71 -29.27 -4.78
C VAL C 104 14.00 -28.57 -5.23
N PRO C 105 14.82 -29.19 -6.08
CA PRO C 105 16.09 -28.58 -6.47
C PRO C 105 15.94 -27.15 -6.97
N TYR C 106 16.83 -26.29 -6.49
CA TYR C 106 16.87 -24.87 -6.82
C TYR C 106 17.94 -24.61 -7.87
N TYR C 107 17.81 -23.45 -8.52
CA TYR C 107 18.81 -22.89 -9.45
C TYR C 107 18.97 -23.64 -10.78
N ASN C 108 19.25 -24.94 -10.77
CA ASN C 108 19.48 -25.62 -12.05
C ASN C 108 18.18 -26.05 -12.76
N LYS C 109 17.02 -25.85 -12.14
CA LYS C 109 15.73 -25.95 -12.80
C LYS C 109 15.53 -27.25 -13.60
N PRO C 110 15.49 -28.39 -12.91
CA PRO C 110 15.08 -29.63 -13.59
C PRO C 110 13.62 -29.57 -14.02
N ASN C 111 13.29 -30.34 -15.05
CA ASN C 111 11.90 -30.52 -15.44
C ASN C 111 11.28 -31.62 -14.57
N LYS C 112 10.03 -31.97 -14.90
CA LYS C 112 9.30 -32.99 -14.15
C LYS C 112 10.05 -34.32 -14.11
N LYS C 113 10.64 -34.73 -15.24
CA LYS C 113 11.40 -35.98 -15.23
C LYS C 113 12.57 -35.89 -14.27
N GLY C 114 13.26 -34.75 -14.26
CA GLY C 114 14.33 -34.54 -13.30
C GLY C 114 13.85 -34.56 -11.85
N LEU C 115 12.64 -34.06 -11.60
CA LEU C 115 12.08 -34.15 -10.27
C LEU C 115 11.87 -35.60 -9.87
N LEU C 116 11.25 -36.38 -10.77
CA LEU C 116 11.01 -37.81 -10.49
C LEU C 116 12.31 -38.54 -10.25
N ALA C 117 13.32 -38.25 -11.07
CA ALA C 117 14.62 -38.90 -10.88
C ALA C 117 15.29 -38.46 -9.58
N HIS C 118 15.15 -37.18 -9.22
CA HIS C 118 15.78 -36.69 -8.00
C HIS C 118 15.14 -37.32 -6.77
N PHE C 119 13.82 -37.16 -6.63
CA PHE C 119 13.14 -37.71 -5.47
C PHE C 119 13.11 -39.23 -5.51
N GLY C 120 13.10 -39.82 -6.71
CA GLY C 120 13.11 -41.27 -6.79
C GLY C 120 14.42 -41.86 -6.34
N SER C 121 15.54 -41.27 -6.78
CA SER C 121 16.87 -41.70 -6.33
C SER C 121 16.99 -41.64 -4.82
N ILE C 122 16.45 -40.59 -4.20
CA ILE C 122 16.55 -40.48 -2.74
C ILE C 122 15.71 -41.54 -2.06
N ALA C 123 14.45 -41.68 -2.49
CA ALA C 123 13.57 -42.69 -1.90
C ALA C 123 14.13 -44.10 -2.04
N ASN C 124 14.95 -44.35 -3.06
CA ASN C 124 15.56 -45.68 -3.22
C ASN C 124 16.68 -45.92 -2.22
N ALA C 125 17.37 -44.85 -1.81
CA ALA C 125 18.60 -45.00 -1.03
C ALA C 125 18.39 -44.94 0.48
N VAL C 126 17.16 -44.75 0.96
CA VAL C 126 16.91 -44.63 2.39
C VAL C 126 15.59 -45.30 2.73
N SER C 127 15.43 -45.62 4.00
CA SER C 127 14.22 -46.21 4.53
C SER C 127 13.31 -45.20 5.22
N LEU C 128 13.81 -44.00 5.50
CA LEU C 128 13.07 -43.04 6.29
C LEU C 128 11.91 -42.43 5.50
N PRO C 129 10.87 -41.96 6.19
CA PRO C 129 9.86 -41.14 5.52
C PRO C 129 10.47 -39.86 4.94
N ILE C 130 9.96 -39.44 3.79
CA ILE C 130 10.48 -38.29 3.07
C ILE C 130 9.36 -37.28 2.93
N TYR C 131 9.67 -36.00 3.20
CA TYR C 131 8.75 -34.90 3.02
C TYR C 131 9.26 -33.99 1.91
N ILE C 132 8.43 -33.77 0.89
CA ILE C 132 8.76 -32.90 -0.23
C ILE C 132 8.64 -31.45 0.22
N TYR C 133 9.69 -30.68 0.03
CA TYR C 133 9.73 -29.26 0.44
C TYR C 133 9.56 -28.43 -0.83
N ASN C 134 8.33 -27.93 -1.05
CA ASN C 134 7.97 -27.13 -2.22
C ASN C 134 7.99 -25.66 -1.82
N ASN C 135 8.90 -24.89 -2.43
CA ASN C 135 9.07 -23.47 -2.09
C ASN C 135 9.54 -22.72 -3.33
N PRO C 136 8.63 -22.51 -4.30
CA PRO C 136 9.05 -21.89 -5.57
C PRO C 136 9.54 -20.45 -5.44
N SER C 137 9.16 -19.73 -4.37
CA SER C 137 9.71 -18.39 -4.16
C SER C 137 11.23 -18.41 -4.00
N ARG C 138 11.81 -19.57 -3.70
CA ARG C 138 13.26 -19.74 -3.66
C ARG C 138 13.81 -20.65 -4.75
N THR C 139 13.01 -21.60 -5.24
CA THR C 139 13.54 -22.59 -6.22
C THR C 139 13.18 -22.27 -7.67
N VAL C 140 12.25 -21.33 -7.89
CA VAL C 140 11.68 -20.90 -9.21
C VAL C 140 10.67 -21.97 -9.67
N ILE C 141 11.12 -23.20 -9.88
CA ILE C 141 10.21 -24.26 -10.32
C ILE C 141 9.33 -24.72 -9.15
N GLU C 142 8.10 -25.10 -9.47
CA GLU C 142 7.13 -25.58 -8.49
C GLU C 142 6.71 -27.00 -8.85
N MET C 143 6.90 -27.94 -7.92
CA MET C 143 6.37 -29.28 -8.17
C MET C 143 4.85 -29.20 -8.26
N ASP C 144 4.29 -29.77 -9.33
CA ASP C 144 2.84 -29.69 -9.47
C ASP C 144 2.17 -30.89 -8.80
N VAL C 145 0.84 -30.82 -8.71
CA VAL C 145 0.10 -31.82 -7.96
C VAL C 145 0.21 -33.20 -8.60
N ASP C 146 0.26 -33.27 -9.94
CA ASP C 146 0.36 -34.57 -10.59
C ASP C 146 1.70 -35.23 -10.27
N THR C 147 2.78 -34.45 -10.34
CA THR C 147 4.09 -34.96 -9.99
C THR C 147 4.13 -35.45 -8.55
N MET C 148 3.57 -34.67 -7.64
CA MET C 148 3.52 -35.06 -6.22
C MET C 148 2.76 -36.38 -6.05
N ALA C 149 1.55 -36.46 -6.60
CA ALA C 149 0.74 -37.67 -6.50
C ALA C 149 1.44 -38.87 -7.14
N GLU C 150 2.22 -38.64 -8.18
CA GLU C 150 2.93 -39.75 -8.81
C GLU C 150 3.98 -40.31 -7.86
N LEU C 151 4.78 -39.41 -7.27
CA LEU C 151 5.78 -39.83 -6.28
C LEU C 151 5.12 -40.54 -5.10
N VAL C 152 4.00 -40.02 -4.62
CA VAL C 152 3.31 -40.63 -3.49
C VAL C 152 2.88 -42.06 -3.82
N LYS C 153 2.34 -42.26 -5.03
CA LYS C 153 1.89 -43.60 -5.41
C LYS C 153 3.06 -44.52 -5.71
N THR C 154 4.14 -43.98 -6.28
CA THR C 154 5.26 -44.81 -6.70
C THR C 154 6.11 -45.29 -5.52
N TYR C 155 6.35 -44.43 -4.53
CA TYR C 155 7.29 -44.71 -3.44
C TYR C 155 6.57 -44.54 -2.11
N SER C 156 6.48 -45.63 -1.35
CA SER C 156 5.66 -45.57 -0.14
C SER C 156 6.32 -44.83 1.01
N ASN C 157 7.60 -44.47 0.89
CA ASN C 157 8.26 -43.64 1.89
C ASN C 157 8.32 -42.16 1.50
N ILE C 158 7.61 -41.76 0.45
CA ILE C 158 7.34 -40.35 0.21
C ILE C 158 5.96 -40.10 0.81
N VAL C 159 5.92 -39.47 1.98
CA VAL C 159 4.74 -39.47 2.83
C VAL C 159 4.11 -38.10 3.02
N GLY C 160 4.82 -37.01 2.75
CA GLY C 160 4.24 -35.72 3.05
C GLY C 160 4.85 -34.57 2.27
N VAL C 161 4.30 -33.39 2.50
CA VAL C 161 4.80 -32.16 1.89
C VAL C 161 4.97 -31.07 2.94
N LYS C 162 5.77 -30.12 2.80
N LYS C 162 5.67 -30.06 2.85
CA LYS C 162 6.14 -28.84 3.45
CA LYS C 162 6.12 -28.77 3.44
C LYS C 162 5.76 -27.87 2.37
C LYS C 162 5.80 -27.83 2.33
N ASP C 163 4.58 -27.41 2.41
CA ASP C 163 4.07 -26.58 1.36
C ASP C 163 4.26 -25.09 1.71
N ALA C 164 5.33 -24.49 1.19
CA ALA C 164 5.66 -23.11 1.45
C ALA C 164 5.16 -22.16 0.35
N THR C 165 4.14 -22.55 -0.42
CA THR C 165 3.65 -21.66 -1.48
C THR C 165 2.82 -20.50 -0.94
N GLY C 166 2.06 -20.73 0.13
CA GLY C 166 1.12 -19.73 0.59
C GLY C 166 -0.18 -19.66 -0.20
N ARG C 167 -0.35 -20.55 -1.19
CA ARG C 167 -1.62 -20.61 -1.95
C ARG C 167 -2.36 -21.85 -1.45
N ILE C 168 -3.30 -21.66 -0.53
CA ILE C 168 -3.88 -22.80 0.17
C ILE C 168 -4.80 -23.65 -0.72
N GLU C 169 -5.21 -23.14 -1.88
CA GLU C 169 -5.93 -24.02 -2.80
C GLU C 169 -5.10 -25.24 -3.17
N LEU C 170 -3.77 -25.13 -3.10
CA LEU C 170 -2.91 -26.28 -3.38
C LEU C 170 -3.03 -27.34 -2.31
N ALA C 171 -3.33 -26.95 -1.07
CA ALA C 171 -3.58 -27.93 -0.03
C ALA C 171 -4.78 -28.80 -0.38
N SER C 172 -5.87 -28.18 -0.89
CA SER C 172 -7.01 -28.97 -1.34
C SER C 172 -6.63 -29.88 -2.51
N GLY C 173 -5.97 -29.33 -3.52
CA GLY C 173 -5.61 -30.15 -4.68
C GLY C 173 -4.74 -31.34 -4.29
N GLN C 174 -3.82 -31.12 -3.35
CA GLN C 174 -2.89 -32.15 -2.93
C GLN C 174 -3.58 -33.18 -2.05
N ARG C 175 -4.55 -32.73 -1.24
CA ARG C 175 -5.32 -33.66 -0.43
C ARG C 175 -6.14 -34.61 -1.30
N ILE C 176 -6.70 -34.09 -2.39
CA ILE C 176 -7.52 -34.94 -3.25
C ILE C 176 -6.66 -35.89 -4.06
N ALA C 177 -5.57 -35.37 -4.65
CA ALA C 177 -4.75 -36.19 -5.54
C ALA C 177 -3.91 -37.20 -4.79
N CYS C 178 -3.35 -36.84 -3.64
CA CYS C 178 -2.50 -37.75 -2.89
C CYS C 178 -3.23 -38.51 -1.79
N GLY C 179 -4.52 -38.28 -1.59
CA GLY C 179 -5.24 -38.93 -0.50
C GLY C 179 -5.13 -38.17 0.81
N SER C 180 -6.07 -38.47 1.71
CA SER C 180 -6.06 -37.83 3.02
C SER C 180 -4.98 -38.39 3.93
N ASP C 181 -4.46 -39.59 3.63
CA ASP C 181 -3.32 -40.17 4.33
C ASP C 181 -2.04 -39.38 4.13
N PHE C 182 -1.97 -38.53 3.10
CA PHE C 182 -0.82 -37.71 2.81
C PHE C 182 -0.68 -36.63 3.88
N ILE C 183 0.54 -36.44 4.40
CA ILE C 183 0.78 -35.50 5.50
C ILE C 183 1.15 -34.13 4.94
N GLN C 184 0.30 -33.13 5.15
CA GLN C 184 0.54 -31.78 4.65
C GLN C 184 0.93 -30.87 5.81
N LEU C 185 2.13 -30.31 5.75
CA LEU C 185 2.63 -29.32 6.70
C LEU C 185 2.82 -27.99 6.01
N SER C 186 2.38 -26.91 6.67
CA SER C 186 2.54 -25.59 6.10
C SER C 186 4.00 -25.15 6.22
N GLY C 187 4.49 -24.45 5.21
CA GLY C 187 5.83 -23.88 5.25
C GLY C 187 5.78 -22.36 5.20
N ASP C 188 4.59 -21.80 5.44
CA ASP C 188 4.37 -20.36 5.39
C ASP C 188 3.61 -19.97 6.66
N ASP C 189 4.32 -19.39 7.63
CA ASP C 189 3.71 -19.07 8.93
C ASP C 189 2.42 -18.28 8.79
N SER C 190 2.41 -17.28 7.89
CA SER C 190 1.30 -16.35 7.82
C SER C 190 0.01 -16.96 7.28
N SER C 191 0.07 -18.11 6.61
CA SER C 191 -1.14 -18.78 6.13
C SER C 191 -1.31 -20.17 6.74
N ALA C 192 -0.51 -20.52 7.74
CA ALA C 192 -0.62 -21.81 8.40
C ALA C 192 -2.03 -22.11 8.89
N LEU C 193 -2.76 -21.07 9.30
CA LEU C 193 -4.09 -21.25 9.87
C LEU C 193 -5.06 -21.80 8.83
N GLY C 194 -5.13 -21.16 7.66
CA GLY C 194 -6.01 -21.63 6.61
C GLY C 194 -5.51 -22.90 5.97
N PHE C 195 -4.18 -23.07 5.88
CA PHE C 195 -3.62 -24.33 5.40
C PHE C 195 -4.20 -25.51 6.16
N ASN C 196 -4.24 -25.41 7.48
CA ASN C 196 -4.69 -26.55 8.28
C ASN C 196 -6.18 -26.81 8.10
N VAL C 197 -6.99 -25.76 7.93
CA VAL C 197 -8.42 -26.01 7.76
C VAL C 197 -8.70 -26.64 6.38
N HIS C 198 -7.82 -26.43 5.41
CA HIS C 198 -7.91 -27.12 4.13
C HIS C 198 -7.36 -28.55 4.18
N GLY C 199 -6.81 -28.98 5.32
CA GLY C 199 -6.35 -30.35 5.43
C GLY C 199 -4.97 -30.50 6.02
N GLY C 200 -4.26 -29.39 6.25
CA GLY C 200 -2.96 -29.49 6.89
C GLY C 200 -3.05 -29.91 8.33
N VAL C 201 -1.94 -30.43 8.86
CA VAL C 201 -1.89 -30.88 10.25
C VAL C 201 -0.81 -30.16 11.05
N GLY C 202 -0.07 -29.25 10.44
CA GLY C 202 0.92 -28.51 11.19
C GLY C 202 1.62 -27.49 10.33
N CYS C 203 2.69 -26.94 10.91
CA CYS C 203 3.49 -25.91 10.26
C CYS C 203 4.96 -26.11 10.62
N ILE C 204 5.81 -26.14 9.62
CA ILE C 204 7.25 -26.04 9.83
C ILE C 204 7.59 -24.56 9.75
N SER C 205 7.92 -23.97 10.89
CA SER C 205 7.69 -22.56 11.15
C SER C 205 9.00 -21.82 11.37
N VAL C 206 9.10 -20.65 10.76
CA VAL C 206 10.18 -19.73 11.10
C VAL C 206 9.90 -19.04 12.43
N THR C 207 8.66 -18.59 12.63
CA THR C 207 8.33 -17.80 13.82
C THR C 207 8.51 -18.61 15.11
N ALA C 208 8.27 -19.91 15.04
CA ALA C 208 8.37 -20.72 16.24
C ALA C 208 9.77 -20.68 16.87
N ASN C 209 10.79 -20.33 16.09
CA ASN C 209 12.12 -20.10 16.66
C ASN C 209 12.09 -19.00 17.71
N VAL C 210 11.28 -17.97 17.47
CA VAL C 210 11.27 -16.76 18.31
C VAL C 210 10.21 -16.87 19.41
N ALA C 211 9.02 -17.34 19.08
CA ALA C 211 7.91 -17.44 20.02
C ALA C 211 7.34 -18.86 20.06
N PRO C 212 8.11 -19.84 20.55
CA PRO C 212 7.64 -21.24 20.45
C PRO C 212 6.36 -21.52 21.21
N ARG C 213 6.18 -20.91 22.38
CA ARG C 213 5.02 -21.24 23.19
C ARG C 213 3.74 -20.78 22.51
N ILE C 214 3.72 -19.55 22.02
CA ILE C 214 2.48 -19.03 21.41
C ILE C 214 2.19 -19.77 20.12
N CYS C 215 3.21 -20.01 19.28
CA CYS C 215 3.00 -20.85 18.10
C CYS C 215 2.46 -22.22 18.49
N ALA C 216 2.98 -22.81 19.56
CA ALA C 216 2.45 -24.09 20.00
C ALA C 216 0.98 -23.98 20.41
N GLU C 217 0.63 -22.93 21.16
CA GLU C 217 -0.76 -22.77 21.57
C GLU C 217 -1.67 -22.48 20.39
N PHE C 218 -1.15 -21.73 19.41
CA PHE C 218 -1.86 -21.50 18.16
C PHE C 218 -2.23 -22.83 17.50
N GLN C 219 -1.24 -23.70 17.29
CA GLN C 219 -1.52 -24.98 16.67
C GLN C 219 -2.38 -25.88 17.57
N LYS C 220 -2.19 -25.82 18.88
CA LYS C 220 -3.05 -26.59 19.77
C LYS C 220 -4.50 -26.18 19.60
N ALA C 221 -4.76 -24.87 19.52
CA ALA C 221 -6.11 -24.39 19.30
C ALA C 221 -6.73 -24.96 18.02
N ILE C 222 -5.96 -24.98 16.92
CA ILE C 222 -6.48 -25.46 15.65
C ILE C 222 -6.83 -26.94 15.76
N SER C 223 -5.92 -27.74 16.34
CA SER C 223 -6.13 -29.17 16.42
C SER C 223 -7.32 -29.51 17.30
N GLU C 224 -7.61 -28.68 18.29
CA GLU C 224 -8.82 -28.86 19.09
C GLU C 224 -10.07 -28.30 18.41
N GLY C 225 -9.95 -27.80 17.18
CA GLY C 225 -11.08 -27.22 16.50
C GLY C 225 -11.57 -25.89 17.04
N ASP C 226 -10.80 -25.23 17.91
CA ASP C 226 -11.20 -23.93 18.45
C ASP C 226 -10.69 -22.85 17.49
N TYR C 227 -11.48 -22.63 16.43
CA TYR C 227 -10.99 -21.76 15.38
C TYR C 227 -11.16 -20.30 15.74
N ARG C 228 -12.13 -19.97 16.59
CA ARG C 228 -12.21 -18.62 17.11
C ARG C 228 -10.95 -18.25 17.87
N GLN C 229 -10.49 -19.13 18.77
CA GLN C 229 -9.31 -18.80 19.56
C GLN C 229 -8.05 -18.89 18.71
N ALA C 230 -8.03 -19.78 17.71
CA ALA C 230 -6.92 -19.78 16.77
C ALA C 230 -6.82 -18.45 16.03
N LEU C 231 -7.97 -17.82 15.72
CA LEU C 231 -7.94 -16.53 15.04
C LEU C 231 -7.40 -15.42 15.95
N GLU C 232 -7.67 -15.47 17.25
CA GLU C 232 -7.04 -14.51 18.16
C GLU C 232 -5.53 -14.65 18.13
N TYR C 233 -5.02 -15.89 18.12
CA TYR C 233 -3.58 -16.09 18.07
C TYR C 233 -3.01 -15.56 16.77
N GLN C 234 -3.71 -15.83 15.66
CA GLN C 234 -3.27 -15.34 14.36
C GLN C 234 -3.09 -13.82 14.38
N ASP C 235 -4.01 -13.09 15.03
CA ASP C 235 -3.88 -11.64 15.07
C ASP C 235 -2.71 -11.20 15.96
N LYS C 236 -2.39 -11.96 17.01
CA LYS C 236 -1.24 -11.64 17.85
C LYS C 236 0.07 -11.88 17.11
N LEU C 237 0.15 -12.98 16.33
CA LEU C 237 1.39 -13.47 15.73
C LEU C 237 1.66 -12.88 14.35
N PHE C 238 0.62 -12.53 13.61
CA PHE C 238 0.79 -12.04 12.24
C PHE C 238 1.79 -10.90 12.14
N PRO C 239 1.75 -9.86 12.97
CA PRO C 239 2.76 -8.81 12.82
C PRO C 239 4.16 -9.33 13.02
N LEU C 240 4.35 -10.30 13.91
CA LEU C 240 5.67 -10.89 14.08
C LEU C 240 6.05 -11.74 12.89
N HIS C 241 5.09 -12.54 12.36
CA HIS C 241 5.32 -13.31 11.13
C HIS C 241 5.87 -12.40 10.05
N GLN C 242 5.22 -11.26 9.83
CA GLN C 242 5.58 -10.36 8.74
C GLN C 242 6.86 -9.58 9.04
N ALA C 243 7.04 -9.13 10.29
CA ALA C 243 8.25 -8.39 10.61
C ALA C 243 9.49 -9.23 10.39
N LEU C 244 9.38 -10.55 10.56
CA LEU C 244 10.55 -11.41 10.47
C LEU C 244 11.08 -11.60 9.04
N PHE C 245 10.33 -11.23 8.00
CA PHE C 245 10.91 -11.36 6.67
C PHE C 245 10.94 -10.03 5.90
N ILE C 246 10.88 -8.89 6.59
CA ILE C 246 11.19 -7.61 5.94
C ILE C 246 12.56 -7.72 5.26
N GLU C 247 13.52 -8.18 6.01
CA GLU C 247 14.83 -8.59 5.56
C GLU C 247 14.95 -10.10 5.81
N PRO C 248 16.00 -10.75 5.31
CA PRO C 248 16.05 -12.22 5.38
C PRO C 248 15.75 -12.77 6.77
N SER C 249 14.92 -13.81 6.81
CA SER C 249 14.43 -14.36 8.07
C SER C 249 15.57 -14.75 9.00
N ILE C 250 16.70 -15.22 8.46
CA ILE C 250 17.74 -15.80 9.28
C ILE C 250 18.36 -14.75 10.20
N SER C 251 18.78 -13.62 9.64
CA SER C 251 19.24 -12.52 10.47
C SER C 251 18.13 -12.00 11.37
N SER C 252 16.92 -11.88 10.84
CA SER C 252 15.81 -11.33 11.62
C SER C 252 15.54 -12.18 12.87
N VAL C 253 15.57 -13.50 12.73
CA VAL C 253 15.27 -14.37 13.86
C VAL C 253 16.35 -14.28 14.91
N LYS C 254 17.63 -14.25 14.48
CA LYS C 254 18.72 -14.14 15.44
C LYS C 254 18.70 -12.80 16.16
N TYR C 255 18.35 -11.73 15.45
CA TYR C 255 18.16 -10.44 16.12
C TYR C 255 17.03 -10.53 17.15
N ALA C 256 15.92 -11.16 16.79
CA ALA C 256 14.80 -11.24 17.71
C ALA C 256 15.14 -12.10 18.93
N LEU C 257 15.83 -13.20 18.72
CA LEU C 257 16.24 -14.03 19.85
C LEU C 257 17.18 -13.25 20.77
N SER C 258 18.12 -12.50 20.18
CA SER C 258 18.98 -11.61 20.96
C SER C 258 18.16 -10.66 21.83
N ARG C 259 17.24 -9.91 21.22
CA ARG C 259 16.40 -8.98 21.97
C ARG C 259 15.58 -9.68 23.04
N LEU C 260 15.28 -10.96 22.87
CA LEU C 260 14.59 -11.71 23.91
C LEU C 260 15.52 -12.07 25.07
N GLY C 261 16.83 -11.90 24.91
CA GLY C 261 17.77 -12.27 25.93
C GLY C 261 18.31 -13.68 25.84
N ARG C 262 17.91 -14.45 24.84
CA ARG C 262 18.46 -15.80 24.70
C ARG C 262 19.93 -15.74 24.31
N ASN C 263 20.64 -16.83 24.60
CA ASN C 263 22.09 -16.91 24.35
C ASN C 263 22.33 -17.35 22.91
N VAL C 264 21.99 -16.47 21.98
CA VAL C 264 22.17 -16.74 20.56
C VAL C 264 22.88 -15.55 19.92
N SER C 265 24.05 -15.82 19.34
CA SER C 265 24.83 -14.85 18.59
C SER C 265 24.01 -14.22 17.46
N LEU C 266 24.45 -13.04 17.03
CA LEU C 266 23.92 -12.41 15.84
C LEU C 266 24.62 -12.86 14.56
N VAL C 267 25.75 -13.56 14.68
CA VAL C 267 26.54 -13.94 13.51
C VAL C 267 25.68 -14.75 12.53
N VAL C 268 25.79 -14.42 11.25
CA VAL C 268 25.27 -15.22 10.15
C VAL C 268 26.40 -15.33 9.14
N ARG C 269 26.18 -16.14 8.10
CA ARG C 269 27.23 -16.37 7.11
C ARG C 269 26.87 -15.73 5.78
N ALA C 270 27.81 -14.96 5.22
CA ALA C 270 27.61 -14.35 3.93
C ALA C 270 27.18 -15.41 2.92
N PRO C 271 26.30 -15.08 1.95
CA PRO C 271 25.78 -13.75 1.62
C PRO C 271 24.65 -13.21 2.52
N MET C 272 24.29 -13.89 3.60
CA MET C 272 23.48 -13.26 4.63
C MET C 272 24.33 -12.25 5.42
N VAL C 273 23.71 -11.15 5.89
CA VAL C 273 24.40 -10.16 6.71
C VAL C 273 23.66 -9.98 8.03
N SER C 274 24.42 -9.64 9.08
CA SER C 274 23.87 -9.40 10.41
C SER C 274 23.11 -8.08 10.51
N ILE C 275 23.57 -7.07 9.79
CA ILE C 275 23.10 -5.72 10.04
C ILE C 275 21.69 -5.55 9.48
N LEU C 276 20.80 -5.02 10.31
CA LEU C 276 19.43 -4.75 9.94
C LEU C 276 19.20 -3.25 9.90
N GLU C 277 18.34 -2.80 8.97
CA GLU C 277 17.93 -1.41 8.99
C GLU C 277 17.26 -1.08 10.32
N LYS C 278 17.41 0.17 10.77
CA LYS C 278 16.76 0.55 12.02
C LYS C 278 15.24 0.36 11.95
N GLU C 279 14.66 0.56 10.77
CA GLU C 279 13.21 0.37 10.60
C GLU C 279 12.84 -1.10 10.75
N THR C 280 13.67 -2.00 10.23
CA THR C 280 13.43 -3.44 10.40
C THR C 280 13.48 -3.83 11.87
N MET C 281 14.57 -3.45 12.55
CA MET C 281 14.71 -3.75 13.98
C MET C 281 13.52 -3.25 14.77
N PHE C 282 13.08 -2.01 14.50
CA PHE C 282 11.96 -1.46 15.26
C PHE C 282 10.67 -2.19 14.96
N ALA C 283 10.44 -2.55 13.68
CA ALA C 283 9.28 -3.38 13.36
C ALA C 283 9.31 -4.72 14.13
N ILE C 284 10.48 -5.35 14.22
CA ILE C 284 10.59 -6.61 14.98
C ILE C 284 10.34 -6.37 16.48
N ASP C 285 10.99 -5.34 17.06
CA ASP C 285 10.77 -4.99 18.47
C ASP C 285 9.30 -4.74 18.76
N GLN C 286 8.61 -3.99 17.89
CA GLN C 286 7.21 -3.68 18.17
C GLN C 286 6.33 -4.93 18.10
N ALA C 287 6.64 -5.83 17.15
CA ALA C 287 5.89 -7.07 17.05
C ALA C 287 6.11 -7.95 18.29
N LEU C 288 7.33 -7.94 18.84
CA LEU C 288 7.59 -8.66 20.08
C LEU C 288 6.89 -8.01 21.27
N ASP C 289 6.89 -6.68 21.34
CA ASP C 289 6.14 -6.01 22.40
C ASP C 289 4.66 -6.40 22.34
N HIS C 290 4.13 -6.54 21.13
CA HIS C 290 2.70 -6.83 20.97
C HIS C 290 2.33 -8.19 21.57
N ILE C 291 3.35 -9.04 21.66
CA ILE C 291 3.19 -10.35 22.36
C ILE C 291 3.72 -10.15 23.80
N GLY C 292 3.37 -8.98 24.36
CA GLY C 292 3.57 -8.41 25.72
C GLY C 292 4.79 -8.96 26.39
N LEU C 293 5.61 -9.44 25.54
CA LEU C 293 6.76 -10.27 25.88
C LEU C 293 7.80 -9.21 26.09
N CYS C 294 8.63 -9.06 25.09
CA CYS C 294 9.68 -8.11 25.46
C CYS C 294 9.25 -7.17 26.61
N ALA C 295 8.30 -6.25 26.41
CA ALA C 295 8.24 -5.14 27.37
C ALA C 295 7.44 -5.51 28.61
N GLY C 296 6.22 -6.02 28.42
CA GLY C 296 5.30 -6.33 29.51
C GLY C 296 5.82 -7.19 30.65
N MET D 1 -24.58 -7.84 6.78
CA MET D 1 -25.53 -7.71 5.68
C MET D 1 -25.27 -8.76 4.60
N PHE D 2 -24.01 -8.84 4.16
CA PHE D 2 -23.56 -9.79 3.16
C PHE D 2 -22.74 -10.87 3.84
N GLN D 3 -23.10 -12.11 3.61
CA GLN D 3 -22.38 -13.24 4.23
C GLN D 3 -22.69 -14.51 3.46
N ARG D 4 -21.91 -15.54 3.75
CA ARG D 4 -22.10 -16.88 3.16
C ARG D 4 -21.98 -16.87 1.64
N SER D 5 -22.83 -17.62 0.96
CA SER D 5 -22.70 -17.80 -0.49
C SER D 5 -23.43 -16.71 -1.29
N ILE D 6 -22.68 -15.98 -2.10
CA ILE D 6 -23.23 -14.91 -2.91
C ILE D 6 -22.80 -15.13 -4.35
N PRO D 7 -23.72 -15.51 -5.26
CA PRO D 7 -23.31 -15.72 -6.66
C PRO D 7 -23.01 -14.40 -7.33
N ALA D 8 -21.87 -14.34 -8.02
CA ALA D 8 -21.64 -13.35 -9.07
C ALA D 8 -22.44 -13.83 -10.28
N LEU D 9 -23.68 -13.35 -10.38
CA LEU D 9 -24.65 -13.90 -11.33
C LEU D 9 -24.17 -13.74 -12.78
N ILE D 10 -24.31 -14.83 -13.55
CA ILE D 10 -24.10 -14.72 -14.99
C ILE D 10 -25.16 -13.80 -15.60
N THR D 11 -24.87 -13.32 -16.80
CA THR D 11 -25.90 -12.63 -17.59
C THR D 11 -26.30 -13.49 -18.77
N PRO D 12 -27.50 -14.08 -18.80
CA PRO D 12 -27.87 -14.94 -19.93
C PRO D 12 -28.31 -14.11 -21.12
N PHE D 13 -27.97 -14.59 -22.32
CA PHE D 13 -28.32 -13.96 -23.59
C PHE D 13 -29.17 -14.91 -24.44
N THR D 14 -29.73 -14.37 -25.53
CA THR D 14 -30.50 -15.08 -26.56
C THR D 14 -29.70 -15.15 -27.86
N LYS D 15 -30.25 -15.86 -28.86
CA LYS D 15 -29.64 -15.93 -30.21
C LYS D 15 -29.32 -14.55 -30.70
N ASP D 16 -30.34 -13.70 -30.74
CA ASP D 16 -30.37 -12.35 -31.20
C ASP D 16 -29.55 -11.42 -30.35
N ASN D 17 -28.82 -12.03 -29.39
CA ASN D 17 -27.84 -11.33 -28.56
C ASN D 17 -28.53 -10.29 -27.68
N LEU D 18 -29.72 -10.63 -27.20
CA LEU D 18 -30.46 -9.79 -26.28
C LEU D 18 -30.39 -10.42 -24.90
N ILE D 19 -30.52 -9.58 -23.87
CA ILE D 19 -30.54 -10.10 -22.51
C ILE D 19 -31.74 -11.00 -22.34
N ASP D 20 -31.51 -12.26 -21.99
CA ASP D 20 -32.60 -13.19 -21.76
C ASP D 20 -33.17 -12.92 -20.37
N GLU D 21 -34.07 -11.95 -20.31
CA GLU D 21 -34.61 -11.50 -19.04
C GLU D 21 -35.34 -12.63 -18.32
N ASP D 22 -36.12 -13.42 -19.07
CA ASP D 22 -36.84 -14.54 -18.48
C ASP D 22 -35.88 -15.50 -17.78
N SER D 23 -34.77 -15.85 -18.44
CA SER D 23 -33.81 -16.77 -17.86
C SER D 23 -33.09 -16.15 -16.66
N PHE D 24 -32.70 -14.88 -16.77
CA PHE D 24 -32.06 -14.19 -15.65
C PHE D 24 -32.95 -14.21 -14.40
N VAL D 25 -34.23 -13.86 -14.57
CA VAL D 25 -35.18 -13.91 -13.46
C VAL D 25 -35.27 -15.32 -12.87
N ASP D 26 -35.48 -16.32 -13.72
CA ASP D 26 -35.61 -17.68 -13.21
C ASP D 26 -34.33 -18.13 -12.51
N HIS D 27 -33.17 -17.71 -13.01
CA HIS D 27 -31.91 -18.04 -12.36
C HIS D 27 -31.83 -17.41 -10.97
N ILE D 28 -32.20 -16.13 -10.84
CA ILE D 28 -32.20 -15.47 -9.54
C ILE D 28 -33.15 -16.19 -8.59
N GLU D 29 -34.38 -16.48 -9.06
CA GLU D 29 -35.36 -17.17 -8.23
C GLU D 29 -34.83 -18.50 -7.75
N TRP D 30 -34.21 -19.25 -8.66
CA TRP D 30 -33.59 -20.52 -8.31
C TRP D 30 -32.46 -20.30 -7.29
N GLN D 31 -31.63 -19.27 -7.51
CA GLN D 31 -30.53 -19.02 -6.58
C GLN D 31 -31.06 -18.75 -5.17
N ILE D 32 -32.16 -18.00 -5.07
CA ILE D 32 -32.75 -17.74 -3.77
C ILE D 32 -33.36 -19.00 -3.19
N SER D 33 -34.08 -19.77 -4.02
CA SER D 33 -34.64 -21.04 -3.57
C SER D 33 -33.57 -21.99 -3.03
N GLU D 34 -32.41 -22.05 -3.68
CA GLU D 34 -31.38 -23.00 -3.30
C GLU D 34 -30.54 -22.57 -2.11
N GLY D 35 -30.64 -21.31 -1.68
CA GLY D 35 -30.01 -20.91 -0.44
C GLY D 35 -28.98 -19.79 -0.52
N SER D 36 -28.79 -19.21 -1.70
CA SER D 36 -27.85 -18.11 -1.80
C SER D 36 -28.33 -16.95 -0.93
N SER D 37 -27.39 -16.26 -0.30
CA SER D 37 -27.72 -15.27 0.72
C SER D 37 -27.67 -13.83 0.21
N GLY D 38 -27.21 -13.63 -1.02
CA GLY D 38 -27.14 -12.32 -1.65
C GLY D 38 -26.85 -12.53 -3.11
N LEU D 39 -26.87 -11.43 -3.86
CA LEU D 39 -26.70 -11.50 -5.30
C LEU D 39 -25.76 -10.39 -5.76
N VAL D 40 -24.94 -10.69 -6.76
CA VAL D 40 -24.08 -9.69 -7.40
C VAL D 40 -24.41 -9.65 -8.87
N PRO D 41 -25.26 -8.72 -9.31
CA PRO D 41 -25.54 -8.58 -10.73
C PRO D 41 -24.49 -7.72 -11.42
N ALA D 42 -24.19 -8.10 -12.67
CA ALA D 42 -23.37 -7.31 -13.60
C ALA D 42 -21.94 -7.15 -13.10
N GLY D 43 -21.40 -8.20 -12.51
CA GLY D 43 -19.98 -8.25 -12.21
C GLY D 43 -19.21 -8.92 -13.32
N THR D 44 -18.02 -9.40 -12.97
CA THR D 44 -17.14 -10.03 -13.95
C THR D 44 -17.79 -11.27 -14.58
N THR D 45 -18.32 -12.16 -13.74
CA THR D 45 -19.01 -13.34 -14.26
C THR D 45 -20.27 -12.97 -15.01
N GLY D 46 -20.86 -11.82 -14.69
CA GLY D 46 -21.98 -11.25 -15.42
C GLY D 46 -21.62 -10.63 -16.75
N GLU D 47 -20.35 -10.67 -17.15
CA GLU D 47 -19.90 -10.12 -18.43
C GLU D 47 -20.15 -8.61 -18.53
N SER D 48 -19.88 -7.87 -17.45
CA SER D 48 -20.20 -6.44 -17.46
C SER D 48 -19.45 -5.72 -18.57
N SER D 49 -18.28 -6.22 -18.95
CA SER D 49 -17.47 -5.55 -19.95
C SER D 49 -18.07 -5.59 -21.35
N THR D 50 -18.93 -6.56 -21.65
CA THR D 50 -19.57 -6.57 -22.96
C THR D 50 -21.02 -6.12 -22.91
N LEU D 51 -21.48 -5.63 -21.76
CA LEU D 51 -22.79 -5.02 -21.66
C LEU D 51 -22.68 -3.55 -21.98
N SER D 52 -23.67 -3.05 -22.73
CA SER D 52 -23.82 -1.61 -22.89
C SER D 52 -24.15 -0.97 -21.54
N TYR D 53 -24.01 0.35 -21.46
CA TYR D 53 -24.35 1.04 -20.21
C TYR D 53 -25.80 0.77 -19.83
N GLU D 54 -26.71 0.89 -20.80
CA GLU D 54 -28.13 0.70 -20.53
C GLU D 54 -28.44 -0.76 -20.18
N GLU D 55 -27.79 -1.72 -20.85
CA GLU D 55 -27.99 -3.12 -20.49
C GLU D 55 -27.55 -3.38 -19.05
N HIS D 56 -26.36 -2.89 -18.68
CA HIS D 56 -25.83 -3.02 -17.33
C HIS D 56 -26.84 -2.56 -16.29
N CYS D 57 -27.37 -1.34 -16.46
CA CYS D 57 -28.38 -0.83 -15.54
C CYS D 57 -29.61 -1.72 -15.52
N ARG D 58 -30.08 -2.14 -16.69
CA ARG D 58 -31.24 -3.04 -16.75
C ARG D 58 -30.98 -4.33 -15.98
N VAL D 59 -29.77 -4.88 -16.08
CA VAL D 59 -29.47 -6.10 -15.36
C VAL D 59 -29.56 -5.86 -13.85
N VAL D 60 -28.95 -4.75 -13.36
CA VAL D 60 -29.05 -4.41 -11.95
C VAL D 60 -30.51 -4.19 -11.56
N GLU D 61 -31.23 -3.39 -12.34
CA GLU D 61 -32.63 -3.09 -12.04
C GLU D 61 -33.44 -4.38 -11.95
N LEU D 62 -33.29 -5.25 -12.94
CA LEU D 62 -34.03 -6.50 -12.97
C LEU D 62 -33.66 -7.39 -11.78
N CYS D 63 -32.38 -7.43 -11.41
CA CYS D 63 -31.97 -8.23 -10.26
C CYS D 63 -32.56 -7.68 -8.96
N VAL D 64 -32.49 -6.35 -8.78
CA VAL D 64 -33.07 -5.71 -7.59
C VAL D 64 -34.58 -5.99 -7.51
N LYS D 65 -35.27 -5.85 -8.64
CA LYS D 65 -36.72 -6.03 -8.64
C LYS D 65 -37.10 -7.48 -8.37
N THR D 66 -36.35 -8.43 -8.96
CA THR D 66 -36.64 -9.84 -8.73
C THR D 66 -36.39 -10.22 -7.28
N ALA D 67 -35.24 -9.83 -6.73
CA ALA D 67 -34.89 -10.16 -5.35
C ALA D 67 -35.98 -9.74 -4.37
N ALA D 68 -36.63 -8.60 -4.65
CA ALA D 68 -37.77 -8.12 -3.85
C ALA D 68 -37.43 -8.05 -2.37
N GLY D 69 -36.22 -7.60 -2.07
CA GLY D 69 -35.81 -7.47 -0.68
C GLY D 69 -35.67 -8.76 0.08
N ARG D 70 -35.81 -9.91 -0.58
CA ARG D 70 -35.62 -11.16 0.13
C ARG D 70 -34.17 -11.38 0.51
N VAL D 71 -33.24 -11.07 -0.40
CA VAL D 71 -31.81 -11.12 -0.13
C VAL D 71 -31.20 -9.78 -0.56
N PRO D 72 -30.09 -9.35 0.01
CA PRO D 72 -29.49 -8.09 -0.42
C PRO D 72 -28.84 -8.23 -1.79
N VAL D 73 -28.80 -7.12 -2.52
CA VAL D 73 -28.19 -7.07 -3.84
C VAL D 73 -26.99 -6.13 -3.77
N MET D 74 -25.84 -6.62 -4.24
CA MET D 74 -24.63 -5.83 -4.33
C MET D 74 -24.38 -5.62 -5.82
N ALA D 75 -24.79 -4.46 -6.33
CA ALA D 75 -24.69 -4.18 -7.75
C ALA D 75 -23.24 -3.99 -8.18
N GLY D 76 -22.86 -4.65 -9.27
CA GLY D 76 -21.60 -4.32 -9.90
C GLY D 76 -21.64 -2.88 -10.39
N ALA D 77 -20.61 -2.12 -10.06
CA ALA D 77 -20.60 -0.70 -10.42
C ALA D 77 -19.19 -0.23 -10.74
N GLY D 78 -18.34 -1.11 -11.23
CA GLY D 78 -16.93 -0.81 -11.38
C GLY D 78 -16.53 -0.80 -12.84
N SER D 79 -15.87 0.28 -13.25
CA SER D 79 -15.12 0.25 -14.49
C SER D 79 -13.75 0.86 -14.24
N ASN D 80 -12.96 1.04 -15.30
CA ASN D 80 -11.68 1.73 -15.16
C ASN D 80 -11.79 3.20 -15.55
N ASN D 81 -13.03 3.70 -15.66
CA ASN D 81 -13.34 5.11 -15.95
C ASN D 81 -14.16 5.60 -14.76
N THR D 82 -13.60 6.57 -14.00
CA THR D 82 -14.23 6.98 -12.75
C THR D 82 -15.60 7.64 -12.99
N LYS D 83 -15.73 8.47 -14.02
CA LYS D 83 -17.05 9.06 -14.27
C LYS D 83 -18.08 7.98 -14.58
N GLU D 84 -17.72 7.01 -15.41
CA GLU D 84 -18.63 5.89 -15.68
C GLU D 84 -19.02 5.17 -14.39
N SER D 85 -18.05 4.90 -13.49
CA SER D 85 -18.39 4.12 -12.30
C SER D 85 -19.36 4.88 -11.42
N ILE D 86 -19.21 6.20 -11.35
CA ILE D 86 -20.12 7.01 -10.56
C ILE D 86 -21.54 6.91 -11.12
N GLU D 87 -21.67 6.98 -12.46
CA GLU D 87 -22.98 6.86 -13.08
C GLU D 87 -23.62 5.50 -12.82
N LEU D 88 -22.83 4.42 -12.93
CA LEU D 88 -23.32 3.08 -12.60
C LEU D 88 -23.72 3.00 -11.13
N ALA D 89 -22.88 3.53 -10.24
CA ALA D 89 -23.15 3.43 -8.81
C ALA D 89 -24.39 4.24 -8.43
N GLN D 90 -24.56 5.40 -9.05
CA GLN D 90 -25.73 6.24 -8.75
C GLN D 90 -26.99 5.60 -9.30
N TYR D 91 -26.95 5.07 -10.52
CA TYR D 91 -28.13 4.35 -11.01
C TYR D 91 -28.47 3.20 -10.10
N ALA D 92 -27.45 2.46 -9.62
CA ALA D 92 -27.72 1.32 -8.76
C ALA D 92 -28.40 1.76 -7.47
N GLN D 93 -27.93 2.87 -6.90
CA GLN D 93 -28.56 3.40 -5.70
C GLN D 93 -29.98 3.83 -5.98
N ASN D 94 -30.20 4.52 -7.11
CA ASN D 94 -31.52 5.04 -7.43
C ASN D 94 -32.53 3.93 -7.72
N THR D 95 -32.07 2.76 -8.17
CA THR D 95 -32.99 1.64 -8.40
C THR D 95 -33.25 0.82 -7.15
N GLY D 96 -32.44 1.00 -6.12
CA GLY D 96 -32.66 0.30 -4.87
C GLY D 96 -31.75 -0.86 -4.57
N ALA D 97 -30.55 -0.90 -5.15
CA ALA D 97 -29.54 -1.85 -4.71
C ALA D 97 -29.11 -1.56 -3.27
N ASP D 98 -28.62 -2.59 -2.60
CA ASP D 98 -28.24 -2.49 -1.19
C ASP D 98 -26.78 -2.13 -0.97
N ALA D 99 -25.94 -2.31 -1.97
CA ALA D 99 -24.51 -2.02 -1.84
C ALA D 99 -23.94 -1.98 -3.25
N LEU D 100 -22.62 -1.79 -3.32
CA LEU D 100 -21.95 -1.60 -4.60
C LEU D 100 -20.67 -2.40 -4.60
N LEU D 101 -20.34 -2.97 -5.75
CA LEU D 101 -19.10 -3.71 -5.93
C LEU D 101 -18.26 -2.92 -6.91
N VAL D 102 -17.10 -2.45 -6.47
CA VAL D 102 -16.28 -1.54 -7.28
C VAL D 102 -14.91 -2.15 -7.49
N VAL D 103 -14.61 -2.55 -8.73
CA VAL D 103 -13.33 -3.17 -9.02
C VAL D 103 -12.23 -2.11 -9.03
N VAL D 104 -11.03 -2.54 -8.67
CA VAL D 104 -9.81 -1.69 -8.77
C VAL D 104 -9.63 -1.44 -10.28
N PRO D 105 -9.43 -0.20 -10.78
CA PRO D 105 -9.26 0.04 -12.20
C PRO D 105 -8.26 -0.88 -12.91
N TYR D 106 -8.67 -1.43 -14.04
CA TYR D 106 -7.82 -2.33 -14.85
C TYR D 106 -7.32 -1.57 -16.08
N TYR D 107 -6.36 -2.16 -16.75
CA TYR D 107 -5.72 -1.69 -18.00
C TYR D 107 -4.96 -0.37 -17.85
N ASN D 108 -5.58 0.65 -17.27
CA ASN D 108 -4.87 1.94 -17.27
C ASN D 108 -3.99 2.13 -16.03
N LYS D 109 -3.98 1.17 -15.11
CA LYS D 109 -2.99 1.07 -14.04
C LYS D 109 -2.74 2.37 -13.26
N PRO D 110 -3.75 2.90 -12.59
CA PRO D 110 -3.54 4.07 -11.73
C PRO D 110 -2.61 3.73 -10.57
N ASN D 111 -1.90 4.73 -10.06
CA ASN D 111 -1.04 4.53 -8.90
C ASN D 111 -1.89 4.64 -7.63
N LYS D 112 -1.23 4.67 -6.46
CA LYS D 112 -1.97 4.72 -5.20
C LYS D 112 -2.86 5.96 -5.12
N LYS D 113 -2.35 7.12 -5.58
CA LYS D 113 -3.20 8.32 -5.58
C LYS D 113 -4.37 8.17 -6.53
N GLY D 114 -4.18 7.46 -7.64
CA GLY D 114 -5.31 7.19 -8.54
C GLY D 114 -6.38 6.35 -7.88
N LEU D 115 -5.97 5.36 -7.09
CA LEU D 115 -6.92 4.52 -6.39
C LEU D 115 -7.71 5.34 -5.38
N LEU D 116 -7.01 6.18 -4.60
CA LEU D 116 -7.67 7.03 -3.63
C LEU D 116 -8.64 7.99 -4.31
N ALA D 117 -8.22 8.59 -5.43
CA ALA D 117 -9.13 9.44 -6.20
C ALA D 117 -10.30 8.64 -6.76
N HIS D 118 -10.03 7.42 -7.25
CA HIS D 118 -11.11 6.64 -7.85
C HIS D 118 -12.15 6.28 -6.81
N PHE D 119 -11.73 5.60 -5.73
CA PHE D 119 -12.72 5.18 -4.73
C PHE D 119 -13.24 6.36 -3.93
N GLY D 120 -12.42 7.39 -3.74
CA GLY D 120 -12.91 8.58 -3.04
C GLY D 120 -14.04 9.27 -3.76
N SER D 121 -13.88 9.48 -5.09
CA SER D 121 -14.94 10.10 -5.87
C SER D 121 -16.22 9.29 -5.83
N ILE D 122 -16.11 7.96 -5.85
CA ILE D 122 -17.32 7.14 -5.81
C ILE D 122 -17.97 7.25 -4.44
N ALA D 123 -17.17 7.14 -3.38
CA ALA D 123 -17.71 7.25 -2.03
C ALA D 123 -18.35 8.61 -1.77
N ASN D 124 -17.81 9.67 -2.39
CA ASN D 124 -18.42 10.98 -2.24
C ASN D 124 -19.76 11.09 -2.98
N ALA D 125 -19.95 10.29 -4.04
CA ALA D 125 -21.08 10.43 -4.94
C ALA D 125 -22.29 9.55 -4.59
N VAL D 126 -22.18 8.64 -3.62
CA VAL D 126 -23.30 7.79 -3.24
C VAL D 126 -23.29 7.63 -1.73
N SER D 127 -24.41 7.15 -1.20
CA SER D 127 -24.49 6.82 0.22
C SER D 127 -24.62 5.32 0.47
N LEU D 128 -24.61 4.49 -0.55
CA LEU D 128 -24.64 3.04 -0.35
C LEU D 128 -23.29 2.51 0.16
N PRO D 129 -23.29 1.40 0.88
CA PRO D 129 -22.02 0.72 1.20
C PRO D 129 -21.28 0.29 -0.07
N ILE D 130 -19.94 0.38 0.00
CA ILE D 130 -19.06 0.08 -1.12
C ILE D 130 -18.12 -1.04 -0.73
N TYR D 131 -18.00 -2.05 -1.59
CA TYR D 131 -17.03 -3.12 -1.41
C TYR D 131 -15.93 -2.99 -2.47
N ILE D 132 -14.69 -2.94 -2.02
CA ILE D 132 -13.56 -2.89 -2.92
C ILE D 132 -13.33 -4.28 -3.47
N TYR D 133 -13.24 -4.40 -4.79
CA TYR D 133 -13.07 -5.67 -5.50
C TYR D 133 -11.62 -5.71 -5.98
N ASN D 134 -10.78 -6.40 -5.23
CA ASN D 134 -9.35 -6.54 -5.50
C ASN D 134 -9.15 -7.85 -6.26
N ASN D 135 -8.62 -7.76 -7.48
CA ASN D 135 -8.47 -8.94 -8.35
C ASN D 135 -7.30 -8.70 -9.29
N PRO D 136 -6.07 -8.75 -8.77
CA PRO D 136 -4.90 -8.41 -9.60
C PRO D 136 -4.68 -9.34 -10.77
N SER D 137 -5.09 -10.60 -10.69
CA SER D 137 -4.96 -11.49 -11.84
C SER D 137 -5.72 -10.97 -13.06
N ARG D 138 -6.74 -10.15 -12.85
CA ARG D 138 -7.37 -9.42 -13.96
C ARG D 138 -6.91 -7.96 -14.09
N THR D 139 -6.61 -7.26 -12.99
CA THR D 139 -6.33 -5.82 -13.06
C THR D 139 -4.86 -5.46 -13.13
N VAL D 140 -3.96 -6.45 -12.96
CA VAL D 140 -2.52 -6.25 -12.84
C VAL D 140 -2.19 -5.59 -11.51
N ILE D 141 -2.66 -4.35 -11.28
CA ILE D 141 -2.35 -3.68 -10.03
C ILE D 141 -3.16 -4.30 -8.89
N GLU D 142 -2.60 -4.22 -7.69
CA GLU D 142 -3.25 -4.70 -6.49
C GLU D 142 -3.31 -3.57 -5.48
N MET D 143 -4.50 -3.31 -4.94
CA MET D 143 -4.59 -2.38 -3.83
C MET D 143 -3.89 -2.99 -2.62
N ASP D 144 -2.95 -2.26 -2.02
CA ASP D 144 -2.26 -2.82 -0.87
C ASP D 144 -3.06 -2.54 0.41
N VAL D 145 -2.60 -3.16 1.50
CA VAL D 145 -3.33 -3.05 2.76
C VAL D 145 -3.35 -1.61 3.28
N ASP D 146 -2.27 -0.84 3.05
CA ASP D 146 -2.24 0.55 3.53
C ASP D 146 -3.28 1.39 2.82
N THR D 147 -3.38 1.22 1.50
CA THR D 147 -4.38 1.95 0.73
C THR D 147 -5.79 1.58 1.15
N MET D 148 -6.03 0.28 1.31
CA MET D 148 -7.35 -0.17 1.72
C MET D 148 -7.72 0.42 3.08
N ALA D 149 -6.81 0.31 4.06
CA ALA D 149 -7.11 0.81 5.40
C ALA D 149 -7.28 2.33 5.40
N GLU D 150 -6.55 3.04 4.54
CA GLU D 150 -6.75 4.48 4.46
C GLU D 150 -8.15 4.82 3.95
N LEU D 151 -8.64 4.06 2.97
CA LEU D 151 -9.98 4.33 2.43
C LEU D 151 -11.06 4.02 3.47
N VAL D 152 -10.91 2.92 4.21
CA VAL D 152 -11.85 2.58 5.29
C VAL D 152 -11.87 3.68 6.35
N LYS D 153 -10.70 4.13 6.79
CA LYS D 153 -10.63 5.19 7.79
C LYS D 153 -11.24 6.49 7.28
N THR D 154 -11.00 6.81 6.01
CA THR D 154 -11.40 8.09 5.46
C THR D 154 -12.88 8.15 5.13
N TYR D 155 -13.46 7.08 4.58
CA TYR D 155 -14.83 7.12 4.07
C TYR D 155 -15.67 6.06 4.78
N SER D 156 -16.70 6.52 5.48
CA SER D 156 -17.47 5.58 6.29
C SER D 156 -18.32 4.64 5.44
N ASN D 157 -18.62 4.97 4.19
CA ASN D 157 -19.39 4.05 3.36
C ASN D 157 -18.53 3.06 2.56
N ILE D 158 -17.20 3.04 2.76
CA ILE D 158 -16.35 1.98 2.22
C ILE D 158 -16.22 0.92 3.31
N VAL D 159 -16.94 -0.19 3.15
CA VAL D 159 -17.24 -1.09 4.25
C VAL D 159 -16.61 -2.47 4.13
N GLY D 160 -16.06 -2.84 2.98
CA GLY D 160 -15.65 -4.23 2.81
C GLY D 160 -14.78 -4.43 1.60
N VAL D 161 -14.40 -5.70 1.39
CA VAL D 161 -13.60 -6.11 0.23
C VAL D 161 -14.07 -7.45 -0.34
N LYS D 162 -14.08 -7.84 -1.24
N LYS D 162 -13.95 -7.86 -1.21
CA LYS D 162 -14.04 -8.98 -2.23
CA LYS D 162 -14.05 -8.98 -2.19
C LYS D 162 -12.61 -9.27 -2.57
C LYS D 162 -12.66 -9.32 -2.65
N ASP D 163 -12.00 -9.78 -2.20
CA ASP D 163 -10.60 -10.29 -2.24
C ASP D 163 -10.43 -11.57 -3.06
N ALA D 164 -10.19 -11.38 -4.34
CA ALA D 164 -10.01 -12.42 -5.32
C ALA D 164 -8.54 -12.85 -5.47
N THR D 165 -7.66 -12.48 -4.54
CA THR D 165 -6.25 -12.83 -4.70
C THR D 165 -5.98 -14.32 -4.51
N GLY D 166 -6.75 -14.99 -3.65
CA GLY D 166 -6.39 -16.35 -3.25
C GLY D 166 -5.18 -16.45 -2.32
N ARG D 167 -4.62 -15.32 -1.88
CA ARG D 167 -3.48 -15.31 -0.96
C ARG D 167 -4.02 -14.92 0.40
N ILE D 168 -4.28 -15.92 1.24
CA ILE D 168 -5.12 -15.65 2.40
C ILE D 168 -4.40 -14.93 3.51
N GLU D 169 -3.07 -14.88 3.49
CA GLU D 169 -2.37 -13.98 4.40
C GLU D 169 -2.97 -12.59 4.35
N LEU D 170 -3.41 -12.15 3.15
CA LEU D 170 -3.95 -10.81 2.98
C LEU D 170 -5.23 -10.62 3.79
N ALA D 171 -5.98 -11.69 4.01
CA ALA D 171 -7.15 -11.58 4.88
C ALA D 171 -6.75 -11.24 6.31
N SER D 172 -5.65 -11.83 6.82
CA SER D 172 -5.17 -11.43 8.14
C SER D 172 -4.66 -10.00 8.14
N GLY D 173 -3.87 -9.64 7.12
CA GLY D 173 -3.36 -8.28 7.06
C GLY D 173 -4.49 -7.27 6.95
N GLN D 174 -5.51 -7.59 6.17
CA GLN D 174 -6.63 -6.67 6.01
C GLN D 174 -7.47 -6.59 7.28
N ARG D 175 -7.60 -7.69 8.01
CA ARG D 175 -8.37 -7.69 9.25
C ARG D 175 -7.71 -6.84 10.33
N ILE D 176 -6.38 -6.94 10.48
CA ILE D 176 -5.69 -6.14 11.48
C ILE D 176 -5.75 -4.65 11.12
N ALA D 177 -5.47 -4.32 9.87
CA ALA D 177 -5.33 -2.91 9.47
C ALA D 177 -6.67 -2.20 9.32
N CYS D 178 -7.72 -2.90 8.91
CA CYS D 178 -9.02 -2.27 8.71
C CYS D 178 -9.98 -2.51 9.88
N GLY D 179 -9.66 -3.42 10.77
CA GLY D 179 -10.56 -3.66 11.87
C GLY D 179 -11.36 -4.93 11.68
N SER D 180 -11.75 -5.54 12.80
CA SER D 180 -12.58 -6.73 12.76
C SER D 180 -13.95 -6.46 12.14
N ASP D 181 -14.38 -5.19 12.09
CA ASP D 181 -15.67 -4.78 11.56
C ASP D 181 -15.69 -4.67 10.05
N PHE D 182 -14.51 -4.57 9.42
CA PHE D 182 -14.38 -4.57 7.97
C PHE D 182 -14.89 -5.92 7.42
N ILE D 183 -15.79 -5.86 6.44
CA ILE D 183 -16.50 -7.06 5.95
C ILE D 183 -15.69 -7.69 4.83
N GLN D 184 -15.09 -8.86 5.08
CA GLN D 184 -14.22 -9.51 4.13
C GLN D 184 -14.96 -10.66 3.43
N LEU D 185 -15.07 -10.57 2.12
CA LEU D 185 -15.69 -11.59 1.28
C LEU D 185 -14.66 -12.14 0.31
N SER D 186 -14.54 -13.46 0.25
CA SER D 186 -13.61 -14.07 -0.69
C SER D 186 -14.17 -13.98 -2.09
N GLY D 187 -13.27 -13.79 -3.07
CA GLY D 187 -13.62 -13.79 -4.47
C GLY D 187 -12.95 -14.93 -5.20
N ASP D 188 -12.50 -15.93 -4.44
CA ASP D 188 -11.76 -17.07 -4.99
C ASP D 188 -12.35 -18.36 -4.40
N ASP D 189 -13.21 -19.01 -5.20
CA ASP D 189 -13.96 -20.18 -4.73
C ASP D 189 -13.07 -21.20 -4.05
N SER D 190 -11.90 -21.48 -4.63
CA SER D 190 -11.12 -22.62 -4.15
C SER D 190 -10.46 -22.36 -2.80
N SER D 191 -10.30 -21.09 -2.40
CA SER D 191 -9.69 -20.74 -1.12
C SER D 191 -10.66 -20.08 -0.16
N ALA D 192 -11.95 -20.10 -0.47
CA ALA D 192 -12.94 -19.44 0.36
C ALA D 192 -13.00 -20.05 1.75
N LEU D 193 -12.75 -21.35 1.88
CA LEU D 193 -12.79 -22.02 3.16
C LEU D 193 -11.76 -21.43 4.11
N GLY D 194 -10.49 -21.38 3.68
CA GLY D 194 -9.46 -20.82 4.52
C GLY D 194 -9.59 -19.32 4.66
N PHE D 195 -10.10 -18.66 3.62
CA PHE D 195 -10.33 -17.22 3.70
C PHE D 195 -11.22 -16.88 4.89
N ASN D 196 -12.30 -17.65 5.08
CA ASN D 196 -13.23 -17.35 6.17
C ASN D 196 -12.58 -17.56 7.53
N VAL D 197 -11.73 -18.59 7.66
CA VAL D 197 -11.16 -18.86 8.98
C VAL D 197 -10.18 -17.77 9.38
N HIS D 198 -9.55 -17.12 8.41
CA HIS D 198 -8.70 -15.97 8.67
C HIS D 198 -9.49 -14.69 8.96
N GLY D 199 -10.82 -14.72 8.82
CA GLY D 199 -11.62 -13.55 9.09
C GLY D 199 -12.75 -13.25 8.13
N GLY D 200 -12.74 -13.89 6.95
CA GLY D 200 -13.83 -13.73 6.01
C GLY D 200 -15.16 -14.18 6.58
N VAL D 201 -16.25 -13.67 6.00
CA VAL D 201 -17.58 -14.10 6.39
C VAL D 201 -18.39 -14.65 5.23
N GLY D 202 -17.78 -14.78 4.05
CA GLY D 202 -18.53 -15.32 2.93
C GLY D 202 -17.71 -15.28 1.67
N CYS D 203 -18.39 -15.62 0.58
CA CYS D 203 -17.74 -15.74 -0.72
C CYS D 203 -18.68 -15.22 -1.80
N ILE D 204 -18.16 -14.34 -2.64
CA ILE D 204 -18.83 -13.94 -3.87
C ILE D 204 -18.31 -14.88 -4.93
N SER D 205 -19.16 -15.80 -5.38
CA SER D 205 -18.74 -17.08 -5.93
C SER D 205 -19.11 -17.21 -7.41
N VAL D 206 -18.18 -17.78 -8.18
CA VAL D 206 -18.52 -18.25 -9.52
C VAL D 206 -19.31 -19.55 -9.45
N THR D 207 -18.83 -20.51 -8.65
CA THR D 207 -19.43 -21.84 -8.62
C THR D 207 -20.88 -21.80 -8.16
N ALA D 208 -21.27 -20.78 -7.38
CA ALA D 208 -22.63 -20.72 -6.86
C ALA D 208 -23.66 -20.61 -7.98
N ASN D 209 -23.25 -20.15 -9.17
CA ASN D 209 -24.16 -20.16 -10.31
C ASN D 209 -24.60 -21.57 -10.66
N VAL D 210 -23.69 -22.53 -10.49
CA VAL D 210 -23.90 -23.89 -10.98
C VAL D 210 -24.46 -24.78 -9.88
N ALA D 211 -23.87 -24.74 -8.69
CA ALA D 211 -24.27 -25.57 -7.57
C ALA D 211 -24.62 -24.71 -6.35
N PRO D 212 -25.69 -23.89 -6.44
CA PRO D 212 -25.98 -22.98 -5.32
C PRO D 212 -26.29 -23.69 -4.01
N ARG D 213 -27.04 -24.79 -4.07
CA ARG D 213 -27.40 -25.50 -2.85
C ARG D 213 -26.18 -25.97 -2.07
N ILE D 214 -25.22 -26.60 -2.75
CA ILE D 214 -24.08 -27.16 -2.05
C ILE D 214 -23.14 -26.04 -1.60
N CYS D 215 -23.00 -24.99 -2.39
CA CYS D 215 -22.25 -23.82 -1.95
C CYS D 215 -22.84 -23.22 -0.69
N ALA D 216 -24.18 -23.17 -0.61
CA ALA D 216 -24.83 -22.62 0.57
C ALA D 216 -24.60 -23.52 1.78
N GLU D 217 -24.74 -24.84 1.61
CA GLU D 217 -24.51 -25.73 2.75
C GLU D 217 -23.06 -25.66 3.21
N PHE D 218 -22.14 -25.44 2.29
CA PHE D 218 -20.72 -25.34 2.62
C PHE D 218 -20.44 -24.10 3.47
N GLN D 219 -20.95 -22.94 3.04
CA GLN D 219 -20.78 -21.72 3.82
C GLN D 219 -21.53 -21.79 5.14
N LYS D 220 -22.75 -22.36 5.14
CA LYS D 220 -23.49 -22.52 6.38
C LYS D 220 -22.70 -23.33 7.40
N ALA D 221 -22.06 -24.41 6.96
CA ALA D 221 -21.23 -25.18 7.88
C ALA D 221 -20.09 -24.33 8.42
N ILE D 222 -19.54 -23.46 7.58
CA ILE D 222 -18.45 -22.60 8.07
C ILE D 222 -18.97 -21.69 9.17
N SER D 223 -20.13 -21.06 8.96
CA SER D 223 -20.59 -20.10 9.95
C SER D 223 -21.00 -20.76 11.26
N GLU D 224 -21.37 -22.04 11.22
CA GLU D 224 -21.70 -22.77 12.44
C GLU D 224 -20.48 -23.36 13.12
N GLY D 225 -19.27 -23.09 12.61
CA GLY D 225 -18.07 -23.66 13.19
C GLY D 225 -17.81 -25.12 12.89
N ASP D 226 -18.61 -25.76 12.02
CA ASP D 226 -18.41 -27.16 11.68
C ASP D 226 -17.43 -27.24 10.51
N TYR D 227 -16.15 -27.13 10.85
CA TYR D 227 -15.09 -27.09 9.85
C TYR D 227 -14.70 -28.47 9.35
N ARG D 228 -15.12 -29.54 10.03
CA ARG D 228 -14.95 -30.88 9.49
C ARG D 228 -15.92 -31.14 8.35
N GLN D 229 -17.20 -30.82 8.57
CA GLN D 229 -18.17 -30.88 7.48
C GLN D 229 -17.75 -29.95 6.34
N ALA D 230 -17.26 -28.74 6.69
CA ALA D 230 -16.85 -27.77 5.68
C ALA D 230 -15.76 -28.34 4.79
N LEU D 231 -14.80 -29.06 5.38
CA LEU D 231 -13.77 -29.70 4.58
C LEU D 231 -14.35 -30.79 3.67
N GLU D 232 -15.45 -31.43 4.08
CA GLU D 232 -16.04 -32.45 3.21
C GLU D 232 -16.72 -31.82 2.00
N TYR D 233 -17.44 -30.72 2.21
CA TYR D 233 -17.98 -29.97 1.10
C TYR D 233 -16.86 -29.50 0.18
N GLN D 234 -15.79 -28.97 0.77
CA GLN D 234 -14.67 -28.48 -0.01
C GLN D 234 -14.13 -29.57 -0.93
N ASP D 235 -13.96 -30.77 -0.41
CA ASP D 235 -13.41 -31.85 -1.22
C ASP D 235 -14.37 -32.24 -2.36
N LYS D 236 -15.68 -32.11 -2.15
CA LYS D 236 -16.62 -32.43 -3.24
C LYS D 236 -16.74 -31.30 -4.28
N LEU D 237 -16.49 -30.04 -3.88
CA LEU D 237 -16.66 -28.87 -4.75
C LEU D 237 -15.39 -28.44 -5.46
N PHE D 238 -14.23 -28.74 -4.89
CA PHE D 238 -12.98 -28.30 -5.48
C PHE D 238 -12.82 -28.72 -6.93
N PRO D 239 -13.05 -29.99 -7.32
CA PRO D 239 -12.97 -30.34 -8.75
C PRO D 239 -13.84 -29.47 -9.63
N LEU D 240 -15.09 -29.20 -9.21
CA LEU D 240 -15.94 -28.27 -9.96
C LEU D 240 -15.35 -26.85 -9.94
N HIS D 241 -14.87 -26.39 -8.77
CA HIS D 241 -14.22 -25.08 -8.68
C HIS D 241 -13.13 -24.97 -9.74
N GLN D 242 -12.27 -25.98 -9.82
CA GLN D 242 -11.14 -25.92 -10.73
C GLN D 242 -11.57 -26.14 -12.18
N ALA D 243 -12.53 -27.06 -12.41
CA ALA D 243 -12.97 -27.32 -13.77
C ALA D 243 -13.58 -26.09 -14.41
N LEU D 244 -14.26 -25.25 -13.62
CA LEU D 244 -14.94 -24.10 -14.19
C LEU D 244 -14.01 -23.02 -14.71
N PHE D 245 -12.71 -23.07 -14.44
CA PHE D 245 -11.83 -22.05 -15.01
C PHE D 245 -10.68 -22.64 -15.83
N ILE D 246 -10.77 -23.90 -16.24
CA ILE D 246 -9.88 -24.40 -17.29
C ILE D 246 -9.91 -23.45 -18.49
N GLU D 247 -11.09 -23.19 -19.01
CA GLU D 247 -11.36 -22.15 -19.96
C GLU D 247 -12.11 -21.03 -19.25
N PRO D 248 -12.29 -19.87 -19.89
CA PRO D 248 -12.92 -18.75 -19.20
C PRO D 248 -14.18 -19.14 -18.45
N SER D 249 -14.27 -18.67 -17.20
CA SER D 249 -15.36 -18.98 -16.29
C SER D 249 -16.73 -18.77 -16.92
N ILE D 250 -16.86 -17.75 -17.77
CA ILE D 250 -18.18 -17.29 -18.22
C ILE D 250 -18.84 -18.33 -19.11
N SER D 251 -18.15 -18.78 -20.16
CA SER D 251 -18.72 -19.81 -21.00
C SER D 251 -18.85 -21.13 -20.25
N SER D 252 -17.84 -21.46 -19.42
CA SER D 252 -17.84 -22.73 -18.70
C SER D 252 -19.07 -22.87 -17.81
N VAL D 253 -19.48 -21.79 -17.15
CA VAL D 253 -20.62 -21.85 -16.23
C VAL D 253 -21.92 -22.02 -17.00
N LYS D 254 -22.04 -21.34 -18.15
CA LYS D 254 -23.25 -21.50 -18.95
C LYS D 254 -23.33 -22.91 -19.53
N TYR D 255 -22.19 -23.48 -19.92
CA TYR D 255 -22.19 -24.88 -20.35
C TYR D 255 -22.64 -25.79 -19.20
N ALA D 256 -22.07 -25.60 -18.01
CA ALA D 256 -22.48 -26.44 -16.87
C ALA D 256 -23.96 -26.29 -16.59
N LEU D 257 -24.50 -25.08 -16.71
CA LEU D 257 -25.92 -24.87 -16.48
C LEU D 257 -26.75 -25.59 -17.54
N SER D 258 -26.34 -25.50 -18.81
CA SER D 258 -27.01 -26.24 -19.86
C SER D 258 -26.98 -27.73 -19.56
N ARG D 259 -25.80 -28.27 -19.25
CA ARG D 259 -25.70 -29.68 -18.92
C ARG D 259 -26.58 -30.04 -17.72
N LEU D 260 -26.86 -29.07 -16.86
CA LEU D 260 -27.79 -29.34 -15.76
C LEU D 260 -29.25 -29.31 -16.21
N GLY D 261 -29.53 -28.82 -17.41
CA GLY D 261 -30.91 -28.71 -17.87
C GLY D 261 -31.61 -27.43 -17.45
N ARG D 262 -30.88 -26.41 -17.02
CA ARG D 262 -31.48 -25.15 -16.64
C ARG D 262 -31.78 -24.30 -17.88
N ASN D 263 -32.73 -23.38 -17.72
CA ASN D 263 -33.13 -22.45 -18.77
C ASN D 263 -32.04 -21.42 -19.07
N VAL D 264 -30.86 -21.87 -19.53
CA VAL D 264 -29.77 -20.95 -19.80
C VAL D 264 -29.16 -21.28 -21.15
N SER D 265 -29.21 -20.30 -22.06
CA SER D 265 -28.54 -20.44 -23.35
C SER D 265 -27.02 -20.52 -23.17
N LEU D 266 -26.36 -20.95 -24.25
CA LEU D 266 -24.90 -21.06 -24.25
C LEU D 266 -24.20 -19.79 -24.71
N VAL D 267 -24.94 -18.81 -25.25
CA VAL D 267 -24.31 -17.71 -25.95
C VAL D 267 -23.50 -16.84 -24.99
N VAL D 268 -22.34 -16.40 -25.46
CA VAL D 268 -21.50 -15.41 -24.79
C VAL D 268 -21.18 -14.34 -25.82
N ARG D 269 -20.77 -13.18 -25.31
CA ARG D 269 -20.41 -12.06 -26.16
C ARG D 269 -18.90 -12.02 -26.38
N ALA D 270 -18.51 -11.88 -27.64
CA ALA D 270 -17.10 -11.81 -27.98
C ALA D 270 -16.45 -10.68 -27.19
N PRO D 271 -15.19 -10.81 -26.78
CA PRO D 271 -14.19 -11.86 -27.06
C PRO D 271 -14.34 -13.19 -26.29
N MET D 272 -15.37 -13.38 -25.49
CA MET D 272 -15.64 -14.70 -24.94
C MET D 272 -16.28 -15.57 -26.02
N VAL D 273 -15.99 -16.87 -25.98
CA VAL D 273 -16.55 -17.84 -26.94
C VAL D 273 -17.21 -18.97 -26.16
N SER D 274 -18.29 -19.50 -26.71
CA SER D 274 -18.96 -20.62 -26.06
C SER D 274 -18.36 -21.97 -26.44
N ILE D 275 -17.53 -22.02 -27.47
CA ILE D 275 -16.91 -23.29 -27.86
C ILE D 275 -15.88 -23.68 -26.81
N LEU D 276 -16.10 -24.81 -26.16
CA LEU D 276 -15.13 -25.36 -25.22
C LEU D 276 -14.50 -26.62 -25.80
N GLU D 277 -13.25 -26.88 -25.41
CA GLU D 277 -12.58 -28.10 -25.83
C GLU D 277 -13.29 -29.33 -25.25
N LYS D 278 -13.12 -30.48 -25.94
CA LYS D 278 -13.69 -31.73 -25.45
C LYS D 278 -13.19 -32.06 -24.05
N GLU D 279 -11.87 -31.90 -23.83
CA GLU D 279 -11.31 -32.18 -22.52
C GLU D 279 -11.92 -31.29 -21.44
N THR D 280 -12.24 -30.05 -21.81
CA THR D 280 -12.81 -29.12 -20.84
C THR D 280 -14.22 -29.52 -20.47
N MET D 281 -15.05 -29.76 -21.49
CA MET D 281 -16.42 -30.20 -21.22
C MET D 281 -16.43 -31.45 -20.37
N PHE D 282 -15.50 -32.38 -20.62
CA PHE D 282 -15.51 -33.61 -19.84
C PHE D 282 -15.13 -33.34 -18.38
N ALA D 283 -14.12 -32.48 -18.16
CA ALA D 283 -13.74 -32.15 -16.79
C ALA D 283 -14.90 -31.55 -16.01
N ILE D 284 -15.67 -30.66 -16.65
CA ILE D 284 -16.88 -30.14 -16.00
C ILE D 284 -17.89 -31.27 -15.78
N ASP D 285 -18.08 -32.12 -16.79
CA ASP D 285 -19.04 -33.22 -16.68
C ASP D 285 -18.73 -34.10 -15.47
N GLN D 286 -17.47 -34.52 -15.34
CA GLN D 286 -17.10 -35.38 -14.21
C GLN D 286 -17.26 -34.65 -12.88
N ALA D 287 -16.77 -33.40 -12.80
CA ALA D 287 -16.95 -32.60 -11.60
C ALA D 287 -18.42 -32.52 -11.21
N LEU D 288 -19.31 -32.35 -12.20
CA LEU D 288 -20.74 -32.33 -11.94
C LEU D 288 -21.26 -33.71 -11.52
N ASP D 289 -20.78 -34.76 -12.17
CA ASP D 289 -21.12 -36.11 -11.74
C ASP D 289 -20.67 -36.35 -10.31
N HIS D 290 -19.51 -35.81 -9.93
CA HIS D 290 -18.94 -36.06 -8.60
C HIS D 290 -19.81 -35.49 -7.49
N ILE D 291 -20.55 -34.42 -7.77
CA ILE D 291 -21.44 -33.87 -6.71
C ILE D 291 -22.86 -34.41 -6.90
N GLY D 292 -23.02 -35.35 -7.83
CA GLY D 292 -24.31 -36.04 -8.02
C GLY D 292 -25.28 -35.35 -8.95
N LEU D 293 -25.29 -34.01 -8.98
CA LEU D 293 -26.15 -33.08 -9.76
C LEU D 293 -26.81 -33.79 -10.94
N CYS D 294 -26.02 -34.29 -11.89
CA CYS D 294 -26.60 -35.15 -12.96
C CYS D 294 -25.99 -36.54 -12.75
N ALA D 295 -26.79 -37.59 -13.00
CA ALA D 295 -26.53 -39.04 -12.79
C ALA D 295 -26.78 -39.44 -11.33
N GLY D 296 -28.06 -39.63 -10.98
CA GLY D 296 -28.51 -40.06 -9.67
C GLY D 296 -28.16 -39.13 -8.52
N MET E 1 38.70 -7.32 -23.52
CA MET E 1 39.30 -8.63 -23.32
C MET E 1 38.32 -9.75 -23.68
N PHE E 2 37.12 -9.67 -23.15
CA PHE E 2 36.08 -10.67 -23.46
C PHE E 2 35.09 -10.02 -24.42
N GLN E 3 34.85 -10.67 -25.55
CA GLN E 3 33.91 -10.14 -26.56
C GLN E 3 33.54 -11.24 -27.54
N ARG E 4 32.56 -10.97 -28.38
CA ARG E 4 32.04 -11.89 -29.43
C ARG E 4 31.42 -13.14 -28.80
N SER E 5 31.59 -14.30 -29.44
CA SER E 5 30.96 -15.57 -28.97
C SER E 5 31.84 -16.30 -27.95
N ILE E 6 31.29 -16.51 -26.76
CA ILE E 6 31.98 -17.18 -25.65
C ILE E 6 31.11 -18.32 -25.14
N PRO E 7 31.46 -19.57 -25.41
CA PRO E 7 30.64 -20.69 -24.92
C PRO E 7 30.71 -20.84 -23.41
N ALA E 8 29.56 -20.98 -22.78
CA ALA E 8 29.50 -21.54 -21.44
C ALA E 8 29.63 -23.04 -21.65
N LEU E 9 30.86 -23.54 -21.55
CA LEU E 9 31.18 -24.90 -21.96
C LEU E 9 30.40 -25.92 -21.16
N ILE E 10 29.92 -26.96 -21.85
CA ILE E 10 29.39 -28.12 -21.13
C ILE E 10 30.54 -28.89 -20.47
N THR E 11 30.18 -29.68 -19.48
CA THR E 11 31.12 -30.60 -18.86
C THR E 11 30.72 -32.02 -19.25
N PRO E 12 31.49 -32.69 -20.10
CA PRO E 12 31.12 -34.06 -20.51
C PRO E 12 31.48 -35.07 -19.45
N PHE E 13 30.66 -36.11 -19.35
CA PHE E 13 30.86 -37.18 -18.39
C PHE E 13 31.03 -38.52 -19.11
N THR E 14 31.76 -39.44 -18.46
CA THR E 14 31.89 -40.80 -18.97
C THR E 14 30.69 -41.62 -18.53
N LYS E 15 30.61 -42.86 -19.04
CA LYS E 15 29.45 -43.69 -18.74
C LYS E 15 29.37 -44.07 -17.27
N ASP E 16 30.51 -44.18 -16.57
CA ASP E 16 30.48 -44.40 -15.13
C ASP E 16 30.66 -43.10 -14.35
N ASN E 17 30.18 -41.99 -14.91
CA ASN E 17 29.97 -40.73 -14.20
C ASN E 17 31.28 -40.08 -13.77
N LEU E 18 32.34 -40.27 -14.54
CA LEU E 18 33.58 -39.55 -14.35
C LEU E 18 33.63 -38.40 -15.34
N ILE E 19 34.49 -37.43 -15.05
CA ILE E 19 34.68 -36.34 -16.00
C ILE E 19 35.40 -36.91 -17.23
N ASP E 20 34.80 -36.74 -18.40
CA ASP E 20 35.39 -37.22 -19.65
C ASP E 20 36.43 -36.19 -20.11
N GLU E 21 37.64 -36.32 -19.56
CA GLU E 21 38.65 -35.29 -19.76
C GLU E 21 39.05 -35.19 -21.22
N ASP E 22 39.22 -36.33 -21.90
CA ASP E 22 39.53 -36.30 -23.33
C ASP E 22 38.46 -35.57 -24.11
N SER E 23 37.19 -35.93 -23.87
CA SER E 23 36.09 -35.27 -24.56
C SER E 23 36.08 -33.77 -24.27
N PHE E 24 36.41 -33.37 -23.04
CA PHE E 24 36.41 -31.96 -22.68
C PHE E 24 37.48 -31.19 -23.45
N VAL E 25 38.69 -31.76 -23.56
CA VAL E 25 39.76 -31.11 -24.30
C VAL E 25 39.39 -30.99 -25.78
N ASP E 26 38.90 -32.10 -26.37
CA ASP E 26 38.46 -32.09 -27.77
C ASP E 26 37.43 -31.00 -28.02
N HIS E 27 36.47 -30.85 -27.10
CA HIS E 27 35.47 -29.80 -27.23
C HIS E 27 36.11 -28.42 -27.20
N ILE E 28 37.08 -28.21 -26.30
CA ILE E 28 37.72 -26.91 -26.20
C ILE E 28 38.55 -26.62 -27.44
N GLU E 29 39.33 -27.61 -27.90
CA GLU E 29 40.07 -27.46 -29.14
C GLU E 29 39.14 -27.11 -30.30
N TRP E 30 38.02 -27.82 -30.40
CA TRP E 30 37.07 -27.58 -31.48
C TRP E 30 36.44 -26.20 -31.38
N GLN E 31 36.15 -25.74 -30.16
CA GLN E 31 35.56 -24.42 -29.98
C GLN E 31 36.53 -23.32 -30.42
N ILE E 32 37.80 -23.46 -30.07
CA ILE E 32 38.80 -22.50 -30.53
C ILE E 32 38.95 -22.59 -32.04
N SER E 33 39.05 -23.81 -32.55
CA SER E 33 39.23 -24.02 -33.98
C SER E 33 38.14 -23.32 -34.79
N GLU E 34 36.92 -23.29 -34.26
CA GLU E 34 35.79 -22.84 -35.07
C GLU E 34 35.45 -21.38 -34.85
N GLY E 35 36.09 -20.69 -33.90
CA GLY E 35 36.02 -19.24 -33.86
C GLY E 35 35.60 -18.61 -32.55
N SER E 36 35.30 -19.42 -31.53
CA SER E 36 34.95 -18.86 -30.23
C SER E 36 36.12 -18.06 -29.66
N SER E 37 35.82 -16.91 -29.06
CA SER E 37 36.83 -15.95 -28.61
C SER E 37 37.22 -16.10 -27.14
N GLY E 38 36.48 -16.88 -26.37
CA GLY E 38 36.77 -17.06 -24.96
C GLY E 38 35.98 -18.24 -24.45
N LEU E 39 36.32 -18.66 -23.24
CA LEU E 39 35.76 -19.87 -22.67
C LEU E 39 35.26 -19.63 -21.25
N VAL E 40 34.10 -20.19 -20.93
CA VAL E 40 33.58 -20.21 -19.57
C VAL E 40 33.41 -21.66 -19.17
N PRO E 41 34.41 -22.24 -18.49
CA PRO E 41 34.23 -23.58 -17.92
C PRO E 41 33.53 -23.52 -16.55
N ALA E 42 32.80 -24.59 -16.25
CA ALA E 42 32.19 -24.80 -14.94
C ALA E 42 31.15 -23.73 -14.60
N GLY E 43 30.43 -23.26 -15.61
CA GLY E 43 29.30 -22.38 -15.42
C GLY E 43 28.02 -23.18 -15.24
N THR E 44 26.88 -22.52 -15.48
CA THR E 44 25.60 -23.21 -15.37
C THR E 44 25.49 -24.33 -16.40
N THR E 45 25.74 -24.02 -17.67
CA THR E 45 25.73 -25.04 -18.72
C THR E 45 26.80 -26.10 -18.50
N GLY E 46 27.79 -25.81 -17.66
CA GLY E 46 28.81 -26.75 -17.25
C GLY E 46 28.42 -27.60 -16.07
N GLU E 47 27.16 -27.56 -15.63
CA GLU E 47 26.63 -28.43 -14.59
C GLU E 47 27.39 -28.24 -13.27
N SER E 48 27.80 -27.00 -13.00
CA SER E 48 28.60 -26.72 -11.81
C SER E 48 27.91 -27.17 -10.52
N SER E 49 26.58 -27.12 -10.47
CA SER E 49 25.86 -27.49 -9.26
C SER E 49 26.07 -28.95 -8.88
N THR E 50 26.28 -29.82 -9.86
CA THR E 50 26.42 -31.25 -9.60
C THR E 50 27.88 -31.70 -9.64
N LEU E 51 28.82 -30.77 -9.68
CA LEU E 51 30.23 -31.09 -9.54
C LEU E 51 30.64 -31.00 -8.08
N SER E 52 31.60 -31.84 -7.70
CA SER E 52 32.26 -31.64 -6.43
C SER E 52 33.25 -30.49 -6.54
N TYR E 53 33.71 -29.99 -5.39
CA TYR E 53 34.68 -28.90 -5.41
C TYR E 53 35.95 -29.34 -6.12
N GLU E 54 36.39 -30.57 -5.89
CA GLU E 54 37.59 -31.06 -6.55
C GLU E 54 37.36 -31.16 -8.05
N GLU E 55 36.16 -31.55 -8.46
CA GLU E 55 35.86 -31.68 -9.89
C GLU E 55 35.71 -30.32 -10.55
N HIS E 56 35.03 -29.39 -9.87
CA HIS E 56 34.96 -28.01 -10.35
C HIS E 56 36.34 -27.47 -10.68
N CYS E 57 37.26 -27.54 -9.71
CA CYS E 57 38.62 -27.04 -9.93
C CYS E 57 39.32 -27.78 -11.04
N ARG E 58 39.14 -29.10 -11.10
CA ARG E 58 39.71 -29.89 -12.18
C ARG E 58 39.25 -29.36 -13.54
N VAL E 59 37.96 -29.10 -13.66
CA VAL E 59 37.41 -28.62 -14.94
C VAL E 59 38.02 -27.26 -15.30
N VAL E 60 38.13 -26.36 -14.31
CA VAL E 60 38.77 -25.07 -14.59
C VAL E 60 40.22 -25.28 -14.95
N GLU E 61 40.93 -26.09 -14.16
CA GLU E 61 42.34 -26.34 -14.42
C GLU E 61 42.54 -26.87 -15.83
N LEU E 62 41.77 -27.90 -16.20
CA LEU E 62 41.91 -28.50 -17.52
C LEU E 62 41.63 -27.50 -18.63
N CYS E 63 40.62 -26.65 -18.44
CA CYS E 63 40.24 -25.70 -19.48
C CYS E 63 41.34 -24.67 -19.72
N VAL E 64 41.99 -24.17 -18.65
CA VAL E 64 43.01 -23.15 -18.84
C VAL E 64 44.25 -23.73 -19.49
N LYS E 65 44.62 -24.97 -19.11
CA LYS E 65 45.79 -25.58 -19.74
C LYS E 65 45.49 -25.96 -21.19
N THR E 66 44.26 -26.40 -21.47
CA THR E 66 43.90 -26.76 -22.84
C THR E 66 43.89 -25.53 -23.76
N ALA E 67 43.36 -24.41 -23.27
CA ALA E 67 43.38 -23.18 -24.07
C ALA E 67 44.80 -22.70 -24.32
N ALA E 68 45.68 -22.85 -23.33
CA ALA E 68 47.09 -22.46 -23.43
C ALA E 68 47.25 -20.99 -23.81
N GLY E 69 46.33 -20.13 -23.38
CA GLY E 69 46.45 -18.72 -23.67
C GLY E 69 46.04 -18.30 -25.05
N ARG E 70 45.47 -19.19 -25.86
CA ARG E 70 44.97 -18.80 -27.17
C ARG E 70 43.71 -17.94 -27.04
N VAL E 71 42.88 -18.24 -26.05
CA VAL E 71 41.67 -17.46 -25.79
C VAL E 71 41.53 -17.26 -24.30
N PRO E 72 40.99 -16.11 -23.90
CA PRO E 72 40.77 -15.85 -22.47
C PRO E 72 39.78 -16.84 -21.85
N VAL E 73 39.99 -17.15 -20.57
CA VAL E 73 39.22 -18.16 -19.86
C VAL E 73 38.59 -17.50 -18.65
N MET E 74 37.25 -17.42 -18.63
CA MET E 74 36.50 -16.89 -17.50
C MET E 74 35.98 -18.07 -16.67
N ALA E 75 36.67 -18.37 -15.58
CA ALA E 75 36.30 -19.51 -14.74
C ALA E 75 35.03 -19.21 -13.96
N GLY E 76 34.10 -20.16 -14.00
CA GLY E 76 32.97 -20.15 -13.09
C GLY E 76 33.44 -20.26 -11.66
N ALA E 77 33.06 -19.30 -10.82
CA ALA E 77 33.35 -19.35 -9.40
C ALA E 77 32.10 -19.05 -8.58
N GLY E 78 30.93 -19.18 -9.18
CA GLY E 78 29.72 -18.73 -8.54
C GLY E 78 29.08 -19.78 -7.69
N SER E 79 28.93 -19.49 -6.40
CA SER E 79 28.11 -20.28 -5.50
C SER E 79 27.19 -19.34 -4.74
N ASN E 80 26.24 -19.91 -4.00
CA ASN E 80 25.47 -19.14 -3.04
C ASN E 80 26.09 -19.17 -1.64
N ASN E 81 27.32 -19.64 -1.54
CA ASN E 81 28.11 -19.66 -0.31
C ASN E 81 29.33 -18.78 -0.56
N THR E 82 29.41 -17.64 0.13
CA THR E 82 30.48 -16.68 -0.16
C THR E 82 31.84 -17.30 0.12
N LYS E 83 31.97 -18.03 1.24
CA LYS E 83 33.26 -18.65 1.56
C LYS E 83 33.67 -19.64 0.48
N GLU E 84 32.74 -20.46 -0.01
CA GLU E 84 33.04 -21.41 -1.07
C GLU E 84 33.36 -20.70 -2.38
N SER E 85 32.61 -19.63 -2.69
CA SER E 85 32.91 -18.84 -3.89
C SER E 85 34.33 -18.31 -3.83
N ILE E 86 34.79 -17.91 -2.64
CA ILE E 86 36.13 -17.35 -2.49
C ILE E 86 37.18 -18.41 -2.76
N GLU E 87 36.99 -19.61 -2.19
CA GLU E 87 37.94 -20.68 -2.47
C GLU E 87 37.94 -21.05 -3.95
N LEU E 88 36.76 -21.09 -4.58
CA LEU E 88 36.70 -21.35 -6.02
C LEU E 88 37.42 -20.25 -6.80
N ALA E 89 37.16 -18.99 -6.44
CA ALA E 89 37.83 -17.88 -7.12
C ALA E 89 39.33 -17.95 -6.92
N GLN E 90 39.79 -18.29 -5.70
CA GLN E 90 41.22 -18.32 -5.45
C GLN E 90 41.89 -19.46 -6.21
N TYR E 91 41.22 -20.62 -6.31
CA TYR E 91 41.79 -21.69 -7.12
C TYR E 91 41.91 -21.27 -8.57
N ALA E 92 40.84 -20.65 -9.10
CA ALA E 92 40.84 -20.22 -10.50
C ALA E 92 41.97 -19.23 -10.78
N GLN E 93 42.18 -18.26 -9.89
CA GLN E 93 43.33 -17.36 -10.04
C GLN E 93 44.63 -18.14 -9.94
N ASN E 94 44.71 -19.07 -8.98
CA ASN E 94 45.96 -19.81 -8.77
C ASN E 94 46.29 -20.70 -9.96
N THR E 95 45.29 -21.27 -10.62
CA THR E 95 45.60 -22.13 -11.74
C THR E 95 45.74 -21.39 -13.07
N GLY E 96 45.36 -20.12 -13.13
CA GLY E 96 45.65 -19.30 -14.27
C GLY E 96 44.48 -18.81 -15.12
N ALA E 97 43.26 -18.81 -14.58
CA ALA E 97 42.16 -18.17 -15.29
C ALA E 97 42.41 -16.66 -15.41
N ASP E 98 41.79 -16.06 -16.41
CA ASP E 98 41.93 -14.62 -16.64
C ASP E 98 40.84 -13.79 -15.99
N ALA E 99 39.76 -14.41 -15.55
CA ALA E 99 38.63 -13.66 -15.01
C ALA E 99 37.68 -14.63 -14.33
N LEU E 100 36.76 -14.07 -13.55
CA LEU E 100 35.83 -14.84 -12.76
C LEU E 100 34.40 -14.49 -13.16
N LEU E 101 33.58 -15.53 -13.35
CA LEU E 101 32.14 -15.39 -13.48
C LEU E 101 31.53 -15.74 -12.13
N VAL E 102 30.79 -14.80 -11.56
CA VAL E 102 30.28 -14.93 -10.19
C VAL E 102 28.78 -14.64 -10.22
N VAL E 103 27.96 -15.67 -9.99
CA VAL E 103 26.52 -15.57 -10.09
C VAL E 103 25.98 -14.86 -8.86
N VAL E 104 24.92 -14.08 -9.05
CA VAL E 104 24.15 -13.60 -7.90
C VAL E 104 23.69 -14.82 -7.09
N PRO E 105 23.93 -14.87 -5.78
CA PRO E 105 23.54 -16.05 -4.99
C PRO E 105 22.09 -16.46 -5.21
N TYR E 106 21.87 -17.75 -5.39
CA TYR E 106 20.55 -18.35 -5.57
C TYR E 106 20.06 -18.99 -4.28
N TYR E 107 18.76 -19.23 -4.21
CA TYR E 107 18.11 -19.94 -3.09
C TYR E 107 18.06 -19.16 -1.77
N ASN E 108 19.18 -18.72 -1.19
CA ASN E 108 19.14 -18.05 0.13
C ASN E 108 18.61 -16.62 0.02
N LYS E 109 18.45 -16.11 -1.19
CA LYS E 109 17.91 -14.77 -1.44
C LYS E 109 18.45 -13.71 -0.48
N PRO E 110 19.71 -13.30 -0.60
CA PRO E 110 20.18 -12.14 0.15
C PRO E 110 19.53 -10.85 -0.33
N ASN E 111 19.55 -9.83 0.54
CA ASN E 111 19.11 -8.50 0.16
C ASN E 111 20.29 -7.75 -0.45
N LYS E 112 20.12 -6.44 -0.67
CA LYS E 112 21.15 -5.64 -1.31
C LYS E 112 22.43 -5.63 -0.49
N LYS E 113 22.31 -5.46 0.82
CA LYS E 113 23.49 -5.51 1.67
C LYS E 113 24.17 -6.86 1.56
N GLY E 114 23.39 -7.94 1.45
CA GLY E 114 23.97 -9.24 1.22
C GLY E 114 24.75 -9.32 -0.09
N LEU E 115 24.20 -8.72 -1.15
CA LEU E 115 24.91 -8.73 -2.43
C LEU E 115 26.21 -7.93 -2.35
N LEU E 116 26.19 -6.78 -1.68
CA LEU E 116 27.42 -6.01 -1.49
C LEU E 116 28.45 -6.81 -0.69
N ALA E 117 28.02 -7.49 0.37
CA ALA E 117 28.95 -8.30 1.14
C ALA E 117 29.50 -9.46 0.32
N HIS E 118 28.64 -10.12 -0.48
CA HIS E 118 29.08 -11.26 -1.28
C HIS E 118 30.10 -10.84 -2.32
N PHE E 119 29.73 -9.91 -3.19
CA PHE E 119 30.64 -9.53 -4.27
C PHE E 119 31.83 -8.74 -3.75
N GLY E 120 31.66 -8.04 -2.61
CA GLY E 120 32.80 -7.39 -1.99
C GLY E 120 33.82 -8.37 -1.42
N SER E 121 33.34 -9.38 -0.70
CA SER E 121 34.25 -10.39 -0.15
C SER E 121 35.06 -11.06 -1.24
N ILE E 122 34.41 -11.43 -2.35
CA ILE E 122 35.13 -12.07 -3.44
C ILE E 122 36.11 -11.10 -4.08
N ALA E 123 35.67 -9.87 -4.34
CA ALA E 123 36.53 -8.89 -5.01
C ALA E 123 37.79 -8.58 -4.19
N ASN E 124 37.68 -8.53 -2.86
CA ASN E 124 38.84 -8.26 -2.01
C ASN E 124 39.72 -9.48 -1.78
N ALA E 125 39.27 -10.69 -2.14
CA ALA E 125 40.06 -11.89 -1.93
C ALA E 125 40.81 -12.34 -3.18
N VAL E 126 40.56 -11.71 -4.34
CA VAL E 126 41.25 -12.02 -5.58
C VAL E 126 41.66 -10.72 -6.25
N SER E 127 42.58 -10.83 -7.20
CA SER E 127 42.96 -9.71 -8.04
C SER E 127 42.44 -9.86 -9.47
N LEU E 128 41.79 -10.99 -9.78
CA LEU E 128 41.26 -11.20 -11.11
C LEU E 128 40.04 -10.30 -11.34
N PRO E 129 39.80 -9.89 -12.58
CA PRO E 129 38.55 -9.19 -12.90
C PRO E 129 37.33 -10.08 -12.71
N ILE E 130 36.25 -9.48 -12.23
CA ILE E 130 35.01 -10.16 -11.86
C ILE E 130 33.90 -9.75 -12.81
N TYR E 131 33.14 -10.72 -13.30
CA TYR E 131 31.93 -10.48 -14.06
C TYR E 131 30.72 -10.85 -13.21
N ILE E 132 29.82 -9.89 -13.00
CA ILE E 132 28.58 -10.21 -12.32
C ILE E 132 27.67 -11.00 -13.25
N TYR E 133 27.15 -12.11 -12.76
CA TYR E 133 26.27 -12.98 -13.55
C TYR E 133 24.86 -12.82 -12.99
N ASN E 134 24.00 -12.13 -13.74
CA ASN E 134 22.65 -11.77 -13.32
C ASN E 134 21.68 -12.63 -14.10
N ASN E 135 21.05 -13.60 -13.41
CA ASN E 135 20.11 -14.53 -14.03
C ASN E 135 18.97 -14.78 -13.07
N PRO E 136 18.07 -13.80 -12.90
CA PRO E 136 16.97 -13.96 -11.96
C PRO E 136 16.02 -15.10 -12.29
N SER E 137 15.93 -15.53 -13.56
CA SER E 137 15.08 -16.68 -13.84
C SER E 137 15.60 -17.95 -13.18
N ARG E 138 16.84 -17.96 -12.70
CA ARG E 138 17.36 -19.03 -11.85
C ARG E 138 17.56 -18.64 -10.40
N THR E 139 17.84 -17.36 -10.11
CA THR E 139 18.22 -16.96 -8.76
C THR E 139 17.09 -16.27 -8.00
N VAL E 140 15.94 -16.07 -8.64
CA VAL E 140 14.81 -15.28 -8.12
C VAL E 140 15.19 -13.80 -8.01
N ILE E 141 16.10 -13.45 -7.09
CA ILE E 141 16.46 -12.04 -6.91
C ILE E 141 17.22 -11.53 -8.13
N GLU E 142 17.15 -10.21 -8.33
CA GLU E 142 17.85 -9.55 -9.42
C GLU E 142 18.71 -8.44 -8.83
N MET E 143 19.99 -8.41 -9.17
CA MET E 143 20.79 -7.25 -8.78
C MET E 143 20.30 -6.04 -9.57
N ASP E 144 19.90 -4.98 -8.87
CA ASP E 144 19.45 -3.80 -9.59
C ASP E 144 20.64 -2.94 -10.03
N VAL E 145 20.33 -1.92 -10.84
CA VAL E 145 21.40 -1.17 -11.47
C VAL E 145 22.15 -0.31 -10.44
N ASP E 146 21.48 0.13 -9.36
CA ASP E 146 22.18 0.92 -8.35
C ASP E 146 23.19 0.06 -7.58
N THR E 147 22.85 -1.19 -7.29
CA THR E 147 23.82 -2.05 -6.63
C THR E 147 25.01 -2.29 -7.54
N MET E 148 24.73 -2.62 -8.80
CA MET E 148 25.80 -2.91 -9.75
C MET E 148 26.72 -1.71 -9.93
N ALA E 149 26.14 -0.52 -10.09
CA ALA E 149 26.95 0.68 -10.21
C ALA E 149 27.76 0.92 -8.94
N GLU E 150 27.21 0.59 -7.77
CA GLU E 150 27.99 0.73 -6.53
C GLU E 150 29.18 -0.22 -6.50
N LEU E 151 28.98 -1.49 -6.88
CA LEU E 151 30.09 -2.44 -6.89
C LEU E 151 31.18 -1.99 -7.85
N VAL E 152 30.80 -1.56 -9.05
CA VAL E 152 31.76 -1.08 -10.06
C VAL E 152 32.60 0.07 -9.50
N LYS E 153 31.97 0.97 -8.74
CA LYS E 153 32.69 2.12 -8.20
C LYS E 153 33.55 1.76 -7.00
N THR E 154 33.13 0.78 -6.18
CA THR E 154 33.89 0.45 -4.97
C THR E 154 35.05 -0.49 -5.24
N TYR E 155 34.88 -1.47 -6.12
CA TYR E 155 35.89 -2.49 -6.38
C TYR E 155 36.32 -2.40 -7.84
N SER E 156 37.60 -2.15 -8.06
CA SER E 156 38.11 -1.87 -9.40
C SER E 156 38.23 -3.13 -10.26
N ASN E 157 38.18 -4.31 -9.66
CA ASN E 157 38.24 -5.56 -10.41
C ASN E 157 36.86 -6.15 -10.66
N ILE E 158 35.80 -5.45 -10.30
CA ILE E 158 34.47 -5.74 -10.82
C ILE E 158 34.33 -4.94 -12.10
N VAL E 159 34.35 -5.63 -13.23
CA VAL E 159 34.55 -5.01 -14.54
C VAL E 159 33.38 -5.18 -15.49
N GLY E 160 32.41 -6.03 -15.18
CA GLY E 160 31.43 -6.34 -16.19
C GLY E 160 30.29 -7.18 -15.67
N VAL E 161 29.41 -7.55 -16.60
CA VAL E 161 28.18 -8.25 -16.28
C VAL E 161 27.87 -9.28 -17.37
N LYS E 162 27.33 -10.30 -17.33
N LYS E 162 27.39 -10.35 -17.44
CA LYS E 162 26.78 -11.48 -18.06
CA LYS E 162 26.67 -11.45 -18.12
C LYS E 162 25.33 -11.20 -17.82
C LYS E 162 25.24 -11.20 -17.79
N ASP E 163 24.64 -10.71 -18.53
CA ASP E 163 23.25 -10.30 -18.33
C ASP E 163 22.29 -11.28 -19.00
N ALA E 164 21.70 -12.18 -18.20
CA ALA E 164 20.82 -13.23 -18.71
C ALA E 164 19.35 -12.90 -18.50
N THR E 165 19.02 -11.62 -18.26
CA THR E 165 17.63 -11.24 -18.06
C THR E 165 16.84 -11.29 -19.37
N GLY E 166 17.48 -11.03 -20.50
CA GLY E 166 16.75 -10.90 -21.76
C GLY E 166 15.89 -9.65 -21.85
N ARG E 167 16.09 -8.67 -20.96
CA ARG E 167 15.39 -7.39 -21.00
C ARG E 167 16.43 -6.32 -21.33
N ILE E 168 16.61 -6.06 -22.63
CA ILE E 168 17.74 -5.29 -23.10
C ILE E 168 17.64 -3.82 -22.72
N GLU E 169 16.47 -3.36 -22.27
CA GLU E 169 16.42 -2.07 -21.62
C GLU E 169 17.40 -1.99 -20.47
N LEU E 170 17.70 -3.12 -19.82
CA LEU E 170 18.66 -3.09 -18.72
C LEU E 170 20.08 -2.88 -19.24
N ALA E 171 20.33 -3.21 -20.50
CA ALA E 171 21.65 -2.94 -21.06
C ALA E 171 21.91 -1.44 -21.19
N SER E 172 20.86 -0.64 -21.44
CA SER E 172 21.02 0.81 -21.49
C SER E 172 21.20 1.39 -20.09
N GLY E 173 20.35 0.95 -19.16
CA GLY E 173 20.49 1.43 -17.78
C GLY E 173 21.85 1.08 -17.20
N GLN E 174 22.36 -0.10 -17.54
CA GLN E 174 23.67 -0.49 -17.01
C GLN E 174 24.78 0.31 -17.68
N ARG E 175 24.62 0.62 -18.97
CA ARG E 175 25.61 1.41 -19.68
C ARG E 175 25.68 2.83 -19.12
N ILE E 176 24.55 3.45 -18.87
CA ILE E 176 24.53 4.82 -18.38
C ILE E 176 25.04 4.87 -16.94
N ALA E 177 24.67 3.88 -16.12
CA ALA E 177 24.98 3.97 -14.69
C ALA E 177 26.39 3.50 -14.35
N CYS E 178 26.92 2.52 -15.07
CA CYS E 178 28.26 2.01 -14.80
C CYS E 178 29.30 2.54 -15.78
N GLY E 179 28.91 3.32 -16.78
CA GLY E 179 29.88 3.84 -17.73
C GLY E 179 30.05 2.94 -18.93
N SER E 180 30.44 3.55 -20.05
CA SER E 180 30.65 2.79 -21.28
C SER E 180 31.87 1.88 -21.22
N ASP E 181 32.72 2.03 -20.19
CA ASP E 181 33.84 1.11 -19.98
C ASP E 181 33.42 -0.21 -19.35
N PHE E 182 32.24 -0.24 -18.72
CA PHE E 182 31.67 -1.46 -18.18
C PHE E 182 31.46 -2.47 -19.30
N ILE E 183 31.96 -3.69 -19.12
CA ILE E 183 31.91 -4.73 -20.13
C ILE E 183 30.61 -5.52 -19.97
N GLN E 184 29.68 -5.35 -20.91
CA GLN E 184 28.41 -6.05 -20.87
C GLN E 184 28.41 -7.22 -21.84
N LEU E 185 28.19 -8.42 -21.31
CA LEU E 185 28.07 -9.65 -22.08
C LEU E 185 26.67 -10.23 -21.88
N SER E 186 25.98 -10.51 -22.98
CA SER E 186 24.64 -11.07 -22.89
C SER E 186 24.73 -12.53 -22.47
N GLY E 187 23.82 -12.94 -21.58
CA GLY E 187 23.69 -14.35 -21.25
C GLY E 187 22.37 -14.96 -21.74
N ASP E 188 21.82 -14.42 -22.82
CA ASP E 188 20.54 -14.89 -23.37
C ASP E 188 20.70 -14.93 -24.88
N ASP E 189 20.88 -16.13 -25.44
CA ASP E 189 21.27 -16.25 -26.84
C ASP E 189 20.28 -15.55 -27.75
N SER E 190 18.99 -15.66 -27.46
CA SER E 190 18.00 -15.20 -28.42
C SER E 190 17.81 -13.70 -28.42
N SER E 191 18.37 -12.96 -27.46
CA SER E 191 18.36 -11.49 -27.51
C SER E 191 19.75 -10.90 -27.56
N ALA E 192 20.77 -11.73 -27.80
CA ALA E 192 22.16 -11.25 -27.82
C ALA E 192 22.37 -10.17 -28.87
N LEU E 193 21.57 -10.16 -29.94
CA LEU E 193 21.74 -9.19 -31.03
C LEU E 193 21.31 -7.79 -30.62
N GLY E 194 20.09 -7.63 -30.12
CA GLY E 194 19.69 -6.34 -29.60
C GLY E 194 20.48 -5.91 -28.38
N PHE E 195 20.97 -6.89 -27.61
CA PHE E 195 21.78 -6.57 -26.45
C PHE E 195 23.10 -5.92 -26.85
N ASN E 196 23.66 -6.31 -28.00
CA ASN E 196 24.91 -5.67 -28.41
C ASN E 196 24.66 -4.26 -28.93
N VAL E 197 23.58 -4.06 -29.68
CA VAL E 197 23.31 -2.73 -30.19
C VAL E 197 22.99 -1.74 -29.07
N HIS E 198 22.63 -2.23 -27.87
CA HIS E 198 22.40 -1.39 -26.71
C HIS E 198 23.65 -1.19 -25.86
N GLY E 199 24.79 -1.73 -26.28
CA GLY E 199 26.01 -1.51 -25.52
C GLY E 199 26.84 -2.76 -25.26
N GLY E 200 26.22 -3.93 -25.44
CA GLY E 200 26.93 -5.17 -25.23
C GLY E 200 28.00 -5.40 -26.27
N VAL E 201 28.98 -6.24 -25.92
CA VAL E 201 30.12 -6.51 -26.80
C VAL E 201 30.28 -8.01 -27.03
N GLY E 202 29.33 -8.80 -26.55
CA GLY E 202 29.40 -10.23 -26.78
C GLY E 202 28.37 -10.98 -25.97
N CYS E 203 28.44 -12.30 -26.06
CA CYS E 203 27.44 -13.17 -25.46
C CYS E 203 28.11 -14.42 -24.94
N ILE E 204 27.87 -14.74 -23.68
CA ILE E 204 28.28 -16.03 -23.13
C ILE E 204 27.12 -16.98 -23.42
N SER E 205 27.37 -17.94 -24.29
CA SER E 205 26.31 -18.54 -25.10
C SER E 205 26.15 -20.02 -24.79
N VAL E 206 24.90 -20.48 -24.76
CA VAL E 206 24.62 -21.91 -24.74
C VAL E 206 24.82 -22.51 -26.12
N THR E 207 24.26 -21.84 -27.14
CA THR E 207 24.20 -22.44 -28.47
C THR E 207 25.58 -22.60 -29.09
N ALA E 208 26.53 -21.71 -28.75
CA ALA E 208 27.89 -21.83 -29.26
C ALA E 208 28.52 -23.19 -28.95
N ASN E 209 28.03 -23.90 -27.93
CA ASN E 209 28.45 -25.28 -27.70
C ASN E 209 28.14 -26.15 -28.91
N VAL E 210 27.00 -25.93 -29.54
CA VAL E 210 26.51 -26.78 -30.61
C VAL E 210 26.97 -26.28 -31.97
N ALA E 211 26.97 -24.96 -32.18
CA ALA E 211 27.27 -24.37 -33.49
C ALA E 211 28.28 -23.24 -33.32
N PRO E 212 29.51 -23.55 -32.94
CA PRO E 212 30.46 -22.46 -32.65
C PRO E 212 30.73 -21.53 -33.84
N ARG E 213 30.94 -22.09 -35.04
CA ARG E 213 31.38 -21.24 -36.15
C ARG E 213 30.34 -20.20 -36.51
N ILE E 214 29.08 -20.62 -36.64
CA ILE E 214 28.06 -19.66 -37.07
C ILE E 214 27.79 -18.65 -35.97
N CYS E 215 27.92 -19.06 -34.70
CA CYS E 215 27.79 -18.11 -33.60
C CYS E 215 28.91 -17.06 -33.64
N ALA E 216 30.13 -17.48 -33.95
CA ALA E 216 31.23 -16.53 -34.10
C ALA E 216 31.00 -15.63 -35.31
N GLU E 217 30.54 -16.21 -36.42
CA GLU E 217 30.22 -15.40 -37.59
C GLU E 217 29.12 -14.40 -37.27
N PHE E 218 28.11 -14.83 -36.51
CA PHE E 218 27.05 -13.92 -36.07
C PHE E 218 27.62 -12.75 -35.27
N GLN E 219 28.41 -13.05 -34.24
CA GLN E 219 29.03 -11.99 -33.44
C GLN E 219 29.93 -11.11 -34.30
N LYS E 220 30.75 -11.71 -35.17
CA LYS E 220 31.63 -10.89 -36.01
C LYS E 220 30.82 -9.88 -36.83
N ALA E 221 29.75 -10.35 -37.47
CA ALA E 221 28.86 -9.45 -38.20
C ALA E 221 28.47 -8.23 -37.36
N ILE E 222 28.04 -8.47 -36.11
CA ILE E 222 27.69 -7.35 -35.24
C ILE E 222 28.93 -6.48 -35.00
N SER E 223 30.07 -7.12 -34.75
CA SER E 223 31.28 -6.37 -34.46
C SER E 223 31.63 -5.42 -35.59
N GLU E 224 31.41 -5.83 -36.83
CA GLU E 224 31.68 -4.99 -37.98
C GLU E 224 30.50 -4.11 -38.39
N GLY E 225 29.49 -3.99 -37.54
CA GLY E 225 28.33 -3.16 -37.85
C GLY E 225 27.53 -3.58 -39.06
N ASP E 226 27.73 -4.81 -39.57
CA ASP E 226 26.90 -5.34 -40.65
C ASP E 226 25.65 -5.94 -40.02
N TYR E 227 24.72 -5.06 -39.67
CA TYR E 227 23.53 -5.47 -38.94
C TYR E 227 22.48 -6.10 -39.85
N ARG E 228 22.56 -5.85 -41.16
CA ARG E 228 21.77 -6.62 -42.11
C ARG E 228 22.17 -8.08 -42.09
N GLN E 229 23.48 -8.36 -42.00
CA GLN E 229 23.95 -9.74 -42.00
C GLN E 229 23.73 -10.41 -40.65
N ALA E 230 23.92 -9.67 -39.56
CA ALA E 230 23.60 -10.20 -38.23
C ALA E 230 22.15 -10.66 -38.17
N LEU E 231 21.25 -9.89 -38.78
CA LEU E 231 19.84 -10.24 -38.80
C LEU E 231 19.59 -11.49 -39.65
N GLU E 232 20.36 -11.70 -40.71
CA GLU E 232 20.20 -12.94 -41.48
C GLU E 232 20.69 -14.13 -40.67
N TYR E 233 21.75 -13.95 -39.88
CA TYR E 233 22.23 -15.02 -39.00
C TYR E 233 21.26 -15.25 -37.85
N GLN E 234 20.69 -14.17 -37.32
CA GLN E 234 19.74 -14.28 -36.22
C GLN E 234 18.55 -15.16 -36.62
N ASP E 235 17.99 -14.89 -37.80
CA ASP E 235 16.85 -15.68 -38.26
C ASP E 235 17.21 -17.15 -38.42
N LYS E 236 18.46 -17.46 -38.78
CA LYS E 236 18.87 -18.86 -38.92
C LYS E 236 19.12 -19.52 -37.57
N LEU E 237 19.72 -18.79 -36.62
CA LEU E 237 20.09 -19.36 -35.34
C LEU E 237 18.93 -19.41 -34.34
N PHE E 238 17.96 -18.50 -34.46
CA PHE E 238 16.87 -18.42 -33.48
C PHE E 238 16.16 -19.75 -33.22
N PRO E 239 15.74 -20.53 -34.23
CA PRO E 239 15.07 -21.81 -33.91
C PRO E 239 15.94 -22.72 -33.07
N LEU E 240 17.26 -22.74 -33.32
CA LEU E 240 18.15 -23.59 -32.54
C LEU E 240 18.26 -23.08 -31.11
N HIS E 241 18.46 -21.75 -30.93
CA HIS E 241 18.46 -21.15 -29.61
C HIS E 241 17.24 -21.62 -28.82
N GLN E 242 16.05 -21.42 -29.40
CA GLN E 242 14.80 -21.76 -28.75
C GLN E 242 14.67 -23.28 -28.54
N ALA E 243 15.08 -24.08 -29.53
CA ALA E 243 14.90 -25.53 -29.41
C ALA E 243 15.75 -26.09 -28.28
N LEU E 244 16.90 -25.49 -28.01
CA LEU E 244 17.82 -26.04 -27.02
C LEU E 244 17.34 -25.86 -25.57
N PHE E 245 16.33 -25.03 -25.30
CA PHE E 245 15.81 -24.94 -23.93
C PHE E 245 14.31 -25.26 -23.84
N ILE E 246 13.79 -26.05 -24.79
CA ILE E 246 12.49 -26.69 -24.60
C ILE E 246 12.53 -27.57 -23.35
N GLU E 247 13.61 -28.31 -23.19
CA GLU E 247 13.94 -29.06 -21.98
C GLU E 247 15.27 -28.50 -21.49
N PRO E 248 15.77 -28.89 -20.33
CA PRO E 248 17.00 -28.25 -19.83
C PRO E 248 18.11 -28.31 -20.85
N SER E 249 18.76 -27.16 -21.07
CA SER E 249 19.72 -27.00 -22.14
C SER E 249 20.91 -27.93 -22.00
N ILE E 250 21.29 -28.26 -20.76
CA ILE E 250 22.41 -29.17 -20.54
C ILE E 250 22.19 -30.46 -21.32
N SER E 251 21.04 -31.07 -21.12
CA SER E 251 20.76 -32.33 -21.78
C SER E 251 20.61 -32.13 -23.28
N SER E 252 19.99 -31.03 -23.69
CA SER E 252 19.69 -30.85 -25.10
C SER E 252 20.96 -30.58 -25.89
N VAL E 253 21.92 -29.86 -25.30
CA VAL E 253 23.17 -29.57 -25.98
C VAL E 253 23.95 -30.86 -26.21
N LYS E 254 24.03 -31.72 -25.18
CA LYS E 254 24.76 -32.97 -25.32
C LYS E 254 24.09 -33.87 -26.35
N TYR E 255 22.76 -33.90 -26.37
CA TYR E 255 22.06 -34.63 -27.42
C TYR E 255 22.52 -34.12 -28.80
N ALA E 256 22.45 -32.80 -29.00
CA ALA E 256 22.83 -32.23 -30.28
C ALA E 256 24.27 -32.56 -30.63
N LEU E 257 25.17 -32.48 -29.66
CA LEU E 257 26.58 -32.80 -29.92
C LEU E 257 26.74 -34.25 -30.34
N SER E 258 26.02 -35.16 -29.67
CA SER E 258 26.11 -36.57 -30.02
C SER E 258 25.59 -36.82 -31.43
N ARG E 259 24.46 -36.20 -31.77
CA ARG E 259 23.91 -36.35 -33.13
C ARG E 259 24.94 -35.90 -34.17
N LEU E 260 25.61 -34.77 -33.92
CA LEU E 260 26.60 -34.26 -34.86
C LEU E 260 27.87 -35.10 -34.92
N GLY E 261 28.07 -36.04 -34.01
CA GLY E 261 29.23 -36.89 -34.08
C GLY E 261 30.42 -36.45 -33.25
N ARG E 262 30.25 -35.46 -32.38
CA ARG E 262 31.31 -35.10 -31.45
C ARG E 262 31.45 -36.18 -30.38
N ASN E 263 32.68 -36.46 -29.99
CA ASN E 263 32.94 -37.38 -28.88
C ASN E 263 32.40 -36.75 -27.61
N VAL E 264 31.08 -36.80 -27.44
CA VAL E 264 30.42 -36.37 -26.21
C VAL E 264 29.33 -37.37 -25.87
N SER E 265 29.34 -37.88 -24.64
CA SER E 265 28.31 -38.82 -24.23
C SER E 265 27.06 -38.08 -23.78
N LEU E 266 25.94 -38.80 -23.77
CA LEU E 266 24.67 -38.22 -23.37
C LEU E 266 24.57 -37.99 -21.87
N VAL E 267 25.54 -38.46 -21.09
CA VAL E 267 25.41 -38.56 -19.65
C VAL E 267 25.34 -37.17 -19.01
N VAL E 268 24.37 -37.00 -18.13
CA VAL E 268 24.23 -35.83 -17.27
C VAL E 268 24.03 -36.33 -15.85
N ARG E 269 24.10 -35.41 -14.90
CA ARG E 269 23.99 -35.75 -13.49
C ARG E 269 22.64 -35.30 -12.94
N ALA E 270 22.03 -36.18 -12.18
CA ALA E 270 20.75 -35.87 -11.55
C ALA E 270 20.89 -34.63 -10.66
N PRO E 271 19.87 -33.76 -10.60
CA PRO E 271 18.50 -33.90 -11.09
C PRO E 271 18.28 -33.61 -12.57
N MET E 272 19.33 -33.46 -13.36
CA MET E 272 19.15 -33.45 -14.80
C MET E 272 19.01 -34.89 -15.29
N VAL E 273 18.26 -35.08 -16.38
CA VAL E 273 18.18 -36.38 -17.02
C VAL E 273 18.46 -36.19 -18.50
N SER E 274 19.04 -37.21 -19.11
CA SER E 274 19.37 -37.13 -20.53
C SER E 274 18.24 -37.61 -21.43
N ILE E 275 17.20 -38.23 -20.89
CA ILE E 275 16.09 -38.67 -21.71
C ILE E 275 15.26 -37.45 -22.09
N LEU E 276 15.24 -37.12 -23.39
CA LEU E 276 14.50 -35.99 -23.92
C LEU E 276 13.21 -36.48 -24.57
N GLU E 277 12.14 -35.69 -24.46
CA GLU E 277 10.94 -36.02 -25.21
C GLU E 277 11.25 -36.04 -26.70
N LYS E 278 10.45 -36.79 -27.43
CA LYS E 278 10.73 -37.06 -28.83
C LYS E 278 10.37 -35.85 -29.69
N GLU E 279 9.35 -35.10 -29.29
CA GLU E 279 9.04 -33.84 -29.94
C GLU E 279 10.16 -32.82 -29.70
N THR E 280 10.83 -32.91 -28.55
CA THR E 280 12.00 -32.06 -28.28
C THR E 280 13.14 -32.40 -29.23
N MET E 281 13.43 -33.69 -29.41
CA MET E 281 14.55 -34.07 -30.27
C MET E 281 14.25 -33.72 -31.72
N PHE E 282 12.99 -33.86 -32.12
CA PHE E 282 12.60 -33.46 -33.48
C PHE E 282 12.81 -31.96 -33.68
N ALA E 283 12.44 -31.14 -32.70
CA ALA E 283 12.64 -29.69 -32.84
C ALA E 283 14.12 -29.35 -32.97
N ILE E 284 14.97 -30.05 -32.21
CA ILE E 284 16.40 -29.76 -32.29
C ILE E 284 16.95 -30.15 -33.65
N ASP E 285 16.53 -31.31 -34.17
CA ASP E 285 17.03 -31.77 -35.45
C ASP E 285 16.62 -30.84 -36.58
N GLN E 286 15.37 -30.39 -36.59
CA GLN E 286 14.93 -29.47 -37.64
C GLN E 286 15.73 -28.16 -37.59
N ALA E 287 15.96 -27.63 -36.40
CA ALA E 287 16.77 -26.42 -36.29
C ALA E 287 18.22 -26.66 -36.67
N LEU E 288 18.75 -27.87 -36.42
CA LEU E 288 20.12 -28.15 -36.80
C LEU E 288 20.27 -28.25 -38.32
N ASP E 289 19.27 -28.84 -39.00
CA ASP E 289 19.36 -29.05 -40.44
C ASP E 289 19.03 -27.79 -41.22
N HIS E 290 18.19 -26.92 -40.67
CA HIS E 290 17.94 -25.60 -41.27
C HIS E 290 19.21 -24.76 -41.31
N ILE E 291 20.10 -24.97 -40.34
CA ILE E 291 21.41 -24.34 -40.36
C ILE E 291 22.41 -25.15 -41.19
N GLY E 292 22.18 -26.46 -41.34
CA GLY E 292 23.00 -27.29 -42.19
C GLY E 292 24.28 -27.78 -41.56
N LEU E 293 24.23 -28.20 -40.29
CA LEU E 293 25.42 -28.60 -39.56
C LEU E 293 25.68 -30.12 -39.58
N CYS E 294 24.75 -30.93 -40.05
CA CYS E 294 24.95 -32.37 -40.10
C CYS E 294 25.82 -32.70 -41.30
N ALA E 295 27.12 -32.88 -41.06
CA ALA E 295 28.07 -33.25 -42.10
C ALA E 295 27.79 -34.69 -42.54
N GLY E 296 26.82 -34.85 -43.43
CA GLY E 296 26.45 -36.17 -43.92
C GLY E 296 25.32 -36.19 -44.94
N MET F 1 4.93 1.77 -44.67
CA MET F 1 3.89 2.78 -44.54
C MET F 1 3.94 3.45 -43.18
N PHE F 2 3.90 2.63 -42.14
CA PHE F 2 4.10 3.13 -40.77
C PHE F 2 5.52 2.75 -40.39
N GLN F 3 6.35 3.73 -40.09
CA GLN F 3 7.75 3.45 -39.71
C GLN F 3 8.31 4.63 -38.92
N ARG F 4 9.51 4.45 -38.38
CA ARG F 4 10.21 5.50 -37.60
C ARG F 4 9.41 5.92 -36.35
N SER F 5 9.43 7.21 -36.00
CA SER F 5 8.82 7.75 -34.76
C SER F 5 7.33 8.05 -34.94
N ILE F 6 6.50 7.45 -34.10
CA ILE F 6 5.04 7.56 -34.22
C ILE F 6 4.45 7.82 -32.84
N PRO F 7 4.05 9.04 -32.51
CA PRO F 7 3.54 9.30 -31.15
C PRO F 7 2.21 8.60 -30.90
N ALA F 8 2.10 7.99 -29.72
CA ALA F 8 0.77 7.65 -29.19
C ALA F 8 0.26 8.91 -28.53
N LEU F 9 -0.55 9.68 -29.27
CA LEU F 9 -0.88 11.05 -28.89
C LEU F 9 -1.62 11.12 -27.57
N ILE F 10 -1.28 12.13 -26.76
CA ILE F 10 -2.13 12.48 -25.62
C ILE F 10 -3.44 13.09 -26.13
N THR F 11 -4.42 13.13 -25.24
CA THR F 11 -5.66 13.87 -25.46
C THR F 11 -5.74 14.99 -24.43
N PRO F 12 -5.48 16.24 -24.82
CA PRO F 12 -5.49 17.32 -23.84
C PRO F 12 -6.91 17.69 -23.47
N PHE F 13 -7.10 18.03 -22.20
CA PHE F 13 -8.41 18.48 -21.73
C PHE F 13 -8.34 19.93 -21.29
N THR F 14 -9.47 20.64 -21.46
CA THR F 14 -9.63 21.98 -20.89
C THR F 14 -9.76 21.88 -19.38
N LYS F 15 -9.77 23.06 -18.74
CA LYS F 15 -10.02 23.12 -17.29
C LYS F 15 -11.41 22.60 -16.95
N ASP F 16 -12.35 22.71 -17.88
CA ASP F 16 -13.71 22.20 -17.68
C ASP F 16 -13.87 20.75 -18.15
N ASN F 17 -12.77 20.00 -18.20
CA ASN F 17 -12.78 18.57 -18.55
C ASN F 17 -13.46 18.31 -19.90
N LEU F 18 -13.29 19.21 -20.85
CA LEU F 18 -13.69 18.96 -22.23
C LEU F 18 -12.45 18.71 -23.07
N ILE F 19 -12.66 18.08 -24.23
CA ILE F 19 -11.57 17.93 -25.18
C ILE F 19 -11.04 19.30 -25.55
N ASP F 20 -9.72 19.48 -25.39
CA ASP F 20 -9.09 20.74 -25.77
C ASP F 20 -8.65 20.60 -27.21
N GLU F 21 -9.56 20.93 -28.14
CA GLU F 21 -9.33 20.61 -29.54
C GLU F 21 -8.19 21.43 -30.13
N ASP F 22 -8.16 22.74 -29.81
CA ASP F 22 -7.10 23.60 -30.32
C ASP F 22 -5.73 23.09 -29.89
N SER F 23 -5.60 22.69 -28.63
CA SER F 23 -4.35 22.14 -28.14
C SER F 23 -4.01 20.83 -28.84
N PHE F 24 -5.02 20.01 -29.10
CA PHE F 24 -4.79 18.73 -29.79
C PHE F 24 -4.33 18.95 -31.23
N VAL F 25 -4.92 19.94 -31.93
CA VAL F 25 -4.47 20.27 -33.29
C VAL F 25 -3.05 20.80 -33.25
N ASP F 26 -2.76 21.71 -32.31
CA ASP F 26 -1.44 22.33 -32.22
C ASP F 26 -0.38 21.28 -31.94
N HIS F 27 -0.72 20.31 -31.07
CA HIS F 27 0.18 19.19 -30.81
C HIS F 27 0.44 18.38 -32.08
N ILE F 28 -0.61 18.04 -32.81
CA ILE F 28 -0.44 17.26 -34.03
C ILE F 28 0.39 18.05 -35.04
N GLU F 29 0.10 19.34 -35.20
CA GLU F 29 0.86 20.15 -36.14
C GLU F 29 2.33 20.17 -35.75
N TRP F 30 2.60 20.49 -34.48
CA TRP F 30 3.96 20.46 -33.96
C TRP F 30 4.61 19.10 -34.17
N GLN F 31 3.87 18.01 -33.93
CA GLN F 31 4.41 16.67 -34.12
C GLN F 31 4.89 16.46 -35.56
N ILE F 32 4.06 16.83 -36.53
CA ILE F 32 4.44 16.63 -37.93
C ILE F 32 5.62 17.50 -38.28
N SER F 33 5.59 18.76 -37.84
CA SER F 33 6.67 19.70 -38.10
C SER F 33 7.99 19.18 -37.53
N GLU F 34 7.94 18.58 -36.33
CA GLU F 34 9.17 18.14 -35.70
C GLU F 34 9.72 16.83 -36.25
N GLY F 35 8.98 16.13 -37.12
CA GLY F 35 9.52 14.98 -37.82
C GLY F 35 8.87 13.63 -37.51
N SER F 36 7.82 13.56 -36.70
CA SER F 36 7.10 12.30 -36.52
C SER F 36 6.57 11.82 -37.87
N SER F 37 6.48 10.49 -38.05
CA SER F 37 6.11 9.90 -39.34
C SER F 37 4.68 9.41 -39.41
N GLY F 38 3.97 9.36 -38.30
CA GLY F 38 2.58 8.95 -38.28
C GLY F 38 2.02 9.25 -36.92
N LEU F 39 0.70 9.09 -36.79
CA LEU F 39 0.00 9.46 -35.58
C LEU F 39 -0.91 8.32 -35.12
N VAL F 40 -0.94 8.11 -33.81
CA VAL F 40 -1.89 7.19 -33.18
C VAL F 40 -2.75 7.99 -32.21
N PRO F 41 -3.96 8.37 -32.61
CA PRO F 41 -4.89 9.02 -31.69
C PRO F 41 -5.79 8.05 -30.94
N ALA F 42 -6.17 8.46 -29.73
CA ALA F 42 -7.11 7.70 -28.90
C ALA F 42 -6.58 6.30 -28.58
N GLY F 43 -5.27 6.20 -28.33
CA GLY F 43 -4.68 5.01 -27.75
C GLY F 43 -4.62 5.09 -26.24
N THR F 44 -3.76 4.25 -25.65
CA THR F 44 -3.60 4.23 -24.19
C THR F 44 -3.08 5.56 -23.66
N THR F 45 -2.02 6.08 -24.29
CA THR F 45 -1.52 7.41 -23.94
C THR F 45 -2.56 8.51 -24.22
N GLY F 46 -3.52 8.24 -25.10
CA GLY F 46 -4.64 9.13 -25.36
C GLY F 46 -5.78 9.04 -24.39
N GLU F 47 -5.64 8.23 -23.33
CA GLU F 47 -6.67 8.04 -22.30
C GLU F 47 -7.97 7.48 -22.89
N SER F 48 -7.84 6.61 -23.89
CA SER F 48 -8.96 5.92 -24.51
C SER F 48 -10.00 5.48 -23.47
N SER F 49 -9.54 4.90 -22.35
CA SER F 49 -10.42 4.32 -21.34
C SER F 49 -11.35 5.34 -20.68
N THR F 50 -10.99 6.62 -20.67
CA THR F 50 -11.81 7.62 -20.02
C THR F 50 -12.50 8.55 -21.01
N LEU F 51 -12.45 8.22 -22.30
CA LEU F 51 -13.20 8.94 -23.32
C LEU F 51 -14.54 8.27 -23.55
N SER F 52 -15.58 9.09 -23.67
CA SER F 52 -16.83 8.56 -24.19
C SER F 52 -16.65 8.14 -25.64
N TYR F 53 -17.58 7.32 -26.12
CA TYR F 53 -17.54 6.92 -27.53
C TYR F 53 -17.54 8.14 -28.43
N GLU F 54 -18.41 9.12 -28.14
CA GLU F 54 -18.44 10.35 -28.94
C GLU F 54 -17.09 11.05 -28.92
N GLU F 55 -16.51 11.21 -27.72
CA GLU F 55 -15.19 11.82 -27.61
C GLU F 55 -14.14 11.03 -28.36
N HIS F 56 -14.14 9.70 -28.19
CA HIS F 56 -13.15 8.88 -28.88
C HIS F 56 -13.18 9.14 -30.39
N CYS F 57 -14.36 9.05 -31.01
CA CYS F 57 -14.45 9.24 -32.46
C CYS F 57 -14.05 10.66 -32.86
N ARG F 58 -14.40 11.65 -32.02
CA ARG F 58 -14.03 13.03 -32.32
C ARG F 58 -12.52 13.19 -32.35
N VAL F 59 -11.84 12.66 -31.33
CA VAL F 59 -10.38 12.71 -31.30
C VAL F 59 -9.81 12.11 -32.58
N VAL F 60 -10.33 10.95 -32.98
CA VAL F 60 -9.85 10.31 -34.20
C VAL F 60 -10.17 11.16 -35.42
N GLU F 61 -11.43 11.61 -35.52
CA GLU F 61 -11.82 12.45 -36.65
C GLU F 61 -10.94 13.69 -36.73
N LEU F 62 -10.74 14.35 -35.59
CA LEU F 62 -9.96 15.58 -35.58
C LEU F 62 -8.50 15.33 -35.94
N CYS F 63 -7.97 14.16 -35.58
CA CYS F 63 -6.56 13.91 -35.86
C CYS F 63 -6.35 13.66 -37.36
N VAL F 64 -7.22 12.85 -37.97
CA VAL F 64 -7.10 12.58 -39.41
C VAL F 64 -7.26 13.87 -40.22
N LYS F 65 -8.19 14.73 -39.81
CA LYS F 65 -8.41 15.96 -40.55
C LYS F 65 -7.23 16.92 -40.41
N THR F 66 -6.63 16.98 -39.22
CA THR F 66 -5.45 17.83 -39.05
C THR F 66 -4.25 17.29 -39.82
N ALA F 67 -4.06 15.96 -39.81
CA ALA F 67 -2.94 15.38 -40.53
C ALA F 67 -3.03 15.66 -42.03
N ALA F 68 -4.25 15.62 -42.56
CA ALA F 68 -4.54 16.05 -43.94
C ALA F 68 -3.65 15.32 -44.94
N GLY F 69 -3.47 14.01 -44.71
CA GLY F 69 -2.70 13.21 -45.62
C GLY F 69 -1.20 13.39 -45.56
N ARG F 70 -0.69 14.30 -44.73
CA ARG F 70 0.76 14.47 -44.67
C ARG F 70 1.44 13.27 -44.03
N VAL F 71 0.85 12.72 -42.97
CA VAL F 71 1.36 11.52 -42.30
C VAL F 71 0.22 10.50 -42.23
N PRO F 72 0.52 9.20 -42.17
CA PRO F 72 -0.55 8.22 -41.97
C PRO F 72 -1.06 8.23 -40.53
N VAL F 73 -2.37 7.99 -40.40
CA VAL F 73 -3.04 7.95 -39.11
C VAL F 73 -3.44 6.51 -38.80
N MET F 74 -3.02 6.00 -37.65
CA MET F 74 -3.44 4.69 -37.15
C MET F 74 -4.30 4.92 -35.91
N ALA F 75 -5.60 4.77 -36.08
CA ALA F 75 -6.57 5.07 -35.02
C ALA F 75 -6.69 3.93 -34.02
N GLY F 76 -6.82 4.30 -32.74
CA GLY F 76 -7.12 3.31 -31.73
C GLY F 76 -8.55 2.82 -31.89
N ALA F 77 -8.73 1.53 -32.14
CA ALA F 77 -10.04 0.89 -32.07
C ALA F 77 -10.06 -0.20 -31.01
N GLY F 78 -9.11 -0.14 -30.08
CA GLY F 78 -9.00 -1.16 -29.05
C GLY F 78 -10.05 -1.00 -27.97
N SER F 79 -10.62 -2.14 -27.58
CA SER F 79 -11.64 -2.26 -26.55
C SER F 79 -11.58 -3.68 -26.03
N ASN F 80 -12.14 -3.91 -24.86
CA ASN F 80 -12.32 -5.30 -24.46
C ASN F 80 -13.71 -5.82 -24.83
N ASN F 81 -14.42 -5.07 -25.65
CA ASN F 81 -15.76 -5.37 -26.11
C ASN F 81 -15.70 -5.45 -27.63
N THR F 82 -15.85 -6.66 -28.18
CA THR F 82 -15.72 -6.84 -29.63
C THR F 82 -16.71 -5.98 -30.39
N LYS F 83 -17.97 -5.96 -29.96
CA LYS F 83 -18.97 -5.15 -30.66
C LYS F 83 -18.60 -3.67 -30.63
N GLU F 84 -18.05 -3.21 -29.51
CA GLU F 84 -17.61 -1.82 -29.44
C GLU F 84 -16.38 -1.58 -30.31
N SER F 85 -15.42 -2.50 -30.30
CA SER F 85 -14.24 -2.34 -31.13
C SER F 85 -14.63 -2.24 -32.59
N ILE F 86 -15.60 -3.03 -33.02
CA ILE F 86 -16.03 -2.98 -34.41
C ILE F 86 -16.57 -1.58 -34.74
N GLU F 87 -17.41 -1.03 -33.86
CA GLU F 87 -17.99 0.27 -34.14
C GLU F 87 -16.93 1.36 -34.16
N LEU F 88 -15.93 1.26 -33.28
CA LEU F 88 -14.82 2.20 -33.32
C LEU F 88 -14.04 2.09 -34.62
N ALA F 89 -13.74 0.85 -35.02
CA ALA F 89 -13.00 0.62 -36.26
C ALA F 89 -13.79 1.07 -37.47
N GLN F 90 -15.10 0.79 -37.49
CA GLN F 90 -15.92 1.25 -38.62
C GLN F 90 -16.00 2.76 -38.66
N TYR F 91 -16.01 3.43 -37.51
CA TYR F 91 -16.01 4.89 -37.54
C TYR F 91 -14.68 5.42 -38.06
N ALA F 92 -13.57 4.89 -37.52
CA ALA F 92 -12.25 5.31 -37.99
C ALA F 92 -12.15 5.19 -39.51
N GLN F 93 -12.62 4.07 -40.05
CA GLN F 93 -12.54 3.88 -41.48
C GLN F 93 -13.37 4.92 -42.22
N ASN F 94 -14.59 5.17 -41.74
CA ASN F 94 -15.48 6.06 -42.48
C ASN F 94 -15.06 7.51 -42.35
N THR F 95 -14.43 7.89 -41.23
CA THR F 95 -13.89 9.23 -41.16
C THR F 95 -12.52 9.35 -41.83
N GLY F 96 -11.99 8.25 -42.37
CA GLY F 96 -10.79 8.29 -43.17
C GLY F 96 -9.47 7.95 -42.51
N ALA F 97 -9.46 7.15 -41.45
CA ALA F 97 -8.17 6.73 -40.91
C ALA F 97 -7.46 5.81 -41.89
N ASP F 98 -6.15 5.71 -41.75
CA ASP F 98 -5.36 4.89 -42.68
C ASP F 98 -5.11 3.48 -42.16
N ALA F 99 -5.24 3.24 -40.86
CA ALA F 99 -5.08 1.91 -40.30
C ALA F 99 -5.67 1.92 -38.89
N LEU F 100 -5.66 0.76 -38.26
CA LEU F 100 -6.26 0.59 -36.95
C LEU F 100 -5.26 -0.06 -36.00
N LEU F 101 -5.26 0.41 -34.76
CA LEU F 101 -4.50 -0.19 -33.67
C LEU F 101 -5.51 -0.88 -32.75
N VAL F 102 -5.37 -2.19 -32.59
CA VAL F 102 -6.35 -3.01 -31.86
C VAL F 102 -5.64 -3.78 -30.75
N VAL F 103 -5.94 -3.42 -29.51
CA VAL F 103 -5.30 -4.04 -28.36
C VAL F 103 -5.90 -5.42 -28.13
N VAL F 104 -5.05 -6.33 -27.66
CA VAL F 104 -5.53 -7.59 -27.08
C VAL F 104 -6.48 -7.27 -25.92
N PRO F 105 -7.69 -7.82 -25.90
CA PRO F 105 -8.65 -7.46 -24.84
C PRO F 105 -8.10 -7.61 -23.42
N TYR F 106 -8.35 -6.59 -22.60
CA TYR F 106 -7.89 -6.52 -21.22
C TYR F 106 -9.03 -6.93 -20.28
N TYR F 107 -8.63 -7.22 -19.04
CA TYR F 107 -9.54 -7.52 -17.93
C TYR F 107 -10.34 -8.82 -18.07
N ASN F 108 -11.06 -9.03 -19.18
CA ASN F 108 -11.95 -10.20 -19.23
C ASN F 108 -11.23 -11.48 -19.68
N LYS F 109 -9.96 -11.36 -20.05
CA LYS F 109 -9.02 -12.42 -20.33
C LYS F 109 -9.61 -13.51 -21.22
N PRO F 110 -9.86 -13.23 -22.50
CA PRO F 110 -10.23 -14.32 -23.42
C PRO F 110 -9.05 -15.25 -23.65
N ASN F 111 -9.37 -16.47 -24.07
CA ASN F 111 -8.35 -17.44 -24.41
C ASN F 111 -8.04 -17.33 -25.89
N LYS F 112 -7.25 -18.28 -26.42
CA LYS F 112 -6.77 -18.20 -27.79
C LYS F 112 -7.93 -18.14 -28.77
N LYS F 113 -8.92 -19.01 -28.59
CA LYS F 113 -10.09 -18.95 -29.47
C LYS F 113 -10.80 -17.61 -29.39
N GLY F 114 -10.80 -16.99 -28.20
CA GLY F 114 -11.37 -15.66 -28.09
C GLY F 114 -10.58 -14.60 -28.82
N LEU F 115 -9.25 -14.71 -28.80
CA LEU F 115 -8.43 -13.78 -29.57
C LEU F 115 -8.72 -13.92 -31.06
N LEU F 116 -8.84 -15.14 -31.57
CA LEU F 116 -9.17 -15.33 -32.97
C LEU F 116 -10.56 -14.79 -33.28
N ALA F 117 -11.53 -15.04 -32.39
CA ALA F 117 -12.87 -14.46 -32.58
C ALA F 117 -12.81 -12.93 -32.59
N HIS F 118 -12.05 -12.34 -31.65
CA HIS F 118 -12.04 -10.89 -31.50
C HIS F 118 -11.44 -10.22 -32.71
N PHE F 119 -10.17 -10.52 -33.01
CA PHE F 119 -9.50 -9.90 -34.14
C PHE F 119 -10.12 -10.34 -35.45
N GLY F 120 -10.61 -11.57 -35.52
CA GLY F 120 -11.26 -12.03 -36.74
C GLY F 120 -12.53 -11.26 -37.03
N SER F 121 -13.37 -11.07 -36.00
CA SER F 121 -14.59 -10.28 -36.19
C SER F 121 -14.27 -8.89 -36.71
N ILE F 122 -13.20 -8.26 -36.21
CA ILE F 122 -12.90 -6.89 -36.61
C ILE F 122 -12.26 -6.87 -38.00
N ALA F 123 -11.39 -7.84 -38.29
CA ALA F 123 -10.77 -7.91 -39.61
C ALA F 123 -11.82 -8.03 -40.71
N ASN F 124 -12.90 -8.76 -40.43
CA ASN F 124 -13.96 -8.95 -41.43
C ASN F 124 -14.86 -7.74 -41.57
N ALA F 125 -14.83 -6.81 -40.61
CA ALA F 125 -15.78 -5.72 -40.53
C ALA F 125 -15.27 -4.41 -41.12
N VAL F 126 -14.01 -4.36 -41.58
CA VAL F 126 -13.45 -3.16 -42.18
C VAL F 126 -12.48 -3.58 -43.27
N SER F 127 -12.18 -2.65 -44.16
CA SER F 127 -11.17 -2.86 -45.18
C SER F 127 -9.78 -2.39 -44.76
N LEU F 128 -9.69 -1.64 -43.66
CA LEU F 128 -8.44 -1.01 -43.25
C LEU F 128 -7.40 -2.02 -42.76
N PRO F 129 -6.11 -1.69 -42.88
CA PRO F 129 -5.07 -2.50 -42.24
C PRO F 129 -5.17 -2.42 -40.72
N ILE F 130 -4.92 -3.56 -40.07
CA ILE F 130 -5.06 -3.69 -38.63
C ILE F 130 -3.71 -4.05 -38.01
N TYR F 131 -3.36 -3.38 -36.92
CA TYR F 131 -2.14 -3.64 -36.17
C TYR F 131 -2.51 -4.23 -34.81
N ILE F 132 -2.01 -5.44 -34.53
CA ILE F 132 -2.24 -6.08 -33.23
C ILE F 132 -1.40 -5.38 -32.18
N TYR F 133 -2.03 -5.00 -31.07
CA TYR F 133 -1.37 -4.26 -30.00
C TYR F 133 -1.25 -5.21 -28.79
N ASN F 134 -0.04 -5.76 -28.61
CA ASN F 134 0.24 -6.74 -27.56
C ASN F 134 0.92 -6.01 -26.40
N ASN F 135 0.20 -5.87 -25.28
CA ASN F 135 0.71 -5.20 -24.08
C ASN F 135 0.32 -6.00 -22.82
N PRO F 136 0.98 -7.15 -22.60
CA PRO F 136 0.60 -7.98 -21.44
C PRO F 136 0.78 -7.29 -20.10
N SER F 137 1.72 -6.33 -20.01
CA SER F 137 1.85 -5.57 -18.78
C SER F 137 0.53 -4.90 -18.40
N ARG F 138 -0.34 -4.65 -19.38
CA ARG F 138 -1.66 -4.10 -19.09
C ARG F 138 -2.80 -5.10 -19.29
N THR F 139 -2.69 -6.05 -20.22
CA THR F 139 -3.80 -6.94 -20.51
C THR F 139 -3.72 -8.29 -19.78
N VAL F 140 -2.64 -8.53 -19.01
CA VAL F 140 -2.33 -9.81 -18.37
C VAL F 140 -2.08 -10.89 -19.43
N ILE F 141 -3.11 -11.27 -20.19
CA ILE F 141 -2.90 -12.28 -21.25
C ILE F 141 -1.97 -11.72 -22.33
N GLU F 142 -1.33 -12.63 -23.05
CA GLU F 142 -0.39 -12.24 -24.10
C GLU F 142 -0.68 -13.06 -25.34
N MET F 143 -0.77 -12.41 -26.50
CA MET F 143 -0.95 -13.16 -27.73
C MET F 143 0.34 -13.90 -28.06
N ASP F 144 0.25 -15.22 -28.24
CA ASP F 144 1.48 -15.92 -28.60
C ASP F 144 1.70 -15.86 -30.11
N VAL F 145 2.89 -16.30 -30.51
CA VAL F 145 3.29 -16.16 -31.91
C VAL F 145 2.43 -17.05 -32.82
N ASP F 146 1.98 -18.21 -32.34
CA ASP F 146 1.13 -19.07 -33.17
C ASP F 146 -0.19 -18.39 -33.50
N THR F 147 -0.82 -17.80 -32.49
CA THR F 147 -2.05 -17.04 -32.72
C THR F 147 -1.81 -15.91 -33.71
N MET F 148 -0.71 -15.18 -33.53
CA MET F 148 -0.38 -14.07 -34.41
C MET F 148 -0.12 -14.55 -35.83
N ALA F 149 0.69 -15.59 -35.99
CA ALA F 149 0.91 -16.15 -37.33
C ALA F 149 -0.39 -16.61 -37.96
N GLU F 150 -1.25 -17.26 -37.18
CA GLU F 150 -2.52 -17.72 -37.75
C GLU F 150 -3.37 -16.55 -38.23
N LEU F 151 -3.47 -15.51 -37.41
CA LEU F 151 -4.29 -14.36 -37.81
C LEU F 151 -3.74 -13.72 -39.09
N VAL F 152 -2.41 -13.65 -39.22
CA VAL F 152 -1.81 -13.04 -40.39
C VAL F 152 -2.08 -13.89 -41.63
N LYS F 153 -1.96 -15.20 -41.52
CA LYS F 153 -2.27 -16.06 -42.65
C LYS F 153 -3.76 -15.98 -43.00
N THR F 154 -4.63 -15.88 -41.99
CA THR F 154 -6.07 -15.94 -42.23
C THR F 154 -6.61 -14.64 -42.82
N TYR F 155 -6.16 -13.48 -42.31
CA TYR F 155 -6.78 -12.21 -42.66
C TYR F 155 -5.76 -11.29 -43.32
N SER F 156 -6.05 -10.87 -44.55
CA SER F 156 -5.10 -10.13 -45.36
C SER F 156 -4.84 -8.75 -44.79
N ASN F 157 -5.83 -8.15 -44.15
CA ASN F 157 -5.70 -6.81 -43.60
C ASN F 157 -5.20 -6.82 -42.15
N ILE F 158 -4.73 -7.95 -41.65
CA ILE F 158 -3.98 -8.00 -40.39
C ILE F 158 -2.51 -7.96 -40.77
N VAL F 159 -1.89 -6.78 -40.61
CA VAL F 159 -0.65 -6.47 -41.29
C VAL F 159 0.56 -6.34 -40.36
N GLY F 160 0.36 -6.05 -39.07
CA GLY F 160 1.51 -5.84 -38.21
C GLY F 160 1.17 -5.90 -36.73
N VAL F 161 2.19 -5.60 -35.91
CA VAL F 161 2.07 -5.62 -34.45
C VAL F 161 2.68 -4.38 -33.78
N LYS F 162 2.44 -3.75 -32.94
N LYS F 162 2.47 -3.80 -32.86
CA LYS F 162 2.80 -2.93 -31.76
CA LYS F 162 2.85 -2.90 -31.74
C LYS F 162 3.23 -3.81 -30.64
C LYS F 162 3.27 -3.78 -30.59
N ASP F 163 4.34 -4.10 -30.60
CA ASP F 163 4.85 -5.01 -29.58
C ASP F 163 5.43 -4.24 -28.40
N ALA F 164 4.66 -4.17 -27.32
CA ALA F 164 5.06 -3.45 -26.12
C ALA F 164 5.51 -4.40 -25.00
N THR F 165 5.91 -5.62 -25.33
CA THR F 165 6.41 -6.52 -24.28
C THR F 165 7.76 -6.07 -23.74
N GLY F 166 8.60 -5.47 -24.58
CA GLY F 166 9.95 -5.23 -24.14
C GLY F 166 10.82 -6.46 -24.07
N ARG F 167 10.33 -7.59 -24.57
CA ARG F 167 11.10 -8.84 -24.69
C ARG F 167 11.47 -9.01 -26.17
N ILE F 168 12.71 -8.64 -26.50
CA ILE F 168 13.10 -8.49 -27.90
C ILE F 168 13.18 -9.82 -28.62
N GLU F 169 13.32 -10.94 -27.91
CA GLU F 169 13.31 -12.23 -28.58
C GLU F 169 12.00 -12.46 -29.32
N LEU F 170 10.90 -11.89 -28.80
CA LEU F 170 9.61 -12.05 -29.47
C LEU F 170 9.61 -11.42 -30.85
N ALA F 171 10.44 -10.40 -31.07
CA ALA F 171 10.49 -9.81 -32.40
C ALA F 171 11.09 -10.78 -33.40
N SER F 172 12.09 -11.56 -32.98
CA SER F 172 12.65 -12.58 -33.86
C SER F 172 11.63 -13.69 -34.12
N GLY F 173 10.98 -14.18 -33.08
CA GLY F 173 9.96 -15.19 -33.29
C GLY F 173 8.85 -14.69 -34.20
N GLN F 174 8.39 -13.46 -33.97
CA GLN F 174 7.29 -12.95 -34.78
C GLN F 174 7.70 -12.77 -36.24
N ARG F 175 8.97 -12.44 -36.47
CA ARG F 175 9.44 -12.22 -37.83
C ARG F 175 9.56 -13.54 -38.58
N ILE F 176 9.97 -14.59 -37.90
CA ILE F 176 10.12 -15.88 -38.55
C ILE F 176 8.75 -16.50 -38.82
N ALA F 177 7.84 -16.44 -37.85
CA ALA F 177 6.55 -17.12 -38.00
C ALA F 177 5.63 -16.39 -38.97
N CYS F 178 5.61 -15.05 -38.96
CA CYS F 178 4.74 -14.30 -39.85
C CYS F 178 5.42 -13.77 -41.10
N GLY F 179 6.74 -13.90 -41.22
CA GLY F 179 7.44 -13.36 -42.37
C GLY F 179 7.88 -11.92 -42.17
N SER F 180 8.88 -11.51 -42.96
CA SER F 180 9.39 -10.15 -42.86
C SER F 180 8.43 -9.11 -43.42
N ASP F 181 7.48 -9.51 -44.27
CA ASP F 181 6.43 -8.58 -44.71
C ASP F 181 5.52 -8.14 -43.56
N PHE F 182 5.51 -8.90 -42.47
CA PHE F 182 4.81 -8.53 -41.26
C PHE F 182 5.48 -7.31 -40.65
N ILE F 183 4.70 -6.26 -40.38
CA ILE F 183 5.25 -4.97 -39.94
C ILE F 183 5.30 -4.94 -38.42
N GLN F 184 6.50 -4.80 -37.87
CA GLN F 184 6.70 -4.81 -36.43
C GLN F 184 7.08 -3.40 -35.95
N LEU F 185 6.20 -2.79 -35.17
CA LEU F 185 6.49 -1.53 -34.50
C LEU F 185 6.63 -1.80 -33.01
N SER F 186 7.68 -1.20 -32.41
CA SER F 186 7.90 -1.34 -30.99
C SER F 186 6.90 -0.52 -30.20
N GLY F 187 6.42 -1.07 -29.09
CA GLY F 187 5.58 -0.34 -28.17
C GLY F 187 6.27 0.02 -26.87
N ASP F 188 7.60 -0.04 -26.87
CA ASP F 188 8.39 0.10 -25.64
C ASP F 188 9.58 1.00 -25.96
N ASP F 189 9.46 2.29 -25.59
CA ASP F 189 10.47 3.29 -25.94
C ASP F 189 11.88 2.84 -25.55
N SER F 190 12.00 2.23 -24.36
CA SER F 190 13.32 1.89 -23.84
C SER F 190 14.01 0.78 -24.63
N SER F 191 13.26 -0.11 -25.29
CA SER F 191 13.86 -1.18 -26.06
C SER F 191 13.64 -1.02 -27.55
N ALA F 192 13.18 0.15 -27.99
CA ALA F 192 12.91 0.37 -29.41
C ALA F 192 14.16 0.14 -30.26
N LEU F 193 15.33 0.49 -29.73
CA LEU F 193 16.57 0.32 -30.48
C LEU F 193 16.81 -1.16 -30.80
N GLY F 194 16.89 -2.00 -29.77
CA GLY F 194 17.10 -3.41 -30.02
C GLY F 194 15.99 -4.01 -30.85
N PHE F 195 14.75 -3.55 -30.64
CA PHE F 195 13.61 -4.08 -31.39
C PHE F 195 13.80 -3.89 -32.88
N ASN F 196 14.34 -2.74 -33.31
CA ASN F 196 14.49 -2.52 -34.75
C ASN F 196 15.61 -3.38 -35.31
N VAL F 197 16.69 -3.60 -34.56
CA VAL F 197 17.74 -4.44 -35.09
C VAL F 197 17.26 -5.89 -35.25
N HIS F 198 16.25 -6.30 -34.48
CA HIS F 198 15.67 -7.63 -34.65
C HIS F 198 14.62 -7.68 -35.75
N GLY F 199 14.32 -6.56 -36.42
CA GLY F 199 13.40 -6.60 -37.54
C GLY F 199 12.26 -5.58 -37.47
N GLY F 200 12.15 -4.88 -36.35
CA GLY F 200 11.22 -3.77 -36.28
C GLY F 200 11.59 -2.65 -37.23
N VAL F 201 10.63 -1.78 -37.51
CA VAL F 201 10.86 -0.67 -38.42
C VAL F 201 10.41 0.64 -37.80
N GLY F 202 10.11 0.65 -36.51
CA GLY F 202 9.72 1.90 -35.88
C GLY F 202 9.15 1.67 -34.50
N CYS F 203 8.63 2.76 -33.92
CA CYS F 203 8.15 2.72 -32.55
C CYS F 203 6.92 3.61 -32.39
N ILE F 204 5.84 3.04 -31.89
CA ILE F 204 4.72 3.86 -31.43
C ILE F 204 5.06 4.28 -30.00
N SER F 205 5.33 5.58 -29.82
CA SER F 205 6.17 6.06 -28.75
C SER F 205 5.38 6.94 -27.77
N VAL F 206 5.69 6.79 -26.48
CA VAL F 206 5.23 7.76 -25.49
C VAL F 206 6.11 8.99 -25.51
N THR F 207 7.43 8.78 -25.47
CA THR F 207 8.37 9.90 -25.36
C THR F 207 8.25 10.86 -26.54
N ALA F 208 7.82 10.38 -27.70
CA ALA F 208 7.72 11.25 -28.86
C ALA F 208 6.74 12.41 -28.63
N ASN F 209 5.75 12.23 -27.74
CA ASN F 209 4.89 13.36 -27.34
C ASN F 209 5.73 14.52 -26.81
N VAL F 210 6.79 14.20 -26.09
CA VAL F 210 7.56 15.18 -25.36
C VAL F 210 8.73 15.71 -26.17
N ALA F 211 9.47 14.83 -26.84
CA ALA F 211 10.67 15.19 -27.60
C ALA F 211 10.56 14.64 -29.02
N PRO F 212 9.60 15.13 -29.80
CA PRO F 212 9.36 14.52 -31.12
C PRO F 212 10.55 14.61 -32.06
N ARG F 213 11.37 15.66 -31.99
CA ARG F 213 12.44 15.75 -32.99
C ARG F 213 13.53 14.72 -32.73
N ILE F 214 13.93 14.56 -31.47
CA ILE F 214 15.06 13.69 -31.16
C ILE F 214 14.73 12.24 -31.45
N CYS F 215 13.55 11.78 -31.01
CA CYS F 215 13.10 10.44 -31.35
C CYS F 215 13.02 10.25 -32.86
N ALA F 216 12.57 11.28 -33.57
CA ALA F 216 12.58 11.20 -35.02
C ALA F 216 14.01 11.07 -35.55
N GLU F 217 14.94 11.80 -34.94
CA GLU F 217 16.34 11.67 -35.35
C GLU F 217 16.90 10.32 -34.92
N PHE F 218 16.54 9.88 -33.70
CA PHE F 218 16.85 8.53 -33.25
C PHE F 218 16.41 7.49 -34.28
N GLN F 219 15.14 7.52 -34.67
CA GLN F 219 14.62 6.50 -35.57
C GLN F 219 15.25 6.64 -36.96
N LYS F 220 15.66 7.83 -37.36
CA LYS F 220 16.29 7.95 -38.67
C LYS F 220 17.69 7.36 -38.67
N ALA F 221 18.46 7.63 -37.60
CA ALA F 221 19.78 7.02 -37.51
C ALA F 221 19.69 5.50 -37.65
N ILE F 222 18.75 4.87 -36.93
CA ILE F 222 18.53 3.43 -37.09
C ILE F 222 18.12 3.12 -38.51
N SER F 223 17.18 3.91 -39.03
CA SER F 223 16.72 3.77 -40.41
C SER F 223 17.89 3.69 -41.39
N GLU F 224 18.84 4.62 -41.27
CA GLU F 224 19.98 4.69 -42.17
C GLU F 224 21.06 3.66 -41.85
N GLY F 225 20.90 2.88 -40.78
CA GLY F 225 21.89 1.89 -40.39
C GLY F 225 23.05 2.42 -39.56
N ASP F 226 23.02 3.70 -39.16
CA ASP F 226 24.09 4.28 -38.35
C ASP F 226 23.80 3.94 -36.89
N TYR F 227 24.13 2.71 -36.52
CA TYR F 227 23.80 2.22 -35.19
C TYR F 227 24.70 2.78 -34.11
N ARG F 228 25.93 3.20 -34.43
CA ARG F 228 26.74 3.85 -33.40
C ARG F 228 26.12 5.17 -32.95
N GLN F 229 25.46 5.91 -33.85
CA GLN F 229 24.85 7.17 -33.43
C GLN F 229 23.48 6.96 -32.79
N ALA F 230 22.75 5.92 -33.22
CA ALA F 230 21.51 5.57 -32.54
C ALA F 230 21.76 5.27 -31.07
N LEU F 231 22.89 4.61 -30.77
CA LEU F 231 23.25 4.34 -29.39
C LEU F 231 23.53 5.64 -28.62
N GLU F 232 24.15 6.62 -29.28
CA GLU F 232 24.35 7.92 -28.65
C GLU F 232 23.02 8.60 -28.35
N TYR F 233 22.07 8.53 -29.30
CA TYR F 233 20.74 9.06 -29.05
C TYR F 233 20.05 8.29 -27.93
N GLN F 234 20.24 6.96 -27.91
CA GLN F 234 19.64 6.12 -26.88
C GLN F 234 20.10 6.53 -25.49
N ASP F 235 21.40 6.82 -25.32
CA ASP F 235 21.90 7.22 -24.01
C ASP F 235 21.34 8.56 -23.58
N LYS F 236 21.13 9.48 -24.53
CA LYS F 236 20.47 10.74 -24.21
C LYS F 236 19.00 10.53 -23.87
N LEU F 237 18.29 9.69 -24.64
CA LEU F 237 16.84 9.56 -24.46
C LEU F 237 16.44 8.61 -23.34
N PHE F 238 17.26 7.59 -23.05
CA PHE F 238 16.88 6.60 -22.05
C PHE F 238 16.39 7.19 -20.74
N PRO F 239 17.09 8.13 -20.08
CA PRO F 239 16.58 8.62 -18.79
C PRO F 239 15.24 9.33 -18.92
N LEU F 240 14.95 9.98 -20.06
CA LEU F 240 13.64 10.56 -20.25
C LEU F 240 12.57 9.48 -20.36
N HIS F 241 12.80 8.49 -21.24
CA HIS F 241 11.96 7.29 -21.32
C HIS F 241 11.58 6.80 -19.93
N GLN F 242 12.58 6.51 -19.11
CA GLN F 242 12.32 5.95 -17.79
C GLN F 242 11.62 6.94 -16.88
N ALA F 243 12.01 8.22 -16.92
CA ALA F 243 11.43 9.20 -16.01
C ALA F 243 9.94 9.40 -16.27
N LEU F 244 9.50 9.18 -17.51
CA LEU F 244 8.12 9.42 -17.88
C LEU F 244 7.15 8.36 -17.37
N PHE F 245 7.63 7.19 -16.91
CA PHE F 245 6.68 6.22 -16.35
C PHE F 245 7.00 5.86 -14.90
N ILE F 246 7.75 6.72 -14.19
CA ILE F 246 7.85 6.58 -12.74
C ILE F 246 6.46 6.58 -12.13
N GLU F 247 5.63 7.48 -12.58
CA GLU F 247 4.21 7.54 -12.29
C GLU F 247 3.51 7.37 -13.64
N PRO F 248 2.18 7.20 -13.70
CA PRO F 248 1.54 6.99 -15.00
C PRO F 248 1.98 8.02 -16.03
N SER F 249 2.40 7.52 -17.19
CA SER F 249 3.00 8.38 -18.19
C SER F 249 2.02 9.44 -18.74
N ILE F 250 0.72 9.18 -18.66
CA ILE F 250 -0.25 10.17 -19.13
C ILE F 250 -0.07 11.48 -18.36
N SER F 251 0.00 11.39 -17.02
CA SER F 251 0.20 12.60 -16.21
C SER F 251 1.59 13.18 -16.43
N SER F 252 2.61 12.32 -16.50
CA SER F 252 3.98 12.80 -16.62
C SER F 252 4.22 13.48 -17.95
N VAL F 253 3.64 12.96 -19.02
CA VAL F 253 3.83 13.59 -20.33
C VAL F 253 3.25 14.99 -20.33
N LYS F 254 2.06 15.15 -19.75
CA LYS F 254 1.41 16.44 -19.76
C LYS F 254 2.17 17.43 -18.88
N TYR F 255 2.66 16.98 -17.71
CA TYR F 255 3.58 17.79 -16.92
C TYR F 255 4.75 18.28 -17.76
N ALA F 256 5.42 17.36 -18.47
CA ALA F 256 6.58 17.74 -19.27
C ALA F 256 6.20 18.75 -20.34
N LEU F 257 5.10 18.50 -21.06
CA LEU F 257 4.69 19.41 -22.13
C LEU F 257 4.37 20.80 -21.58
N SER F 258 3.69 20.85 -20.45
CA SER F 258 3.40 22.13 -19.80
C SER F 258 4.70 22.83 -19.41
N ARG F 259 5.62 22.11 -18.77
CA ARG F 259 6.92 22.69 -18.42
C ARG F 259 7.59 23.29 -19.65
N LEU F 260 7.49 22.62 -20.80
CA LEU F 260 8.15 23.11 -22.01
C LEU F 260 7.47 24.33 -22.62
N GLY F 261 6.29 24.71 -22.12
CA GLY F 261 5.58 25.83 -22.70
C GLY F 261 4.62 25.48 -23.82
N ARG F 262 4.38 24.19 -24.08
CA ARG F 262 3.31 23.82 -24.99
C ARG F 262 1.96 24.12 -24.33
N ASN F 263 0.99 24.55 -25.16
CA ASN F 263 -0.36 24.85 -24.67
C ASN F 263 -1.11 23.54 -24.42
N VAL F 264 -0.73 22.88 -23.34
CA VAL F 264 -1.35 21.64 -22.89
C VAL F 264 -1.64 21.76 -21.40
N SER F 265 -2.91 21.59 -21.04
CA SER F 265 -3.29 21.56 -19.63
C SER F 265 -2.77 20.30 -18.96
N LEU F 266 -2.59 20.38 -17.64
CA LEU F 266 -2.22 19.21 -16.86
C LEU F 266 -3.40 18.27 -16.61
N VAL F 267 -4.62 18.68 -16.96
CA VAL F 267 -5.81 17.94 -16.55
C VAL F 267 -5.82 16.57 -17.20
N VAL F 268 -5.99 15.54 -16.37
CA VAL F 268 -6.22 14.17 -16.79
C VAL F 268 -7.53 13.71 -16.16
N ARG F 269 -8.02 12.57 -16.61
CA ARG F 269 -9.29 12.07 -16.12
C ARG F 269 -9.07 10.92 -15.13
N ALA F 270 -9.80 10.99 -14.02
CA ALA F 270 -9.72 9.95 -13.00
C ALA F 270 -10.10 8.60 -13.61
N PRO F 271 -9.39 7.52 -13.27
CA PRO F 271 -8.45 7.33 -12.15
C PRO F 271 -7.02 7.83 -12.32
N MET F 272 -6.70 8.52 -13.42
CA MET F 272 -5.42 9.23 -13.48
C MET F 272 -5.50 10.54 -12.68
N VAL F 273 -4.38 10.92 -12.06
CA VAL F 273 -4.31 12.19 -11.32
C VAL F 273 -3.12 12.98 -11.85
N SER F 274 -3.27 14.31 -11.94
CA SER F 274 -2.17 15.11 -12.47
C SER F 274 -1.08 15.39 -11.42
N ILE F 275 -1.38 15.21 -10.13
CA ILE F 275 -0.41 15.54 -9.09
C ILE F 275 0.71 14.51 -9.08
N LEU F 276 1.93 14.96 -9.34
CA LEU F 276 3.13 14.12 -9.31
C LEU F 276 3.94 14.40 -8.06
N GLU F 277 4.73 13.42 -7.63
CA GLU F 277 5.67 13.65 -6.54
C GLU F 277 6.81 14.54 -7.00
N LYS F 278 7.37 15.31 -6.06
CA LYS F 278 8.48 16.20 -6.40
C LYS F 278 9.67 15.42 -6.98
N GLU F 279 9.94 14.23 -6.42
CA GLU F 279 11.05 13.43 -6.94
C GLU F 279 10.78 12.98 -8.37
N THR F 280 9.52 12.68 -8.69
CA THR F 280 9.14 12.41 -10.08
C THR F 280 9.38 13.64 -10.96
N MET F 281 8.86 14.81 -10.55
CA MET F 281 9.06 16.01 -11.35
C MET F 281 10.54 16.33 -11.52
N PHE F 282 11.31 16.19 -10.43
CA PHE F 282 12.75 16.36 -10.47
C PHE F 282 13.40 15.43 -11.50
N ALA F 283 13.07 14.14 -11.47
CA ALA F 283 13.67 13.21 -12.43
C ALA F 283 13.32 13.60 -13.86
N ILE F 284 12.08 14.00 -14.10
CA ILE F 284 11.70 14.42 -15.44
C ILE F 284 12.46 15.68 -15.83
N ASP F 285 12.50 16.66 -14.91
CA ASP F 285 13.20 17.91 -15.20
C ASP F 285 14.66 17.65 -15.55
N GLN F 286 15.34 16.79 -14.77
CA GLN F 286 16.74 16.52 -15.04
C GLN F 286 16.93 15.87 -16.41
N ALA F 287 16.08 14.91 -16.76
CA ALA F 287 16.24 14.26 -18.06
C ALA F 287 15.93 15.22 -19.19
N LEU F 288 14.91 16.05 -19.03
CA LEU F 288 14.61 17.05 -20.06
C LEU F 288 15.81 17.97 -20.27
N ASP F 289 16.41 18.44 -19.16
CA ASP F 289 17.52 19.37 -19.23
C ASP F 289 18.78 18.70 -19.78
N HIS F 290 18.98 17.41 -19.48
CA HIS F 290 20.10 16.67 -20.06
C HIS F 290 20.00 16.60 -21.58
N ILE F 291 18.79 16.60 -22.11
CA ILE F 291 18.61 16.55 -23.55
C ILE F 291 18.73 17.95 -24.16
N GLY F 292 18.40 18.98 -23.37
CA GLY F 292 18.48 20.35 -23.83
C GLY F 292 17.17 20.83 -24.44
N LEU F 293 16.05 20.57 -23.79
CA LEU F 293 14.73 20.80 -24.37
C LEU F 293 14.05 22.10 -23.94
N CYS F 294 14.43 22.69 -22.80
CA CYS F 294 13.85 23.95 -22.35
C CYS F 294 14.41 25.14 -23.15
N ALA F 295 13.50 26.00 -23.67
CA ALA F 295 13.88 27.18 -24.44
C ALA F 295 14.86 28.11 -23.71
N GLY F 296 14.38 28.81 -22.68
CA GLY F 296 15.21 29.77 -21.96
C GLY F 296 16.26 29.17 -21.05
OAC E8U G . -0.19 20.36 33.25
CAM E8U G . -0.39 19.00 32.84
CAF E8U G . -1.01 18.91 31.44
CAK E8U G . -0.21 19.92 30.64
CAI E8U G . -0.51 20.08 29.18
OAD E8U G . -0.49 19.10 28.45
OAA E8U G . -0.72 21.21 28.78
CAG E8U G . -1.18 18.41 33.96
CAL E8U G . -2.44 19.18 34.18
CAJ E8U G . -3.60 18.66 33.51
OAE E8U G . -3.40 17.80 32.66
OAB E8U G . -4.70 19.07 33.82
OAC ZGM H . 0.27 20.41 33.10
CAM ZGM H . -0.88 19.65 32.71
CAF ZGM H . -0.77 18.98 31.34
CAK ZGM H . 0.08 19.91 30.52
CAI ZGM H . -0.38 20.12 29.11
OAD ZGM H . -0.44 19.15 28.37
OAA ZGM H . -0.65 21.27 28.77
CAG ZGM H . -1.10 18.68 33.82
CAL ZGM H . -2.40 19.26 34.21
CAJ ZGM H . -3.54 18.72 33.54
OAE ZGM H . -3.33 17.86 32.67
OAB ZGM H . -4.66 19.12 33.83
OAC E8U I . -13.98 35.64 13.43
CAM E8U I . -15.13 36.31 13.96
CAF E8U I . -15.03 36.30 15.47
CAK E8U I . -13.69 36.97 15.69
CAI E8U I . -13.09 36.65 17.03
OAD E8U I . -12.11 35.90 17.05
OAA E8U I . -13.59 37.17 18.02
CAG E8U I . -16.44 35.78 13.41
CAL E8U I . -16.67 34.30 13.55
CAJ E8U I . -17.35 33.82 14.74
OAE E8U I . -17.61 32.63 14.85
OAB E8U I . -17.65 34.63 15.60
OAC ZGM J . -14.03 36.16 13.34
CAM ZGM J . -15.03 35.71 14.25
CAF ZGM J . -15.05 36.53 15.53
CAK ZGM J . -13.68 37.16 15.74
CAI ZGM J . -13.10 36.70 17.04
OAD ZGM J . -12.16 35.91 17.02
OAA ZGM J . -13.59 37.15 18.06
CAG ZGM J . -16.35 35.72 13.51
CAL ZGM J . -16.70 34.27 13.55
CAJ ZGM J . -17.37 33.78 14.74
OAE ZGM J . -17.61 32.59 14.83
OAB ZGM J . -17.68 34.58 15.61
OAC E8U K . 9.64 -22.66 4.98
CAM E8U K . 10.42 -22.10 6.01
CAF E8U K . 11.57 -21.31 5.40
CAK E8U K . 10.82 -20.37 4.51
CAI E8U K . 11.61 -19.34 3.78
OAD E8U K . 11.39 -19.24 2.59
OAA E8U K . 12.35 -18.62 4.41
CAG E8U K . 10.80 -23.26 6.86
CAL E8U K . 11.49 -24.35 6.12
CAJ E8U K . 12.94 -24.24 6.07
OAE E8U K . 13.65 -25.14 5.66
OAB E8U K . 13.43 -23.19 6.46
OAC ZGM L . 9.14 -22.21 5.18
CAM ZGM L . 10.54 -22.43 5.36
CAF ZGM L . 11.33 -21.14 5.43
CAK ZGM L . 10.61 -20.12 4.59
CAI ZGM L . 11.55 -19.28 3.79
OAD ZGM L . 11.41 -19.28 2.56
OAA ZGM L . 12.41 -18.61 4.39
CAG ZGM L . 10.71 -23.25 6.61
CAL ZGM L . 11.49 -24.41 6.10
CAJ ZGM L . 12.94 -24.29 6.09
OAE ZGM L . 13.65 -25.21 5.68
OAB ZGM L . 13.43 -23.23 6.47
OAC E8U M . -14.31 -13.34 -8.13
CAM E8U M . -15.32 -13.80 -9.00
CAF E8U M . -14.84 -13.66 -10.45
CAK E8U M . -13.38 -14.09 -10.47
CAI E8U M . -12.72 -14.14 -11.81
OAD E8U M . -13.29 -14.75 -12.70
OAA E8U M . -11.62 -13.58 -11.92
CAG E8U M . -16.59 -13.07 -8.67
CAL E8U M . -16.59 -11.59 -8.83
CAJ E8U M . -17.08 -11.06 -10.08
OAE E8U M . -17.05 -11.82 -11.03
OAB E8U M . -17.53 -9.92 -10.17
OAC ZGM N . -14.57 -14.13 -7.95
CAM ZGM N . -15.00 -13.24 -8.96
CAF ZGM N . -14.76 -13.79 -10.36
CAK ZGM N . -13.31 -14.25 -10.42
CAI ZGM N . -12.71 -14.17 -11.79
OAD ZGM N . -13.28 -14.75 -12.73
OAA ZGM N . -11.64 -13.55 -11.91
CAG ZGM N . -16.46 -12.96 -8.70
CAL ZGM N . -16.61 -11.47 -8.78
CAJ ZGM N . -17.12 -10.94 -10.03
OAE ZGM N . -17.13 -11.73 -10.99
OAB ZGM N . -17.55 -9.80 -10.13
OAC E8U O . 23.52 -17.73 -20.60
CAM E8U O . 23.97 -19.04 -20.35
CAF E8U O . 23.14 -19.70 -19.24
CAK E8U O . 21.68 -19.48 -19.55
CAI E8U O . 20.72 -20.22 -18.66
OAD E8U O . 20.69 -21.45 -18.72
OAA E8U O . 19.95 -19.57 -17.94
CAG E8U O . 25.46 -18.96 -20.14
CAL E8U O . 25.94 -18.78 -18.73
CAJ E8U O . 26.17 -20.00 -18.01
OAE E8U O . 25.61 -20.98 -18.45
OAB E8U O . 26.91 -20.00 -17.04
OAC ZGM P . 23.50 -18.08 -21.22
CAM ZGM P . 23.86 -18.51 -19.90
CAF ZGM P . 22.99 -19.65 -19.38
CAK ZGM P . 21.52 -19.46 -19.69
CAI ZGM P . 20.67 -20.22 -18.69
OAD ZGM P . 20.72 -21.46 -18.71
OAA ZGM P . 19.96 -19.57 -17.91
CAG ZGM P . 25.31 -18.93 -19.99
CAL ZGM P . 25.96 -18.77 -18.65
CAJ ZGM P . 26.24 -19.98 -17.94
OAE ZGM P . 25.68 -20.99 -18.39
OAB ZGM P . 26.97 -19.97 -16.96
OAC ZGM Q . 4.05 2.29 -25.87
CAM ZGM Q . 2.62 2.27 -25.84
CAF ZGM Q . 2.10 2.84 -24.52
CAK ZGM Q . 2.97 2.38 -23.36
CAI ZGM Q . 2.12 2.03 -22.17
OAD ZGM Q . 2.00 0.84 -21.86
OAA ZGM Q . 1.56 2.94 -21.55
CAG ZGM Q . 2.17 3.08 -27.03
CAL ZGM Q . 0.80 2.67 -27.42
CAJ ZGM Q . -0.29 3.36 -26.76
OAE ZGM Q . -1.47 3.17 -27.04
OAB ZGM Q . 0.05 4.17 -25.89
OAC E8U R . 2.66 1.26 -26.03
CAM E8U R . 2.72 2.66 -25.80
CAF E8U R . 1.97 2.99 -24.51
CAK E8U R . 2.86 2.53 -23.37
CAI E8U R . 2.06 2.09 -22.18
OAD E8U R . 1.99 0.88 -21.91
OAA E8U R . 1.49 2.96 -21.50
CAG E8U R . 2.13 3.31 -27.02
CAL E8U R . 0.80 2.74 -27.37
CAJ E8U R . -0.33 3.36 -26.73
OAE E8U R . -1.49 3.13 -27.06
OAB E8U R . -0.06 4.18 -25.84
#